data_4DP1
# 
_entry.id   4DP1 
# 
_audit_conform.dict_name       mmcif_pdbx.dic 
_audit_conform.dict_version    5.379 
_audit_conform.dict_location   http://mmcif.pdb.org/dictionaries/ascii/mmcif_pdbx.dic 
# 
loop_
_database_2.database_id 
_database_2.database_code 
_database_2.pdbx_database_accession 
_database_2.pdbx_DOI 
PDB   4DP1         pdb_00004dp1 10.2210/pdb4dp1/pdb 
RCSB  RCSB070604   ?            ?                   
WWPDB D_1000070604 ?            ?                   
# 
loop_
_pdbx_database_related.db_name 
_pdbx_database_related.db_id 
_pdbx_database_related.content_type 
_pdbx_database_related.details 
PDB 1PLC unspecified 'The crystal structure of the plastocyanin A'                                            
PDB 4DP0 unspecified 'The 1.5 Angstrom crystal structure of oxidized (CuII) poplar plastocyanin B at pH 4.0'  
PDB 4DP2 unspecified 'The 1.8 Angstrom crystal structure of oxidized (CuII) poplar plastocyanin B at pH 6.0'  
PDB 4DP4 unspecified 'The 1.54 Angstrom crystal structure of reduced (CuI) poplar plastocyanin B at pH 6.0'   
PDB 4DP5 unspecified 'The 1.88 Angstrom crystal structure of oxidized (CuII) poplar plastocyanin B at pH 8.0' 
PDB 4DP6 unspecified 'The 1.67 Angstrom crystal structure of reduced (CuI) poplar plastocyanin B at pH 8.0'   
PDB 4DP7 unspecified 'The 1.08 Angstrom crystal structure of oxidized (CuII) poplar plastocyanin A at pH 4.0' 
PDB 4DP8 unspecified 'The 1.07 Angstrom crystal structure of reduced (CuI) poplar plastocyanin A at pH 4.0'   
PDB 4DP9 unspecified 'The 1.00 Angstrom crystal structure of oxidized (CuII) poplar plastocyanin A at pH 6.0' 
PDB 4DPA unspecified 'The 1.05 Angstrom crystal structure of reduced (CuI) poplar plastocyanin A at pH 6.0'   
PDB 4DPB unspecified 'The 1.00 Angstrom crystal structure of oxidized (CuII) poplar plastocyanin A at pH 8.0' 
PDB 4DPC unspecified 'The 1.06 Angstrom crystal structure of reduced (CuI) poplar plastocyanin A at pH 8.0'   
# 
_pdbx_database_status.status_code                     REL 
_pdbx_database_status.entry_id                        4DP1 
_pdbx_database_status.recvd_initial_deposition_date   2012-02-13 
_pdbx_database_status.deposit_site                    RCSB 
_pdbx_database_status.process_site                    RCSB 
_pdbx_database_status.status_code_sf                  REL 
_pdbx_database_status.status_code_mr                  ? 
_pdbx_database_status.SG_entry                        ? 
_pdbx_database_status.status_code_cs                  ? 
_pdbx_database_status.methods_development_category    ? 
_pdbx_database_status.pdb_format_compatible           Y 
_pdbx_database_status.status_code_nmr_data            ? 
# 
loop_
_audit_author.name 
_audit_author.pdbx_ordinal 
'Kachalova, G.S.' 1 
'Shosheva, A.H.'  2 
'Bourenkov, G.P.' 3 
'Donchev, A.A.'   4 
'Dimitrov, M.I.'  5 
'Bartunik, H.D.'  6 
# 
_citation.id                        primary 
_citation.title                     
;Structural comparison of the poplar plastocyanin isoforms PCa and PCb sheds new light on the role of the copper site geometry in interactions with redox partners in oxygenic photosynthesis.
;
_citation.journal_abbrev            J.Inorg.Biochem. 
_citation.journal_volume            115 
_citation.page_first                174 
_citation.page_last                 181 
_citation.year                      2012 
_citation.journal_id_ASTM           JIBIDJ 
_citation.country                   US 
_citation.journal_id_ISSN           0162-0134 
_citation.journal_id_CSD            0525 
_citation.book_publisher            ? 
_citation.pdbx_database_id_PubMed   22883960 
_citation.pdbx_database_id_DOI      10.1016/j.jinorgbio.2012.07.015 
# 
loop_
_citation_author.citation_id 
_citation_author.name 
_citation_author.ordinal 
_citation_author.identifier_ORCID 
primary 'Kachalova, G.S.' 1 ? 
primary 'Shosheva, A.C.'  2 ? 
primary 'Bourenkov, G.P.' 3 ? 
primary 'Donchev, A.A.'   4 ? 
primary 'Dimitrov, M.I.'  5 ? 
primary 'Bartunik, H.D.'  6 ? 
# 
_cell.entry_id           4DP1 
_cell.length_a           31.913 
_cell.length_b           46.246 
_cell.length_c           52.648 
_cell.angle_alpha        90.00 
_cell.angle_beta         90.00 
_cell.angle_gamma        90.00 
_cell.Z_PDB              4 
_cell.pdbx_unique_axis   ? 
_cell.length_a_esd       ? 
_cell.length_b_esd       ? 
_cell.length_c_esd       ? 
_cell.angle_alpha_esd    ? 
_cell.angle_beta_esd     ? 
_cell.angle_gamma_esd    ? 
# 
_symmetry.entry_id                         4DP1 
_symmetry.space_group_name_H-M             'P 21 21 21' 
_symmetry.pdbx_full_space_group_name_H-M   ? 
_symmetry.cell_setting                     ? 
_symmetry.Int_Tables_number                19 
_symmetry.space_group_name_Hall            ? 
# 
loop_
_entity.id 
_entity.type 
_entity.src_method 
_entity.pdbx_description 
_entity.formula_weight 
_entity.pdbx_number_of_molecules 
_entity.pdbx_ec 
_entity.pdbx_mutation 
_entity.pdbx_fragment 
_entity.details 
1 polymer     nat 'Plastocyanin B, chloroplastic' 10474.645 1   ? ? 'UNP residues 70-168' ? 
2 non-polymer syn 'COPPER (I) ION'                63.546    1   ? ? ?                     ? 
3 non-polymer syn 'SULFATE ION'                   96.063    1   ? ? ?                     ? 
4 non-polymer syn GLYCEROL                        92.094    1   ? ? ?                     ? 
5 non-polymer syn 'ACETATE ION'                   59.044    1   ? ? ?                     ? 
6 water       nat water                           18.015    119 ? ? ?                     ? 
# 
_entity_poly.entity_id                      1 
_entity_poly.type                           'polypeptide(L)' 
_entity_poly.nstd_linkage                   no 
_entity_poly.nstd_monomer                   no 
_entity_poly.pdbx_seq_one_letter_code       
;VDVLLGADDGSLAFVPSEFSVPAGEKIVFKNNAGFPHNVLFDEDAVPSGVDVSKISMSEEDLLNAKGETFEVALSDKGEY
TFYCSPHQGAGMVGKVIVN
;
_entity_poly.pdbx_seq_one_letter_code_can   
;VDVLLGADDGSLAFVPSEFSVPAGEKIVFKNNAGFPHNVLFDEDAVPSGVDVSKISMSEEDLLNAKGETFEVALSDKGEY
TFYCSPHQGAGMVGKVIVN
;
_entity_poly.pdbx_strand_id                 X 
_entity_poly.pdbx_target_identifier         ? 
# 
loop_
_entity_poly_seq.entity_id 
_entity_poly_seq.num 
_entity_poly_seq.mon_id 
_entity_poly_seq.hetero 
1 1  VAL n 
1 2  ASP n 
1 3  VAL n 
1 4  LEU n 
1 5  LEU n 
1 6  GLY n 
1 7  ALA n 
1 8  ASP n 
1 9  ASP n 
1 10 GLY n 
1 11 SER n 
1 12 LEU n 
1 13 ALA n 
1 14 PHE n 
1 15 VAL n 
1 16 PRO n 
1 17 SER n 
1 18 GLU n 
1 19 PHE n 
1 20 SER n 
1 21 VAL n 
1 22 PRO n 
1 23 ALA n 
1 24 GLY n 
1 25 GLU n 
1 26 LYS n 
1 27 ILE n 
1 28 VAL n 
1 29 PHE n 
1 30 LYS n 
1 31 ASN n 
1 32 ASN n 
1 33 ALA n 
1 34 GLY n 
1 35 PHE n 
1 36 PRO n 
1 37 HIS n 
1 38 ASN n 
1 39 VAL n 
1 40 LEU n 
1 41 PHE n 
1 42 ASP n 
1 43 GLU n 
1 44 ASP n 
1 45 ALA n 
1 46 VAL n 
1 47 PRO n 
1 48 SER n 
1 49 GLY n 
1 50 VAL n 
1 51 ASP n 
1 52 VAL n 
1 53 SER n 
1 54 LYS n 
1 55 ILE n 
1 56 SER n 
1 57 MET n 
1 58 SER n 
1 59 GLU n 
1 60 GLU n 
1 61 ASP n 
1 62 LEU n 
1 63 LEU n 
1 64 ASN n 
1 65 ALA n 
1 66 LYS n 
1 67 GLY n 
1 68 GLU n 
1 69 THR n 
1 70 PHE n 
1 71 GLU n 
1 72 VAL n 
1 73 ALA n 
1 74 LEU n 
1 75 SER n 
1 76 ASP n 
1 77 LYS n 
1 78 GLY n 
1 79 GLU n 
1 80 TYR n 
1 81 THR n 
1 82 PHE n 
1 83 TYR n 
1 84 CYS n 
1 85 SER n 
1 86 PRO n 
1 87 HIS n 
1 88 GLN n 
1 89 GLY n 
1 90 ALA n 
1 91 GLY n 
1 92 MET n 
1 93 VAL n 
1 94 GLY n 
1 95 LYS n 
1 96 VAL n 
1 97 ILE n 
1 98 VAL n 
1 99 ASN n 
# 
_entity_src_nat.entity_id                  1 
_entity_src_nat.pdbx_src_id                1 
_entity_src_nat.pdbx_alt_source_flag       sample 
_entity_src_nat.pdbx_beg_seq_num           ? 
_entity_src_nat.pdbx_end_seq_num           ? 
_entity_src_nat.common_name                'Lombardy poplar' 
_entity_src_nat.pdbx_organism_scientific   'Populus nigra' 
_entity_src_nat.pdbx_ncbi_taxonomy_id      3691 
_entity_src_nat.genus                      ? 
_entity_src_nat.species                    ? 
_entity_src_nat.strain                     'cv. Italica' 
_entity_src_nat.tissue                     leaf 
_entity_src_nat.tissue_fraction            ? 
_entity_src_nat.pdbx_secretion             ? 
_entity_src_nat.pdbx_fragment              ? 
_entity_src_nat.pdbx_variant               ? 
_entity_src_nat.pdbx_cell_line             ? 
_entity_src_nat.pdbx_atcc                  ? 
_entity_src_nat.pdbx_cellular_location     ? 
_entity_src_nat.pdbx_organ                 ? 
_entity_src_nat.pdbx_organelle             chloroplast 
_entity_src_nat.pdbx_cell                  ? 
_entity_src_nat.pdbx_plasmid_name          ? 
_entity_src_nat.pdbx_plasmid_details       ? 
_entity_src_nat.details                    ? 
# 
_struct_ref.id                         1 
_struct_ref.db_name                    UNP 
_struct_ref.db_code                    PLAS2_POPNI 
_struct_ref.pdbx_db_accession          P11970 
_struct_ref.entity_id                  1 
_struct_ref.pdbx_seq_one_letter_code   
;VDVLLGADDGSLAFVPSEFSVPAGEKIVFKNNAGFPHNVLFDEDAVPSGVDVSKISMSEEDLLNAKGETFEVALSDKGEY
TFYCSPHQGAGMVGKVIVN
;
_struct_ref.pdbx_align_begin           70 
_struct_ref.pdbx_db_isoform            ? 
# 
_struct_ref_seq.align_id                      1 
_struct_ref_seq.ref_id                        1 
_struct_ref_seq.pdbx_PDB_id_code              4DP1 
_struct_ref_seq.pdbx_strand_id                X 
_struct_ref_seq.seq_align_beg                 1 
_struct_ref_seq.pdbx_seq_align_beg_ins_code   ? 
_struct_ref_seq.seq_align_end                 99 
_struct_ref_seq.pdbx_seq_align_end_ins_code   ? 
_struct_ref_seq.pdbx_db_accession             P11970 
_struct_ref_seq.db_align_beg                  70 
_struct_ref_seq.pdbx_db_align_beg_ins_code    ? 
_struct_ref_seq.db_align_end                  168 
_struct_ref_seq.pdbx_db_align_end_ins_code    ? 
_struct_ref_seq.pdbx_auth_seq_align_beg       1 
_struct_ref_seq.pdbx_auth_seq_align_end       99 
# 
loop_
_chem_comp.id 
_chem_comp.type 
_chem_comp.mon_nstd_flag 
_chem_comp.name 
_chem_comp.pdbx_synonyms 
_chem_comp.formula 
_chem_comp.formula_weight 
ACT non-polymer         . 'ACETATE ION'    ?                               'C2 H3 O2 -1'    59.044  
ALA 'L-peptide linking' y ALANINE          ?                               'C3 H7 N O2'     89.093  
ASN 'L-peptide linking' y ASPARAGINE       ?                               'C4 H8 N2 O3'    132.118 
ASP 'L-peptide linking' y 'ASPARTIC ACID'  ?                               'C4 H7 N O4'     133.103 
CU1 non-polymer         . 'COPPER (I) ION' ?                               'Cu 1'           63.546  
CYS 'L-peptide linking' y CYSTEINE         ?                               'C3 H7 N O2 S'   121.158 
GLN 'L-peptide linking' y GLUTAMINE        ?                               'C5 H10 N2 O3'   146.144 
GLU 'L-peptide linking' y 'GLUTAMIC ACID'  ?                               'C5 H9 N O4'     147.129 
GLY 'peptide linking'   y GLYCINE          ?                               'C2 H5 N O2'     75.067  
GOL non-polymer         . GLYCEROL         'GLYCERIN; PROPANE-1,2,3-TRIOL' 'C3 H8 O3'       92.094  
HIS 'L-peptide linking' y HISTIDINE        ?                               'C6 H10 N3 O2 1' 156.162 
HOH non-polymer         . WATER            ?                               'H2 O'           18.015  
ILE 'L-peptide linking' y ISOLEUCINE       ?                               'C6 H13 N O2'    131.173 
LEU 'L-peptide linking' y LEUCINE          ?                               'C6 H13 N O2'    131.173 
LYS 'L-peptide linking' y LYSINE           ?                               'C6 H15 N2 O2 1' 147.195 
MET 'L-peptide linking' y METHIONINE       ?                               'C5 H11 N O2 S'  149.211 
PHE 'L-peptide linking' y PHENYLALANINE    ?                               'C9 H11 N O2'    165.189 
PRO 'L-peptide linking' y PROLINE          ?                               'C5 H9 N O2'     115.130 
SER 'L-peptide linking' y SERINE           ?                               'C3 H7 N O3'     105.093 
SO4 non-polymer         . 'SULFATE ION'    ?                               'O4 S -2'        96.063  
THR 'L-peptide linking' y THREONINE        ?                               'C4 H9 N O3'     119.119 
TYR 'L-peptide linking' y TYROSINE         ?                               'C9 H11 N O3'    181.189 
VAL 'L-peptide linking' y VALINE           ?                               'C5 H11 N O2'    117.146 
# 
_exptl.entry_id          4DP1 
_exptl.method            'X-RAY DIFFRACTION' 
_exptl.crystals_number   1 
# 
_exptl_crystal.id                    1 
_exptl_crystal.density_meas          ? 
_exptl_crystal.density_Matthews      1.85 
_exptl_crystal.density_percent_sol   33.67 
_exptl_crystal.description           ? 
_exptl_crystal.F_000                 ? 
_exptl_crystal.preparation           ? 
# 
_exptl_crystal_grow.crystal_id      1 
_exptl_crystal_grow.method          'VAPOR DIFFUSION, HANGING DROP' 
_exptl_crystal_grow.temp            277 
_exptl_crystal_grow.temp_details    ? 
_exptl_crystal_grow.pH              4.0 
_exptl_crystal_grow.pdbx_details    
'2.6 M ammonium sulfate, 0.1 M sodium acetate buffer, pH 5.0, VAPOR DIFFUSION, HANGING DROP, temperature 277K' 
_exptl_crystal_grow.pdbx_pH_range   ? 
# 
_diffrn.id                     1 
_diffrn.ambient_temp           100 
_diffrn.ambient_temp_details   ? 
_diffrn.crystal_id             1 
# 
_diffrn_detector.diffrn_id              1 
_diffrn_detector.detector               CCD 
_diffrn_detector.type                   'MAR CCD 165 mm' 
_diffrn_detector.pdbx_collection_date   2002-03-06 
_diffrn_detector.details                MIRRORS 
# 
_diffrn_radiation.diffrn_id                        1 
_diffrn_radiation.wavelength_id                    1 
_diffrn_radiation.pdbx_monochromatic_or_laue_m_l   M 
_diffrn_radiation.monochromator                    'double crystal Si(111)' 
_diffrn_radiation.pdbx_diffrn_protocol             'SINGLE WAVELENGTH' 
_diffrn_radiation.pdbx_scattering_type             x-ray 
# 
_diffrn_radiation_wavelength.id           1 
_diffrn_radiation_wavelength.wavelength   1.05 
_diffrn_radiation_wavelength.wt           1.0 
# 
_diffrn_source.diffrn_id                   1 
_diffrn_source.source                      SYNCHROTRON 
_diffrn_source.type                        'MPG/DESY, HAMBURG BEAMLINE BW6' 
_diffrn_source.pdbx_synchrotron_site       'MPG/DESY, HAMBURG' 
_diffrn_source.pdbx_synchrotron_beamline   BW6 
_diffrn_source.pdbx_wavelength             ? 
_diffrn_source.pdbx_wavelength_list        1.05 
# 
_reflns.entry_id                     4DP1 
_reflns.observed_criterion_sigma_I   2.0 
_reflns.observed_criterion_sigma_F   ? 
_reflns.d_resolution_low             14.74 
_reflns.d_resolution_high            1.35 
_reflns.number_obs                   17705 
_reflns.number_all                   17883 
_reflns.percent_possible_obs         99.2 
_reflns.pdbx_Rmerge_I_obs            0.078 
_reflns.pdbx_Rsym_value              ? 
_reflns.pdbx_netI_over_sigmaI        21.4 
_reflns.B_iso_Wilson_estimate        14.00 
_reflns.pdbx_redundancy              7.3 
_reflns.R_free_details               ? 
_reflns.limit_h_max                  ? 
_reflns.limit_h_min                  ? 
_reflns.limit_k_max                  ? 
_reflns.limit_k_min                  ? 
_reflns.limit_l_max                  ? 
_reflns.limit_l_min                  ? 
_reflns.observed_criterion_F_max     ? 
_reflns.observed_criterion_F_min     ? 
_reflns.pdbx_chi_squared             ? 
_reflns.pdbx_scaling_rejects         ? 
_reflns.pdbx_ordinal                 1 
_reflns.pdbx_diffrn_id               1 
# 
_reflns_shell.d_res_high             1.35 
_reflns_shell.d_res_low              1.37 
_reflns_shell.percent_possible_all   99.3 
_reflns_shell.Rmerge_I_obs           0.410 
_reflns_shell.pdbx_Rsym_value        ? 
_reflns_shell.meanI_over_sigI_obs    3.1 
_reflns_shell.pdbx_redundancy        4.1 
_reflns_shell.percent_possible_obs   ? 
_reflns_shell.number_unique_all      879 
_reflns_shell.number_measured_all    ? 
_reflns_shell.number_measured_obs    ? 
_reflns_shell.number_unique_obs      ? 
_reflns_shell.pdbx_chi_squared       ? 
_reflns_shell.pdbx_ordinal           1 
_reflns_shell.pdbx_diffrn_id         1 
# 
_refine.entry_id                                 4DP1 
_refine.ls_number_reflns_obs                     16753 
_refine.ls_number_reflns_all                     16931 
_refine.pdbx_ls_sigma_I                          ? 
_refine.pdbx_ls_sigma_F                          ? 
_refine.pdbx_data_cutoff_high_absF               ? 
_refine.pdbx_data_cutoff_low_absF                ? 
_refine.pdbx_data_cutoff_high_rms_absF           ? 
_refine.ls_d_res_low                             14.74 
_refine.ls_d_res_high                            1.35 
_refine.ls_percent_reflns_obs                    98.95 
_refine.ls_R_factor_obs                          0.16652 
_refine.ls_R_factor_all                          ? 
_refine.ls_R_factor_R_work                       0.16468 
_refine.ls_R_factor_R_free                       0.20095 
_refine.ls_R_factor_R_free_error                 ? 
_refine.ls_R_factor_R_free_error_details         ? 
_refine.ls_percent_reflns_R_free                 5.1 
_refine.ls_number_reflns_R_free                  900 
_refine.ls_number_parameters                     ? 
_refine.ls_number_restraints                     ? 
_refine.occupancy_min                            ? 
_refine.occupancy_max                            ? 
_refine.correlation_coeff_Fo_to_Fc               0.974 
_refine.correlation_coeff_Fo_to_Fc_free          0.962 
_refine.B_iso_mean                               17.013 
_refine.aniso_B[1][1]                            -0.74 
_refine.aniso_B[2][2]                            -0.06 
_refine.aniso_B[3][3]                            0.81 
_refine.aniso_B[1][2]                            0.00 
_refine.aniso_B[1][3]                            -0.00 
_refine.aniso_B[2][3]                            -0.00 
_refine.solvent_model_details                    MASK 
_refine.solvent_model_param_ksol                 ? 
_refine.solvent_model_param_bsol                 ? 
_refine.pdbx_solvent_vdw_probe_radii             1.40 
_refine.pdbx_solvent_ion_probe_radii             0.80 
_refine.pdbx_solvent_shrinkage_radii             0.80 
_refine.pdbx_ls_cross_valid_method               THROUGHOUT 
_refine.details                                  ? 
_refine.pdbx_starting_model                      'PDB ENTRY 1PLC' 
_refine.pdbx_method_to_determine_struct          'MOLECULAR REPLACEMENT' 
_refine.pdbx_isotropic_thermal_model             ISOTROPIC 
_refine.pdbx_stereochemistry_target_values       'MAXIMUM LIKELIHOOD' 
_refine.pdbx_stereochem_target_val_spec_case     ? 
_refine.pdbx_R_Free_selection_details            RANDOM 
_refine.pdbx_overall_ESU_R                       0.060 
_refine.pdbx_overall_ESU_R_Free                  0.065 
_refine.overall_SU_ML                            0.044 
_refine.pdbx_overall_phase_error                 ? 
_refine.overall_SU_B                             1.070 
_refine.overall_SU_R_Cruickshank_DPI             ? 
_refine.ls_redundancy_reflns_obs                 ? 
_refine.B_iso_min                                ? 
_refine.B_iso_max                                ? 
_refine.overall_SU_R_free                        ? 
_refine.ls_wR_factor_R_free                      ? 
_refine.ls_wR_factor_R_work                      ? 
_refine.overall_FOM_free_R_set                   ? 
_refine.overall_FOM_work_R_set                   ? 
_refine.pdbx_diffrn_id                           1 
_refine.pdbx_refine_id                           'X-RAY DIFFRACTION' 
_refine.pdbx_TLS_residual_ADP_flag               ? 
_refine.pdbx_overall_SU_R_free_Cruickshank_DPI   ? 
_refine.pdbx_overall_SU_R_Blow_DPI               ? 
_refine.pdbx_overall_SU_R_free_Blow_DPI          ? 
# 
_refine_hist.pdbx_refine_id                   'X-RAY DIFFRACTION' 
_refine_hist.cycle_id                         LAST 
_refine_hist.pdbx_number_atoms_protein        737 
_refine_hist.pdbx_number_atoms_nucleic_acid   0 
_refine_hist.pdbx_number_atoms_ligand         16 
_refine_hist.number_atoms_solvent             119 
_refine_hist.number_atoms_total               872 
_refine_hist.d_res_high                       1.35 
_refine_hist.d_res_low                        14.74 
# 
loop_
_refine_ls_restr.type 
_refine_ls_restr.dev_ideal 
_refine_ls_restr.dev_ideal_target 
_refine_ls_restr.weight 
_refine_ls_restr.number 
_refine_ls_restr.pdbx_restraint_function 
_refine_ls_restr.pdbx_refine_id 
r_bond_refined_d             0.026  0.020  ? 818  ? 'X-RAY DIFFRACTION' 
r_bond_other_d               ?      ?      ? ?    ? 'X-RAY DIFFRACTION' 
r_angle_refined_deg          2.588  1.980  ? 1123 ? 'X-RAY DIFFRACTION' 
r_angle_other_deg            ?      ?      ? ?    ? 'X-RAY DIFFRACTION' 
r_dihedral_angle_1_deg       6.885  5.000  ? 116  ? 'X-RAY DIFFRACTION' 
r_dihedral_angle_2_deg       33.027 26.944 ? 36   ? 'X-RAY DIFFRACTION' 
r_dihedral_angle_3_deg       13.764 15.000 ? 131  ? 'X-RAY DIFFRACTION' 
r_dihedral_angle_4_deg       ?      ?      ? ?    ? 'X-RAY DIFFRACTION' 
r_chiral_restr               0.163  0.200  ? 129  ? 'X-RAY DIFFRACTION' 
r_gen_planes_refined         0.014  0.021  ? 637  ? 'X-RAY DIFFRACTION' 
r_gen_planes_other           ?      ?      ? ?    ? 'X-RAY DIFFRACTION' 
r_nbd_refined                ?      ?      ? ?    ? 'X-RAY DIFFRACTION' 
r_nbd_other                  ?      ?      ? ?    ? 'X-RAY DIFFRACTION' 
r_nbtor_refined              ?      ?      ? ?    ? 'X-RAY DIFFRACTION' 
r_nbtor_other                ?      ?      ? ?    ? 'X-RAY DIFFRACTION' 
r_xyhbond_nbd_refined        ?      ?      ? ?    ? 'X-RAY DIFFRACTION' 
r_xyhbond_nbd_other          ?      ?      ? ?    ? 'X-RAY DIFFRACTION' 
r_metal_ion_refined          ?      ?      ? ?    ? 'X-RAY DIFFRACTION' 
r_metal_ion_other            ?      ?      ? ?    ? 'X-RAY DIFFRACTION' 
r_symmetry_vdw_refined       ?      ?      ? ?    ? 'X-RAY DIFFRACTION' 
r_symmetry_vdw_other         ?      ?      ? ?    ? 'X-RAY DIFFRACTION' 
r_symmetry_hbond_refined     ?      ?      ? ?    ? 'X-RAY DIFFRACTION' 
r_symmetry_hbond_other       ?      ?      ? ?    ? 'X-RAY DIFFRACTION' 
r_symmetry_metal_ion_refined ?      ?      ? ?    ? 'X-RAY DIFFRACTION' 
r_symmetry_metal_ion_other   ?      ?      ? ?    ? 'X-RAY DIFFRACTION' 
r_mcbond_it                  ?      ?      ? ?    ? 'X-RAY DIFFRACTION' 
r_mcbond_other               ?      ?      ? ?    ? 'X-RAY DIFFRACTION' 
r_mcangle_it                 ?      ?      ? ?    ? 'X-RAY DIFFRACTION' 
r_scbond_it                  ?      ?      ? ?    ? 'X-RAY DIFFRACTION' 
r_scangle_it                 ?      ?      ? ?    ? 'X-RAY DIFFRACTION' 
r_rigid_bond_restr           ?      ?      ? ?    ? 'X-RAY DIFFRACTION' 
r_sphericity_free            ?      ?      ? ?    ? 'X-RAY DIFFRACTION' 
r_sphericity_bonded          15.398 5.000  ? 1    ? 'X-RAY DIFFRACTION' 
# 
_refine_ls_shell.pdbx_total_number_of_bins_used   20 
_refine_ls_shell.d_res_high                       1.35 
_refine_ls_shell.d_res_low                        1.382 
_refine_ls_shell.number_reflns_R_work             1072 
_refine_ls_shell.R_factor_R_work                  0.265 
_refine_ls_shell.percent_reflns_obs               96.18 
_refine_ls_shell.R_factor_R_free                  0.284 
_refine_ls_shell.R_factor_R_free_error            ? 
_refine_ls_shell.percent_reflns_R_free            ? 
_refine_ls_shell.number_reflns_R_free             62 
_refine_ls_shell.number_reflns_all                ? 
_refine_ls_shell.R_factor_all                     ? 
_refine_ls_shell.number_reflns_obs                1072 
_refine_ls_shell.redundancy_reflns_obs            ? 
_refine_ls_shell.pdbx_refine_id                   'X-RAY DIFFRACTION' 
# 
_struct.entry_id                  4DP1 
_struct.title                     'The 1.35 Angstrom crystal structure of reduced (CuI) poplar plastocyanin B at pH 4.0' 
_struct.pdbx_model_details        ? 
_struct.pdbx_CASP_flag            ? 
_struct.pdbx_model_type_details   ? 
# 
_struct_keywords.entry_id        4DP1 
_struct_keywords.pdbx_keywords   'ELECTRON TRANSPORT' 
_struct_keywords.text            
'membrane, thylakoid, transit peptide, plastocyanin-like domain, copper-binding, ELECTRON TRANSPORT' 
# 
loop_
_struct_asym.id 
_struct_asym.pdbx_blank_PDB_chainid_flag 
_struct_asym.pdbx_modified 
_struct_asym.entity_id 
_struct_asym.details 
A N N 1 ? 
B N N 2 ? 
C N N 3 ? 
D N N 4 ? 
E N N 5 ? 
F N N 6 ? 
# 
_struct_biol.id        1 
_struct_biol.details   ? 
# 
loop_
_struct_conf.conf_type_id 
_struct_conf.id 
_struct_conf.pdbx_PDB_helix_id 
_struct_conf.beg_label_comp_id 
_struct_conf.beg_label_asym_id 
_struct_conf.beg_label_seq_id 
_struct_conf.pdbx_beg_PDB_ins_code 
_struct_conf.end_label_comp_id 
_struct_conf.end_label_asym_id 
_struct_conf.end_label_seq_id 
_struct_conf.pdbx_end_PDB_ins_code 
_struct_conf.beg_auth_comp_id 
_struct_conf.beg_auth_asym_id 
_struct_conf.beg_auth_seq_id 
_struct_conf.end_auth_comp_id 
_struct_conf.end_auth_asym_id 
_struct_conf.end_auth_seq_id 
_struct_conf.pdbx_PDB_helix_class 
_struct_conf.details 
_struct_conf.pdbx_PDB_helix_length 
HELX_P HELX_P1 1 ASP A 51 ? SER A 56 ? ASP X 51 SER X 56 5 ? 6 
HELX_P HELX_P2 2 HIS A 87 ? GLY A 91 ? HIS X 87 GLY X 91 5 ? 5 
# 
_struct_conf_type.id          HELX_P 
_struct_conf_type.criteria    ? 
_struct_conf_type.reference   ? 
# 
loop_
_struct_conn.id 
_struct_conn.conn_type_id 
_struct_conn.pdbx_leaving_atom_flag 
_struct_conn.pdbx_PDB_id 
_struct_conn.ptnr1_label_asym_id 
_struct_conn.ptnr1_label_comp_id 
_struct_conn.ptnr1_label_seq_id 
_struct_conn.ptnr1_label_atom_id 
_struct_conn.pdbx_ptnr1_label_alt_id 
_struct_conn.pdbx_ptnr1_PDB_ins_code 
_struct_conn.pdbx_ptnr1_standard_comp_id 
_struct_conn.ptnr1_symmetry 
_struct_conn.ptnr2_label_asym_id 
_struct_conn.ptnr2_label_comp_id 
_struct_conn.ptnr2_label_seq_id 
_struct_conn.ptnr2_label_atom_id 
_struct_conn.pdbx_ptnr2_label_alt_id 
_struct_conn.pdbx_ptnr2_PDB_ins_code 
_struct_conn.ptnr1_auth_asym_id 
_struct_conn.ptnr1_auth_comp_id 
_struct_conn.ptnr1_auth_seq_id 
_struct_conn.ptnr2_auth_asym_id 
_struct_conn.ptnr2_auth_comp_id 
_struct_conn.ptnr2_auth_seq_id 
_struct_conn.ptnr2_symmetry 
_struct_conn.pdbx_ptnr3_label_atom_id 
_struct_conn.pdbx_ptnr3_label_seq_id 
_struct_conn.pdbx_ptnr3_label_comp_id 
_struct_conn.pdbx_ptnr3_label_asym_id 
_struct_conn.pdbx_ptnr3_label_alt_id 
_struct_conn.pdbx_ptnr3_PDB_ins_code 
_struct_conn.details 
_struct_conn.pdbx_dist_value 
_struct_conn.pdbx_value_order 
_struct_conn.pdbx_role 
metalc1 metalc ? ? A HIS 37 ND1 ? ? ? 1_555 B CU1 . CU ? ? X HIS 37 X CU1 100 1_555 ? ? ? ? ? ? ? 1.996 ? ? 
metalc2 metalc ? ? A CYS 84 SG  ? ? ? 1_555 B CU1 . CU ? ? X CYS 84 X CU1 100 1_555 ? ? ? ? ? ? ? 2.149 ? ? 
metalc3 metalc ? ? A HIS 87 ND1 ? ? ? 1_555 B CU1 . CU ? ? X HIS 87 X CU1 100 1_555 ? ? ? ? ? ? ? 2.364 ? ? 
metalc4 metalc ? ? A MET 92 SD  ? ? ? 1_555 B CU1 . CU ? ? X MET 92 X CU1 100 1_555 ? ? ? ? ? ? ? 2.610 ? ? 
# 
_struct_conn_type.id          metalc 
_struct_conn_type.criteria    ? 
_struct_conn_type.reference   ? 
# 
loop_
_struct_mon_prot_cis.pdbx_id 
_struct_mon_prot_cis.label_comp_id 
_struct_mon_prot_cis.label_seq_id 
_struct_mon_prot_cis.label_asym_id 
_struct_mon_prot_cis.label_alt_id 
_struct_mon_prot_cis.pdbx_PDB_ins_code 
_struct_mon_prot_cis.auth_comp_id 
_struct_mon_prot_cis.auth_seq_id 
_struct_mon_prot_cis.auth_asym_id 
_struct_mon_prot_cis.pdbx_label_comp_id_2 
_struct_mon_prot_cis.pdbx_label_seq_id_2 
_struct_mon_prot_cis.pdbx_label_asym_id_2 
_struct_mon_prot_cis.pdbx_PDB_ins_code_2 
_struct_mon_prot_cis.pdbx_auth_comp_id_2 
_struct_mon_prot_cis.pdbx_auth_seq_id_2 
_struct_mon_prot_cis.pdbx_auth_asym_id_2 
_struct_mon_prot_cis.pdbx_PDB_model_num 
_struct_mon_prot_cis.pdbx_omega_angle 
1 VAL 15 A . ? VAL 15 X PRO 16 A ? PRO 16 X 1 2.58  
2 PHE 35 A . ? PHE 35 X PRO 36 A ? PRO 36 X 1 -2.03 
# 
loop_
_struct_sheet.id 
_struct_sheet.type 
_struct_sheet.number_strands 
_struct_sheet.details 
A ? 4 ? 
B ? 4 ? 
# 
loop_
_struct_sheet_order.sheet_id 
_struct_sheet_order.range_id_1 
_struct_sheet_order.range_id_2 
_struct_sheet_order.offset 
_struct_sheet_order.sense 
A 1 2 ? anti-parallel 
A 2 3 ? parallel      
A 3 4 ? anti-parallel 
B 1 2 ? parallel      
B 2 3 ? anti-parallel 
B 3 4 ? anti-parallel 
# 
loop_
_struct_sheet_range.sheet_id 
_struct_sheet_range.id 
_struct_sheet_range.beg_label_comp_id 
_struct_sheet_range.beg_label_asym_id 
_struct_sheet_range.beg_label_seq_id 
_struct_sheet_range.pdbx_beg_PDB_ins_code 
_struct_sheet_range.end_label_comp_id 
_struct_sheet_range.end_label_asym_id 
_struct_sheet_range.end_label_seq_id 
_struct_sheet_range.pdbx_end_PDB_ins_code 
_struct_sheet_range.beg_auth_comp_id 
_struct_sheet_range.beg_auth_asym_id 
_struct_sheet_range.beg_auth_seq_id 
_struct_sheet_range.end_auth_comp_id 
_struct_sheet_range.end_auth_asym_id 
_struct_sheet_range.end_auth_seq_id 
A 1 PHE A 14 ? VAL A 15 ? PHE X 14 VAL X 15 
A 2 ASP A 2  ? LEU A 5  ? ASP X 2  LEU X 5  
A 3 LYS A 26 ? ASN A 31 ? LYS X 26 ASN X 31 
A 4 THR A 69 ? ALA A 73 ? THR X 69 ALA X 73 
B 1 GLU A 18 ? PRO A 22 ? GLU X 18 PRO X 22 
B 2 VAL A 93 ? ASN A 99 ? VAL X 93 ASN X 99 
B 3 GLY A 78 ? TYR A 83 ? GLY X 78 TYR X 83 
B 4 LEU A 40 ? PHE A 41 ? LEU X 40 PHE X 41 
# 
loop_
_pdbx_struct_sheet_hbond.sheet_id 
_pdbx_struct_sheet_hbond.range_id_1 
_pdbx_struct_sheet_hbond.range_id_2 
_pdbx_struct_sheet_hbond.range_1_label_atom_id 
_pdbx_struct_sheet_hbond.range_1_label_comp_id 
_pdbx_struct_sheet_hbond.range_1_label_asym_id 
_pdbx_struct_sheet_hbond.range_1_label_seq_id 
_pdbx_struct_sheet_hbond.range_1_PDB_ins_code 
_pdbx_struct_sheet_hbond.range_1_auth_atom_id 
_pdbx_struct_sheet_hbond.range_1_auth_comp_id 
_pdbx_struct_sheet_hbond.range_1_auth_asym_id 
_pdbx_struct_sheet_hbond.range_1_auth_seq_id 
_pdbx_struct_sheet_hbond.range_2_label_atom_id 
_pdbx_struct_sheet_hbond.range_2_label_comp_id 
_pdbx_struct_sheet_hbond.range_2_label_asym_id 
_pdbx_struct_sheet_hbond.range_2_label_seq_id 
_pdbx_struct_sheet_hbond.range_2_PDB_ins_code 
_pdbx_struct_sheet_hbond.range_2_auth_atom_id 
_pdbx_struct_sheet_hbond.range_2_auth_comp_id 
_pdbx_struct_sheet_hbond.range_2_auth_asym_id 
_pdbx_struct_sheet_hbond.range_2_auth_seq_id 
A 1 2 O VAL A 15 ? O VAL X 15 N LEU A 4  ? N LEU X 4  
A 2 3 N LEU A 5  ? N LEU X 5  O LYS A 30 ? O LYS X 30 
A 3 4 N PHE A 29 ? N PHE X 29 O PHE A 70 ? O PHE X 70 
B 1 2 N VAL A 21 ? N VAL X 21 O ASN A 99 ? O ASN X 99 
B 2 3 O VAL A 98 ? O VAL X 98 N GLY A 78 ? N GLY X 78 
B 3 4 O TYR A 83 ? O TYR X 83 N LEU A 40 ? N LEU X 40 
# 
loop_
_struct_site.id 
_struct_site.pdbx_evidence_code 
_struct_site.pdbx_auth_asym_id 
_struct_site.pdbx_auth_comp_id 
_struct_site.pdbx_auth_seq_id 
_struct_site.pdbx_auth_ins_code 
_struct_site.pdbx_num_residues 
_struct_site.details 
AC1 Software X CU1 100 ? 5 'BINDING SITE FOR RESIDUE CU1 X 100' 
AC2 Software X SO4 101 ? 9 'BINDING SITE FOR RESIDUE SO4 X 101' 
AC3 Software X GOL 102 ? 9 'BINDING SITE FOR RESIDUE GOL X 102' 
AC4 Software X ACT 103 ? 7 'BINDING SITE FOR RESIDUE ACT X 103' 
# 
loop_
_struct_site_gen.id 
_struct_site_gen.site_id 
_struct_site_gen.pdbx_num_res 
_struct_site_gen.label_comp_id 
_struct_site_gen.label_asym_id 
_struct_site_gen.label_seq_id 
_struct_site_gen.pdbx_auth_ins_code 
_struct_site_gen.auth_comp_id 
_struct_site_gen.auth_asym_id 
_struct_site_gen.auth_seq_id 
_struct_site_gen.label_atom_id 
_struct_site_gen.label_alt_id 
_struct_site_gen.symmetry 
_struct_site_gen.details 
1  AC1 5 PRO A 36 ? PRO X 36  . ? 1_555 ? 
2  AC1 5 HIS A 37 ? HIS X 37  . ? 1_555 ? 
3  AC1 5 CYS A 84 ? CYS X 84  . ? 1_555 ? 
4  AC1 5 HIS A 87 ? HIS X 87  . ? 1_555 ? 
5  AC1 5 MET A 92 ? MET X 92  . ? 1_555 ? 
6  AC2 9 PRO A 16 ? PRO X 16  . ? 4_547 ? 
7  AC2 9 SER A 17 ? SER X 17  . ? 4_547 ? 
8  AC2 9 GLU A 18 ? GLU X 18  . ? 4_547 ? 
9  AC2 9 LYS A 54 ? LYS X 54  . ? 3_546 ? 
10 AC2 9 HIS A 87 ? HIS X 87  . ? 1_555 ? 
11 AC2 9 GOL D .  ? GOL X 102 . ? 1_555 ? 
12 AC2 9 HOH F .  ? HOH X 220 . ? 4_547 ? 
13 AC2 9 HOH F .  ? HOH X 222 . ? 3_546 ? 
14 AC2 9 HOH F .  ? HOH X 230 . ? 1_555 ? 
15 AC3 9 ASP A 51 ? ASP X 51  . ? 3_546 ? 
16 AC3 9 ILE A 55 ? ILE X 55  . ? 3_546 ? 
17 AC3 9 ALA A 73 ? ALA X 73  . ? 3_546 ? 
18 AC3 9 SER A 75 ? SER X 75  . ? 3_546 ? 
19 AC3 9 ASP A 76 ? ASP X 76  . ? 3_546 ? 
20 AC3 9 SO4 C .  ? SO4 X 101 . ? 1_555 ? 
21 AC3 9 HOH F .  ? HOH X 222 . ? 3_546 ? 
22 AC3 9 HOH F .  ? HOH X 224 . ? 3_546 ? 
23 AC3 9 HOH F .  ? HOH X 317 . ? 3_546 ? 
24 AC4 7 LEU A 4  ? LEU X 4   . ? 1_555 ? 
25 AC4 7 ALA A 7  ? ALA X 7   . ? 1_555 ? 
26 AC4 7 ASP A 8  ? ASP X 8   . ? 1_555 ? 
27 AC4 7 ASP A 76 ? ASP X 76  . ? 2_455 ? 
28 AC4 7 HOH F .  ? HOH X 255 . ? 1_555 ? 
29 AC4 7 HOH F .  ? HOH X 260 . ? 2_455 ? 
30 AC4 7 HOH F .  ? HOH X 284 . ? 2_455 ? 
# 
_atom_sites.entry_id                    4DP1 
_atom_sites.fract_transf_matrix[1][1]   -0.00671086 
_atom_sites.fract_transf_matrix[1][2]   0.00525816 
_atom_sites.fract_transf_matrix[1][3]   -0.03015292 
_atom_sites.fract_transf_matrix[2][1]   0.00098985 
_atom_sites.fract_transf_matrix[2][2]   0.02131542 
_atom_sites.fract_transf_matrix[2][3]   0.00349675 
_atom_sites.fract_transf_matrix[3][1]   0.01853291 
_atom_sites.fract_transf_matrix[3][2]   -0.00017887 
_atom_sites.fract_transf_matrix[3][3]   -0.00415589 
_atom_sites.fract_transf_vector[1]      -0.079116 
_atom_sites.fract_transf_vector[2]      -0.083375 
_atom_sites.fract_transf_vector[3]      0.851253 
# 
loop_
_atom_type.symbol 
C  
CU 
N  
O  
S  
# 
loop_
_atom_site.group_PDB 
_atom_site.id 
_atom_site.type_symbol 
_atom_site.label_atom_id 
_atom_site.label_alt_id 
_atom_site.label_comp_id 
_atom_site.label_asym_id 
_atom_site.label_entity_id 
_atom_site.label_seq_id 
_atom_site.pdbx_PDB_ins_code 
_atom_site.Cartn_x 
_atom_site.Cartn_y 
_atom_site.Cartn_z 
_atom_site.occupancy 
_atom_site.B_iso_or_equiv 
_atom_site.pdbx_formal_charge 
_atom_site.auth_seq_id 
_atom_site.auth_comp_id 
_atom_site.auth_asym_id 
_atom_site.auth_atom_id 
_atom_site.pdbx_PDB_model_num 
ATOM   1   N  N   . VAL A 1 1  ? 6.167   10.327  1.588   1.00 19.44 ? 1   VAL X N   1 
ATOM   2   C  CA  . VAL A 1 1  ? 7.216   9.281   1.309   1.00 17.57 ? 1   VAL X CA  1 
ATOM   3   C  C   . VAL A 1 1  ? 6.735   8.383   0.167   1.00 16.31 ? 1   VAL X C   1 
ATOM   4   O  O   . VAL A 1 1  ? 5.495   8.245   0.041   1.00 16.82 ? 1   VAL X O   1 
ATOM   5   C  CB  . VAL A 1 1  ? 7.492   8.420   2.512   1.00 19.74 ? 1   VAL X CB  1 
ATOM   6   C  CG1 . VAL A 1 1  ? 6.292   7.629   2.951   1.00 18.11 ? 1   VAL X CG1 1 
ATOM   7   C  CG2 . VAL A 1 1  ? 8.704   7.508   2.271   1.00 28.32 ? 1   VAL X CG2 1 
ATOM   8   N  N   . ASP A 1 2  ? 7.667   7.884   -0.675  1.00 15.40 ? 2   ASP X N   1 
ATOM   9   C  CA  . ASP A 1 2  ? 7.290   7.116   -1.885  1.00 15.67 ? 2   ASP X CA  1 
ATOM   10  C  C   . ASP A 1 2  ? 7.498   5.665   -1.652  1.00 14.16 ? 2   ASP X C   1 
ATOM   11  O  O   . ASP A 1 2  ? 8.504   5.261   -1.078  1.00 14.34 ? 2   ASP X O   1 
ATOM   12  C  CB  . ASP A 1 2  ? 8.165   7.487   -3.062  1.00 16.84 ? 2   ASP X CB  1 
ATOM   13  C  CG  . ASP A 1 2  ? 7.808   8.855   -3.641  1.00 23.34 ? 2   ASP X CG  1 
ATOM   14  O  OD1 . ASP A 1 2  ? 6.995   9.630   -3.061  1.00 23.33 ? 2   ASP X OD1 1 
ATOM   15  O  OD2 . ASP A 1 2  ? 8.393   9.240   -4.672  1.00 35.09 ? 2   ASP X OD2 1 
ATOM   16  N  N   . VAL A 1 3  ? 6.553   4.841   -2.101  1.00 10.89 ? 3   VAL X N   1 
ATOM   17  C  CA  . VAL A 1 3  ? 6.696   3.403   -2.039  1.00 10.81 ? 3   VAL X CA  1 
ATOM   18  C  C   . VAL A 1 3  ? 6.507   2.885   -3.463  1.00 9.62  ? 3   VAL X C   1 
ATOM   19  O  O   . VAL A 1 3  ? 5.501   3.176   -4.070  1.00 12.33 ? 3   VAL X O   1 
ATOM   20  C  CB  . VAL A 1 3  ? 5.589   2.826   -1.200  1.00 10.58 ? 3   VAL X CB  1 
ATOM   21  C  CG1 . VAL A 1 3  ? 5.703   1.300   -1.191  1.00 10.95 ? 3   VAL X CG1 1 
ATOM   22  C  CG2 . VAL A 1 3  ? 5.614   3.391   0.225   1.00 11.11 ? 3   VAL X CG2 1 
ATOM   23  N  N   . LEU A 1 4  ? 7.450   2.118   -3.953  1.00 8.65  ? 4   LEU X N   1 
ATOM   24  C  CA  . LEU A 1 4  ? 7.335   1.614   -5.333  1.00 10.02 ? 4   LEU X CA  1 
ATOM   25  C  C   . LEU A 1 4  ? 6.518   0.334   -5.382  1.00 8.66  ? 4   LEU X C   1 
ATOM   26  O  O   . LEU A 1 4  ? 6.601   -0.531  -4.509  1.00 10.68 ? 4   LEU X O   1 
ATOM   27  C  CB  . LEU A 1 4  ? 8.719   1.326   -5.959  1.00 11.13 ? 4   LEU X CB  1 
ATOM   28  C  CG  . LEU A 1 4  ? 9.717   2.407   -5.910  1.00 12.28 ? 4   LEU X CG  1 
ATOM   29  C  CD1 . LEU A 1 4  ? 11.010  1.959   -6.508  1.00 14.94 ? 4   LEU X CD1 1 
ATOM   30  C  CD2 . LEU A 1 4  ? 9.253   3.551   -6.675  1.00 17.25 ? 4   LEU X CD2 1 
ATOM   31  N  N   . LEU A 1 5  ? 5.756   0.249   -6.458  1.00 8.78  ? 5   LEU X N   1 
ATOM   32  C  CA  . LEU A 1 5  ? 4.958   -0.996  -6.720  1.00 8.39  ? 5   LEU X CA  1 
ATOM   33  C  C   . LEU A 1 5  ? 5.726   -1.833  -7.744  1.00 7.78  ? 5   LEU X C   1 
ATOM   34  O  O   . LEU A 1 5  ? 5.745   -1.482  -8.934  1.00 8.15  ? 5   LEU X O   1 
ATOM   35  C  CB  . LEU A 1 5  ? 3.580   -0.659  -7.253  1.00 9.70  ? 5   LEU X CB  1 
ATOM   36  C  CG  . LEU A 1 5  ? 2.844   0.379   -6.396  1.00 9.27  ? 5   LEU X CG  1 
ATOM   37  C  CD1 . LEU A 1 5  ? 1.492   0.657   -7.096  1.00 12.19 ? 5   LEU X CD1 1 
ATOM   38  C  CD2 . LEU A 1 5  ? 2.626   -0.233  -5.020  1.00 10.76 ? 5   LEU X CD2 1 
ATOM   39  N  N   . GLY A 1 6  ? 6.330   -2.905  -7.249  1.00 8.21  ? 6   GLY X N   1 
ATOM   40  C  CA  . GLY A 1 6  ? 7.233   -3.742  -8.029  1.00 9.47  ? 6   GLY X CA  1 
ATOM   41  C  C   . GLY A 1 6  ? 8.622   -3.250  -7.986  1.00 10.48 ? 6   GLY X C   1 
ATOM   42  O  O   . GLY A 1 6  ? 8.921   -2.057  -8.047  1.00 11.95 ? 6   GLY X O   1 
ATOM   43  N  N   . ALA A 1 7  ? 9.490   -4.230  -7.823  1.00 11.28 ? 7   ALA X N   1 
ATOM   44  C  CA  . ALA A 1 7  ? 10.897  -3.929  -7.865  1.00 11.42 ? 7   ALA X CA  1 
ATOM   45  C  C   . ALA A 1 7  ? 11.409  -3.798  -9.286  1.00 12.00 ? 7   ALA X C   1 
ATOM   46  O  O   . ALA A 1 7  ? 10.825  -4.301  -10.254 1.00 11.97 ? 7   ALA X O   1 
ATOM   47  C  CB  . ALA A 1 7  ? 11.704  -4.960  -7.107  1.00 12.67 ? 7   ALA X CB  1 
ATOM   48  N  N   . ASP A 1 8  ? 12.597  -3.121  -9.418  1.00 14.35 ? 8   ASP X N   1 
ATOM   49  C  CA  . ASP A 1 8  ? 13.101  -2.989  -10.749 1.00 15.19 ? 8   ASP X CA  1 
ATOM   50  C  C   . ASP A 1 8  ? 13.428  -4.309  -11.410 1.00 13.29 ? 8   ASP X C   1 
ATOM   51  O  O   . ASP A 1 8  ? 13.491  -4.311  -12.646 1.00 15.74 ? 8   ASP X O   1 
ATOM   52  C  CB  . ASP A 1 8  ? 14.407  -2.119  -10.819 1.00 17.70 ? 8   ASP X CB  1 
ATOM   53  C  CG  . ASP A 1 8  ? 14.278  -0.696  -10.328 1.00 23.87 ? 8   ASP X CG  1 
ATOM   54  O  OD1 . ASP A 1 8  ? 13.210  -0.227  -9.981  1.00 21.10 ? 8   ASP X OD1 1 
ATOM   55  O  OD2 . ASP A 1 8  ? 15.325  -0.006  -10.297 1.00 25.88 ? 8   ASP X OD2 1 
ATOM   56  N  N   . ASP A 1 9  ? 13.722  -5.359  -10.684 1.00 12.40 ? 9   ASP X N   1 
ATOM   57  C  CA  . ASP A 1 9  ? 14.069  -6.656  -11.281 1.00 12.35 ? 9   ASP X CA  1 
ATOM   58  C  C   . ASP A 1 9  ? 12.806  -7.481  -11.548 1.00 11.84 ? 9   ASP X C   1 
ATOM   59  O  O   . ASP A 1 9  ? 12.913  -8.655  -11.880 1.00 12.90 ? 9   ASP X O   1 
ATOM   60  C  CB  . ASP A 1 9  ? 15.019  -7.428  -10.401 1.00 13.86 ? 9   ASP X CB  1 
ATOM   61  C  CG  . ASP A 1 9  ? 14.447  -7.851  -9.170  1.00 15.25 ? 9   ASP X CG  1 
ATOM   62  O  OD1 . ASP A 1 9  ? 13.274  -7.451  -8.774  1.00 15.01 ? 9   ASP X OD1 1 
ATOM   63  O  OD2 . ASP A 1 9  ? 15.153  -8.680  -8.464  1.00 21.29 ? 9   ASP X OD2 1 
ATOM   64  N  N   . GLY A 1 10 ? 11.621  -6.910  -11.428 1.00 10.98 ? 10  GLY X N   1 
ATOM   65  C  CA  . GLY A 1 10 ? 10.384  -7.643  -11.639 1.00 12.28 ? 10  GLY X CA  1 
ATOM   66  C  C   . GLY A 1 10 ? 9.757   -8.348  -10.444 1.00 12.78 ? 10  GLY X C   1 
ATOM   67  O  O   . GLY A 1 10 ? 8.731   -8.940  -10.571 1.00 15.22 ? 10  GLY X O   1 
ATOM   68  N  N   . SER A 1 11 ? 10.397  -8.273  -9.298  1.00 11.17 ? 11  SER X N   1 
ATOM   69  C  CA  . SER A 1 11 ? 9.871   -8.832  -8.089  1.00 11.83 ? 11  SER X CA  1 
ATOM   70  C  C   . SER A 1 11 ? 8.554   -8.177  -7.721  1.00 11.16 ? 11  SER X C   1 
ATOM   71  O  O   . SER A 1 11 ? 8.408   -7.002  -7.821  1.00 11.52 ? 11  SER X O   1 
ATOM   72  C  CB  . SER A 1 11 ? 10.884  -8.607  -6.931  1.00 13.76 ? 11  SER X CB  1 
ATOM   73  O  OG  . SER A 1 11 ? 12.152  -9.119  -7.227  1.00 17.50 ? 11  SER X OG  1 
ATOM   74  N  N   . LEU A 1 12 ? 7.659   -9.014  -7.242  1.00 10.06 ? 12  LEU X N   1 
ATOM   75  C  CA  . LEU A 1 12 ? 6.353   -8.564  -6.741  1.00 11.25 ? 12  LEU X CA  1 
ATOM   76  C  C   . LEU A 1 12 ? 6.389   -8.081  -5.285  1.00 10.56 ? 12  LEU X C   1 
ATOM   77  O  O   . LEU A 1 12 ? 6.010   -8.794  -4.346  1.00 15.01 ? 12  LEU X O   1 
ATOM   78  C  CB  . LEU A 1 12 ? 5.297   -9.657  -6.915  1.00 14.15 ? 12  LEU X CB  1 
ATOM   79  C  CG  . LEU A 1 12 ? 5.228   -10.183 -8.319  1.00 16.93 ? 12  LEU X CG  1 
ATOM   80  C  CD1 . LEU A 1 12 ? 4.262   -11.364 -8.370  1.00 19.11 ? 12  LEU X CD1 1 
ATOM   81  C  CD2 . LEU A 1 12 ? 4.952   -9.136  -9.340  1.00 16.31 ? 12  LEU X CD2 1 
ATOM   82  N  N   . ALA A 1 13 ? 6.908   -6.904  -5.093  1.00 10.21 ? 13  ALA X N   1 
ATOM   83  C  CA  . ALA A 1 13 ? 7.154   -6.355  -3.770  1.00 8.20  ? 13  ALA X CA  1 
ATOM   84  C  C   . ALA A 1 13 ? 6.842   -4.897  -3.782  1.00 8.17  ? 13  ALA X C   1 
ATOM   85  O  O   . ALA A 1 13 ? 6.985   -4.241  -4.786  1.00 8.93  ? 13  ALA X O   1 
ATOM   86  C  CB  . ALA A 1 13 ? 8.612   -6.551  -3.365  1.00 10.63 ? 13  ALA X CB  1 
ATOM   87  N  N   . PHE A 1 14 ? 6.408   -4.433  -2.627  1.00 8.33  ? 14  PHE X N   1 
ATOM   88  C  CA  . PHE A 1 14 ? 6.426   -3.020  -2.313  1.00 7.88  ? 14  PHE X CA  1 
ATOM   89  C  C   . PHE A 1 14 ? 7.840   -2.659  -1.915  1.00 9.53  ? 14  PHE X C   1 
ATOM   90  O  O   . PHE A 1 14 ? 8.533   -3.440  -1.248  1.00 9.36  ? 14  PHE X O   1 
ATOM   91  C  CB  . PHE A 1 14 ? 5.468   -2.740  -1.122  1.00 8.87  ? 14  PHE X CB  1 
ATOM   92  C  CG  . PHE A 1 14 ? 3.984   -2.924  -1.446  1.00 8.12  ? 14  PHE X CG  1 
ATOM   93  C  CD1 . PHE A 1 14 ? 3.283   -1.883  -1.968  1.00 8.90  ? 14  PHE X CD1 1 
ATOM   94  C  CD2 . PHE A 1 14 ? 3.296   -4.111  -1.215  1.00 8.37  ? 14  PHE X CD2 1 
ATOM   95  C  CE1 . PHE A 1 14 ? 1.917   -1.997  -2.222  1.00 8.80  ? 14  PHE X CE1 1 
ATOM   96  C  CE2 . PHE A 1 14 ? 1.937   -4.211  -1.486  1.00 9.06  ? 14  PHE X CE2 1 
ATOM   97  C  CZ  . PHE A 1 14 ? 1.259   -3.168  -2.016  1.00 8.38  ? 14  PHE X CZ  1 
ATOM   98  N  N   . VAL A 1 15 ? 8.303   -1.482  -2.321  1.00 9.24  ? 15  VAL X N   1 
ATOM   99  C  CA  . VAL A 1 15 ? 9.702   -1.058  -2.026  1.00 9.25  ? 15  VAL X CA  1 
ATOM   100 C  C   . VAL A 1 15 ? 9.619   0.339   -1.438  1.00 8.43  ? 15  VAL X C   1 
ATOM   101 O  O   . VAL A 1 15 ? 9.362   1.303   -2.170  1.00 9.38  ? 15  VAL X O   1 
ATOM   102 C  CB  . VAL A 1 15 ? 10.568  -1.075  -3.277  1.00 9.46  ? 15  VAL X CB  1 
ATOM   103 C  CG1 . VAL A 1 15 ? 12.041  -0.947  -2.887  1.00 10.95 ? 15  VAL X CG1 1 
ATOM   104 C  CG2 . VAL A 1 15 ? 10.366  -2.310  -4.132  1.00 11.65 ? 15  VAL X CG2 1 
ATOM   105 N  N   . PRO A 1 16 ? 9.767   0.481   -0.132  1.00 9.41  ? 16  PRO X N   1 
ATOM   106 C  CA  . PRO A 1 16 ? 10.062  -0.574  0.850   1.00 10.93 ? 16  PRO X CA  1 
ATOM   107 C  C   . PRO A 1 16 ? 8.802   -1.392  1.261   1.00 11.17 ? 16  PRO X C   1 
ATOM   108 O  O   . PRO A 1 16 ? 7.720   -0.818  1.091   1.00 12.19 ? 16  PRO X O   1 
ATOM   109 C  CB  . PRO A 1 16 ? 10.636  0.258   2.062   1.00 11.37 ? 16  PRO X CB  1 
ATOM   110 C  CG  . PRO A 1 16 ? 9.881   1.556   1.979   1.00 12.42 ? 16  PRO X CG  1 
ATOM   111 C  CD  . PRO A 1 16 ? 9.606   1.803   0.490   1.00 11.35 ? 16  PRO X CD  1 
ATOM   112 N  N   . SER A 1 17 ? 9.018   -2.567  1.821   1.00 11.05 ? 17  SER X N   1 
ATOM   113 C  CA  A SER A 1 17 ? 7.806   -3.321  2.225   0.50 12.10 ? 17  SER X CA  1 
ATOM   114 C  CA  B SER A 1 17 ? 8.023   -3.525  2.302   0.50 11.90 ? 17  SER X CA  1 
ATOM   115 C  C   . SER A 1 17 ? 7.505   -3.100  3.723   1.00 13.00 ? 17  SER X C   1 
ATOM   116 O  O   . SER A 1 17 ? 6.421   -3.428  4.111   1.00 15.72 ? 17  SER X O   1 
ATOM   117 C  CB  A SER A 1 17 ? 7.869   -4.806  1.955   0.50 12.98 ? 17  SER X CB  1 
ATOM   118 C  CB  B SER A 1 17 ? 8.627   -4.914  2.425   0.50 12.14 ? 17  SER X CB  1 
ATOM   119 O  OG  A SER A 1 17 ? 8.994   -5.351  2.640   0.50 13.10 ? 17  SER X OG  1 
ATOM   120 O  OG  B SER A 1 17 ? 8.889   -5.486  1.139   0.50 13.04 ? 17  SER X OG  1 
ATOM   121 N  N   . GLU A 1 18 ? 8.336   -2.398  4.478   1.00 11.55 ? 18  GLU X N   1 
ATOM   122 C  CA  . GLU A 1 18 ? 7.954   -2.001  5.839   1.00 12.00 ? 18  GLU X CA  1 
ATOM   123 C  C   . GLU A 1 18 ? 8.644   -0.710  6.074   1.00 12.65 ? 18  GLU X C   1 
ATOM   124 O  O   . GLU A 1 18 ? 9.831   -0.472  5.749   1.00 13.53 ? 18  GLU X O   1 
ATOM   125 C  CB  . GLU A 1 18 ? 8.383   -3.091  6.835   1.00 12.71 ? 18  GLU X CB  1 
ATOM   126 C  CG  . GLU A 1 18 ? 7.879   -2.791  8.266   1.00 13.94 ? 18  GLU X CG  1 
ATOM   127 C  CD  A GLU A 1 18 ? 8.715   -1.821  9.005   0.60 14.69 ? 18  GLU X CD  1 
ATOM   128 C  CD  B GLU A 1 18 ? 8.275   -3.754  9.344   0.40 16.60 ? 18  GLU X CD  1 
ATOM   129 O  OE1 A GLU A 1 18 ? 9.900   -1.507  8.713   0.60 13.24 ? 18  GLU X OE1 1 
ATOM   130 O  OE1 B GLU A 1 18 ? 7.502   -4.712  9.541   0.40 20.32 ? 18  GLU X OE1 1 
ATOM   131 O  OE2 A GLU A 1 18 ? 8.148   -1.219  9.943   0.60 16.13 ? 18  GLU X OE2 1 
ATOM   132 O  OE2 B GLU A 1 18 ? 9.327   -3.517  10.006  0.40 18.58 ? 18  GLU X OE2 1 
ATOM   133 N  N   . PHE A 1 19 ? 7.900   0.189   6.700   1.00 12.18 ? 19  PHE X N   1 
ATOM   134 C  CA  . PHE A 1 19 ? 8.412   1.483   7.060   1.00 11.68 ? 19  PHE X CA  1 
ATOM   135 C  C   . PHE A 1 19 ? 7.534   2.195   8.101   1.00 12.69 ? 19  PHE X C   1 
ATOM   136 O  O   . PHE A 1 19 ? 6.421   1.750   8.368   1.00 12.47 ? 19  PHE X O   1 
ATOM   137 C  CB  . PHE A 1 19 ? 8.587   2.359   5.789   1.00 13.60 ? 19  PHE X CB  1 
ATOM   138 C  CG  . PHE A 1 19 ? 7.316   2.591   5.031   1.00 12.42 ? 19  PHE X CG  1 
ATOM   139 C  CD1 . PHE A 1 19 ? 6.779   1.644   4.189   1.00 12.04 ? 19  PHE X CD1 1 
ATOM   140 C  CD2 . PHE A 1 19 ? 6.614   3.722   5.235   1.00 13.87 ? 19  PHE X CD2 1 
ATOM   141 C  CE1 . PHE A 1 19 ? 5.586   1.863   3.547   1.00 12.86 ? 19  PHE X CE1 1 
ATOM   142 C  CE2 . PHE A 1 19 ? 5.442   3.950   4.600   1.00 15.46 ? 19  PHE X CE2 1 
ATOM   143 C  CZ  . PHE A 1 19 ? 4.912   3.030   3.765   1.00 13.66 ? 19  PHE X CZ  1 
ATOM   144 N  N   . SER A 1 20 ? 8.059   3.271   8.684   1.00 14.12 ? 20  SER X N   1 
ATOM   145 C  CA  A SER A 1 20 ? 7.307   4.073   9.628   0.50 14.35 ? 20  SER X CA  1 
ATOM   146 C  CA  B SER A 1 20 ? 7.296   4.065   9.617   0.50 14.25 ? 20  SER X CA  1 
ATOM   147 C  C   . SER A 1 20 ? 7.159   5.468   9.070   1.00 15.82 ? 20  SER X C   1 
ATOM   148 O  O   . SER A 1 20 ? 8.040   5.962   8.382   1.00 18.93 ? 20  SER X O   1 
ATOM   149 C  CB  A SER A 1 20 ? 7.962   4.071   11.042  0.50 14.98 ? 20  SER X CB  1 
ATOM   150 C  CB  B SER A 1 20 ? 7.951   4.027   11.017  0.50 14.61 ? 20  SER X CB  1 
ATOM   151 O  OG  A SER A 1 20 ? 8.269   2.772   11.512  0.50 19.77 ? 20  SER X OG  1 
ATOM   152 O  OG  B SER A 1 20 ? 9.156   4.762   10.977  0.50 19.24 ? 20  SER X OG  1 
ATOM   153 N  N   . VAL A 1 21 ? 6.036   6.104   9.398   1.00 15.02 ? 21  VAL X N   1 
ATOM   154 C  CA  . VAL A 1 21 ? 5.742   7.455   9.024   1.00 17.37 ? 21  VAL X CA  1 
ATOM   155 C  C   . VAL A 1 21 ? 5.047   8.132   10.219  1.00 16.59 ? 21  VAL X C   1 
ATOM   156 O  O   . VAL A 1 21 ? 4.260   7.489   10.990  1.00 16.00 ? 21  VAL X O   1 
ATOM   157 C  CB  . VAL A 1 21 ? 4.823   7.386   7.758   1.00 20.00 ? 21  VAL X CB  1 
ATOM   158 C  CG1 . VAL A 1 21 ? 3.377   7.033   8.026   1.00 16.61 ? 21  VAL X CG1 1 
ATOM   159 C  CG2 . VAL A 1 21 ? 5.034   8.507   6.812   1.00 29.91 ? 21  VAL X CG2 1 
ATOM   160 N  N   . PRO A 1 22 ? 5.272   9.452   10.392  1.00 19.41 ? 22  PRO X N   1 
ATOM   161 C  CA  . PRO A 1 22 ? 4.449   10.188  11.327  1.00 15.38 ? 22  PRO X CA  1 
ATOM   162 C  C   . PRO A 1 22 ? 3.023   10.298  10.845  1.00 17.19 ? 22  PRO X C   1 
ATOM   163 O  O   . PRO A 1 22 ? 2.739   10.366  9.633   1.00 17.18 ? 22  PRO X O   1 
ATOM   164 C  CB  . PRO A 1 22 ? 5.081   11.570  11.332  1.00 19.70 ? 22  PRO X CB  1 
ATOM   165 C  CG  . PRO A 1 22 ? 5.941   11.669  10.148  1.00 22.27 ? 22  PRO X CG  1 
ATOM   166 C  CD  . PRO A 1 22 ? 6.253   10.294  9.676   1.00 18.73 ? 22  PRO X CD  1 
ATOM   167 N  N   . ALA A 1 23 ? 2.130   10.354  11.812  1.00 17.55 ? 23  ALA X N   1 
ATOM   168 C  CA  . ALA A 1 23 ? 0.722   10.524  11.532  1.00 18.24 ? 23  ALA X CA  1 
ATOM   169 C  C   . ALA A 1 23 ? 0.417   11.661  10.537  1.00 15.08 ? 23  ALA X C   1 
ATOM   170 O  O   . ALA A 1 23 ? 0.997   12.778  10.657  1.00 17.51 ? 23  ALA X O   1 
ATOM   171 C  CB  . ALA A 1 23 ? -0.072  10.749  12.829  1.00 17.65 ? 23  ALA X CB  1 
ATOM   172 N  N   . GLY A 1 24 ? -0.400  11.324  9.518   1.00 14.75 ? 24  GLY X N   1 
ATOM   173 C  CA  . GLY A 1 24 ? -0.750  12.280  8.525   1.00 14.65 ? 24  GLY X CA  1 
ATOM   174 C  C   . GLY A 1 24 ? 0.237   12.544  7.436   1.00 15.52 ? 24  GLY X C   1 
ATOM   175 O  O   . GLY A 1 24 ? -0.103  13.200  6.426   1.00 18.24 ? 24  GLY X O   1 
ATOM   176 N  N   . GLU A 1 25 ? 1.424   11.958  7.458   1.00 15.26 ? 25  GLU X N   1 
ATOM   177 C  CA  . GLU A 1 25 ? 2.353   12.155  6.326   1.00 16.06 ? 25  GLU X CA  1 
ATOM   178 C  C   . GLU A 1 25 ? 1.862   11.451  5.031   1.00 14.85 ? 25  GLU X C   1 
ATOM   179 O  O   . GLU A 1 25 ? 1.325   10.353  5.060   1.00 15.32 ? 25  GLU X O   1 
ATOM   180 C  CB  . GLU A 1 25 ? 3.740   11.605  6.640   1.00 19.22 ? 25  GLU X CB  1 
ATOM   181 C  CG  . GLU A 1 25 ? 4.699   11.878  5.465   1.00 20.96 ? 25  GLU X CG  1 
ATOM   182 C  CD  . GLU A 1 25 ? 6.111   11.408  5.678   1.00 27.80 ? 25  GLU X CD  1 
ATOM   183 O  OE1 . GLU A 1 25 ? 6.676   11.704  6.718   1.00 32.64 ? 25  GLU X OE1 1 
ATOM   184 O  OE2 . GLU A 1 25 ? 6.680   10.831  4.713   1.00 39.64 ? 25  GLU X OE2 1 
ATOM   185 N  N   . LYS A 1 26 ? 1.991   12.130  3.906   1.00 15.23 ? 26  LYS X N   1 
ATOM   186 C  CA  . LYS A 1 26 ? 1.532   11.518  2.635   1.00 15.62 ? 26  LYS X CA  1 
ATOM   187 C  C   . LYS A 1 26 ? 2.404   10.301  2.298   1.00 14.89 ? 26  LYS X C   1 
ATOM   188 O  O   . LYS A 1 26 ? 3.639   10.302  2.447   1.00 17.61 ? 26  LYS X O   1 
ATOM   189 C  CB  . LYS A 1 26 ? 1.505   12.507  1.494   1.00 17.68 ? 26  LYS X CB  1 
ATOM   190 C  CG  . LYS A 1 26 ? 2.810   12.893  0.983   1.00 25.95 ? 26  LYS X CG  1 
ATOM   191 C  CD  . LYS A 1 26 ? 2.601   13.627  -0.372  1.00 26.82 ? 26  LYS X CD  1 
ATOM   192 C  CE  . LYS A 1 26 ? 3.970   14.275  -0.650  1.00 33.85 ? 26  LYS X CE  1 
ATOM   193 N  NZ  . LYS A 1 26 ? 3.977   15.467  -1.554  1.00 36.19 ? 26  LYS X NZ  1 
ATOM   194 N  N   . ILE A 1 27 ? 1.721   9.230   1.934   1.00 11.75 ? 27  ILE X N   1 
ATOM   195 C  CA  . ILE A 1 27 ? 2.412   8.056   1.402   1.00 11.61 ? 27  ILE X CA  1 
ATOM   196 C  C   . ILE A 1 27 ? 1.988   7.983   -0.080  1.00 11.50 ? 27  ILE X C   1 
ATOM   197 O  O   . ILE A 1 27 ? 0.787   7.896   -0.381  1.00 12.60 ? 27  ILE X O   1 
ATOM   198 C  CB  . ILE A 1 27 ? 1.942   6.804   2.136   1.00 11.44 ? 27  ILE X CB  1 
ATOM   199 C  CG1 . ILE A 1 27 ? 2.180   6.939   3.647   1.00 13.01 ? 27  ILE X CG1 1 
ATOM   200 C  CG2 . ILE A 1 27 ? 2.646   5.560   1.514   1.00 12.60 ? 27  ILE X CG2 1 
ATOM   201 C  CD1 . ILE A 1 27 ? 1.596   5.785   4.454   1.00 14.67 ? 27  ILE X CD1 1 
ATOM   202 N  N   . VAL A 1 28 ? 2.929   7.991   -1.009  1.00 12.08 ? 28  VAL X N   1 
ATOM   203 C  CA  . VAL A 1 28 ? 2.678   7.978   -2.446  1.00 10.77 ? 28  VAL X CA  1 
ATOM   204 C  C   . VAL A 1 28 ? 3.180   6.626   -2.934  1.00 10.85 ? 28  VAL X C   1 
ATOM   205 O  O   . VAL A 1 28 ? 4.382   6.361   -3.039  1.00 11.23 ? 28  VAL X O   1 
ATOM   206 C  CB  . VAL A 1 28 ? 3.412   9.123   -3.188  1.00 11.63 ? 28  VAL X CB  1 
ATOM   207 C  CG1 . VAL A 1 28 ? 3.033   9.043   -4.655  1.00 13.10 ? 28  VAL X CG1 1 
ATOM   208 C  CG2 . VAL A 1 28 ? 3.002   10.499  -2.568  1.00 13.90 ? 28  VAL X CG2 1 
ATOM   209 N  N   . PHE A 1 29 ? 2.236   5.766   -3.286  1.00 10.70 ? 29  PHE X N   1 
ATOM   210 C  CA  . PHE A 1 29 ? 2.549   4.513   -3.946  1.00 9.79  ? 29  PHE X CA  1 
ATOM   211 C  C   . PHE A 1 29 ? 2.668   4.798   -5.438  1.00 12.39 ? 29  PHE X C   1 
ATOM   212 O  O   . PHE A 1 29 ? 1.807   5.363   -6.029  1.00 12.94 ? 29  PHE X O   1 
ATOM   213 C  CB  . PHE A 1 29 ? 1.436   3.492   -3.713  1.00 10.02 ? 29  PHE X CB  1 
ATOM   214 C  CG  . PHE A 1 29 ? 1.269   3.090   -2.289  1.00 9.74  ? 29  PHE X CG  1 
ATOM   215 C  CD1 . PHE A 1 29 ? 1.979   2.040   -1.763  1.00 9.43  ? 29  PHE X CD1 1 
ATOM   216 C  CD2 . PHE A 1 29 ? 0.418   3.738   -1.501  1.00 10.49 ? 29  PHE X CD2 1 
ATOM   217 C  CE1 . PHE A 1 29 ? 1.829   1.670   -0.465  1.00 9.39  ? 29  PHE X CE1 1 
ATOM   218 C  CE2 . PHE A 1 29 ? 0.260   3.384   -0.174  1.00 10.89 ? 29  PHE X CE2 1 
ATOM   219 C  CZ  . PHE A 1 29 ? 0.957   2.347   0.338   1.00 11.45 ? 29  PHE X CZ  1 
ATOM   220 N  N   . LYS A 1 30 ? 3.793   4.456   -5.972  1.00 10.79 ? 30  LYS X N   1 
ATOM   221 C  CA  . LYS A 1 30 ? 4.184   4.762   -7.337  1.00 10.43 ? 30  LYS X CA  1 
ATOM   222 C  C   . LYS A 1 30 ? 4.458   3.496   -8.157  1.00 9.22  ? 30  LYS X C   1 
ATOM   223 O  O   . LYS A 1 30 ? 5.365   2.676   -7.799  1.00 10.21 ? 30  LYS X O   1 
ATOM   224 C  CB  . LYS A 1 30 ? 5.418   5.640   -7.325  1.00 13.38 ? 30  LYS X CB  1 
ATOM   225 C  CG  . LYS A 1 30 ? 5.875   6.161   -8.658  1.00 20.73 ? 30  LYS X CG  1 
ATOM   226 C  CD  . LYS A 1 30 ? 7.174   6.923   -8.450  1.00 28.35 ? 30  LYS X CD  1 
ATOM   227 C  CE  . LYS A 1 30 ? 6.975   8.392   -8.157  1.00 37.71 ? 30  LYS X CE  1 
ATOM   228 N  NZ  . LYS A 1 30 ? 8.254   9.011   -8.645  1.00 38.09 ? 30  LYS X NZ  1 
ATOM   229 N  N   . ASN A 1 31 ? 3.714   3.327   -9.225  1.00 10.11 ? 31  ASN X N   1 
ATOM   230 C  CA  . ASN A 1 31 ? 3.791   2.134   -10.063 1.00 10.76 ? 31  ASN X CA  1 
ATOM   231 C  C   . ASN A 1 31 ? 5.124   2.041   -10.768 1.00 10.73 ? 31  ASN X C   1 
ATOM   232 O  O   . ASN A 1 31 ? 5.517   3.010   -11.413 1.00 12.43 ? 31  ASN X O   1 
ATOM   233 C  CB  . ASN A 1 31 ? 2.621   2.112   -11.044 1.00 10.01 ? 31  ASN X CB  1 
ATOM   234 C  CG  . ASN A 1 31 ? 2.221   0.722   -11.411 1.00 10.07 ? 31  ASN X CG  1 
ATOM   235 O  OD1 . ASN A 1 31 ? 2.459   -0.195  -10.697 1.00 11.16 ? 31  ASN X OD1 1 
ATOM   236 N  ND2 . ASN A 1 31 ? 1.565   0.616   -12.535 1.00 9.79  ? 31  ASN X ND2 1 
ATOM   237 N  N   . ASN A 1 32 ? 5.807   0.924   -10.621 1.00 9.89  ? 32  ASN X N   1 
ATOM   238 C  CA  . ASN A 1 32 ? 7.192   0.829   -11.058 1.00 11.82 ? 32  ASN X CA  1 
ATOM   239 C  C   . ASN A 1 32 ? 7.408   -0.232  -12.152 1.00 13.69 ? 32  ASN X C   1 
ATOM   240 O  O   . ASN A 1 32 ? 7.763   0.149   -13.297 1.00 14.24 ? 32  ASN X O   1 
ATOM   241 C  CB  . ASN A 1 32 ? 8.121   0.678   -9.871  1.00 12.33 ? 32  ASN X CB  1 
ATOM   242 C  CG  . ASN A 1 32 ? 9.594   0.693   -10.272 1.00 12.53 ? 32  ASN X CG  1 
ATOM   243 O  OD1 . ASN A 1 32 ? 10.024  1.571   -10.958 1.00 17.55 ? 32  ASN X OD1 1 
ATOM   244 N  ND2 . ASN A 1 32 ? 10.323  -0.238  -9.804  1.00 11.91 ? 32  ASN X ND2 1 
ATOM   245 N  N   . ALA A 1 33 ? 7.136   -1.474  -11.842 1.00 11.35 ? 33  ALA X N   1 
ATOM   246 C  CA  . ALA A 1 33 ? 7.451   -2.570  -12.742 1.00 10.97 ? 33  ALA X CA  1 
ATOM   247 C  C   . ALA A 1 33 ? 6.586   -3.768  -12.382 1.00 12.11 ? 33  ALA X C   1 
ATOM   248 O  O   . ALA A 1 33 ? 6.225   -3.908  -11.259 1.00 12.87 ? 33  ALA X O   1 
ATOM   249 C  CB  . ALA A 1 33 ? 8.938   -2.937  -12.611 1.00 13.69 ? 33  ALA X CB  1 
ATOM   250 N  N   . GLY A 1 34 ? 6.341   -4.671  -13.317 1.00 14.45 ? 34  GLY X N   1 
ATOM   251 C  CA  . GLY A 1 34 ? 5.653   -5.910  -12.919 1.00 16.61 ? 34  GLY X CA  1 
ATOM   252 C  C   . GLY A 1 34 ? 4.140   -5.800  -12.705 1.00 14.75 ? 34  GLY X C   1 
ATOM   253 O  O   . GLY A 1 34 ? 3.548   -6.484  -11.924 1.00 15.06 ? 34  GLY X O   1 
ATOM   254 N  N   . PHE A 1 35 ? 3.581   -4.913  -13.466 1.00 15.72 ? 35  PHE X N   1 
ATOM   255 C  CA  . PHE A 1 35 ? 2.142   -4.623  -13.521 1.00 15.23 ? 35  PHE X CA  1 
ATOM   256 C  C   . PHE A 1 35 ? 1.286   -5.803  -13.803 1.00 15.48 ? 35  PHE X C   1 
ATOM   257 O  O   . PHE A 1 35 ? 1.738   -6.748  -14.369 1.00 21.16 ? 35  PHE X O   1 
ATOM   258 C  CB  . PHE A 1 35 ? 1.861   -3.695  -14.707 1.00 16.34 ? 35  PHE X CB  1 
ATOM   259 C  CG  . PHE A 1 35 ? 2.859   -2.618  -14.876 1.00 14.60 ? 35  PHE X CG  1 
ATOM   260 C  CD1 . PHE A 1 35 ? 3.375   -2.333  -16.128 1.00 18.64 ? 35  PHE X CD1 1 
ATOM   261 C  CD2 . PHE A 1 35 ? 3.271   -1.917  -13.828 1.00 14.65 ? 35  PHE X CD2 1 
ATOM   262 C  CE1 . PHE A 1 35 ? 4.315   -1.389  -16.246 1.00 17.16 ? 35  PHE X CE1 1 
ATOM   263 C  CE2 . PHE A 1 35 ? 4.224   -0.987  -13.945 1.00 14.93 ? 35  PHE X CE2 1 
ATOM   264 C  CZ  . PHE A 1 35 ? 4.705   -0.697  -15.174 1.00 17.28 ? 35  PHE X CZ  1 
ATOM   265 N  N   . PRO A 1 36 ? 0.015   -5.773  -13.478 1.00 11.73 ? 36  PRO X N   1 
ATOM   266 C  CA  . PRO A 1 36 ? -0.682  -4.693  -12.812 1.00 10.29 ? 36  PRO X CA  1 
ATOM   267 C  C   . PRO A 1 36 ? -0.456  -4.730  -11.276 1.00 9.91  ? 36  PRO X C   1 
ATOM   268 O  O   . PRO A 1 36 ? -0.190  -5.749  -10.709 1.00 11.32 ? 36  PRO X O   1 
ATOM   269 C  CB  . PRO A 1 36 ? -2.121  -5.015  -13.128 1.00 11.70 ? 36  PRO X CB  1 
ATOM   270 C  CG  . PRO A 1 36 ? -2.170  -6.455  -13.145 1.00 15.07 ? 36  PRO X CG  1 
ATOM   271 C  CD  . PRO A 1 36 ? -0.896  -6.905  -13.747 1.00 11.72 ? 36  PRO X CD  1 
ATOM   272 N  N   . HIS A 1 37 ? -0.610  -3.580  -10.641 1.00 10.09 ? 37  HIS X N   1 
ATOM   273 C  CA  . HIS A 1 37 ? -0.586  -3.562  -9.151  1.00 9.30  ? 37  HIS X CA  1 
ATOM   274 C  C   . HIS A 1 37 ? -1.711  -2.678  -8.703  1.00 8.75  ? 37  HIS X C   1 
ATOM   275 O  O   . HIS A 1 37 ? -2.191  -1.777  -9.373  1.00 9.99  ? 37  HIS X O   1 
ATOM   276 C  CB  . HIS A 1 37 ? 0.717   -2.912  -8.649  1.00 10.51 ? 37  HIS X CB  1 
ATOM   277 C  CG  . HIS A 1 37 ? 1.954   -3.633  -8.990  1.00 9.23  ? 37  HIS X CG  1 
ATOM   278 N  ND1 . HIS A 1 37 ? 2.235   -4.926  -8.520  1.00 10.31 ? 37  HIS X ND1 1 
ATOM   279 C  CD2 . HIS A 1 37 ? 3.000   -3.227  -9.740  1.00 9.52  ? 37  HIS X CD2 1 
ATOM   280 C  CE1 . HIS A 1 37 ? 3.460   -5.232  -9.021  1.00 10.39 ? 37  HIS X CE1 1 
ATOM   281 N  NE2 . HIS A 1 37 ? 3.883   -4.223  -9.731  1.00 9.81  ? 37  HIS X NE2 1 
ATOM   282 N  N   . ASN A 1 38 ? -2.085  -2.842  -7.436  1.00 9.52  ? 38  ASN X N   1 
ATOM   283 C  CA  . ASN A 1 38 ? -2.901  -1.804  -6.763  1.00 8.63  ? 38  ASN X CA  1 
ATOM   284 C  C   . ASN A 1 38 ? -2.620  -1.926  -5.280  1.00 8.60  ? 38  ASN X C   1 
ATOM   285 O  O   . ASN A 1 38 ? -1.725  -2.652  -4.840  1.00 9.13  ? 38  ASN X O   1 
ATOM   286 C  CB  . ASN A 1 38 ? -4.376  -1.898  -7.146  1.00 10.57 ? 38  ASN X CB  1 
ATOM   287 C  CG  . ASN A 1 38 ? -5.034  -3.131  -6.687  1.00 10.46 ? 38  ASN X CG  1 
ATOM   288 O  OD1 . ASN A 1 38 ? -4.517  -3.952  -5.924  1.00 10.19 ? 38  ASN X OD1 1 
ATOM   289 N  ND2 . ASN A 1 38 ? -6.314  -3.305  -7.126  1.00 15.10 ? 38  ASN X ND2 1 
ATOM   290 N  N   . VAL A 1 39 ? -3.328  -1.108  -4.506  1.00 8.78  ? 39  VAL X N   1 
ATOM   291 C  CA  . VAL A 1 39 ? -3.024  -0.942  -3.081  1.00 10.17 ? 39  VAL X CA  1 
ATOM   292 C  C   . VAL A 1 39 ? -4.261  -0.928  -2.265  1.00 9.23  ? 39  VAL X C   1 
ATOM   293 O  O   . VAL A 1 39 ? -5.171  -0.091  -2.464  1.00 10.25 ? 39  VAL X O   1 
ATOM   294 C  CB  . VAL A 1 39 ? -2.219  0.354   -2.794  1.00 10.40 ? 39  VAL X CB  1 
ATOM   295 C  CG1 . VAL A 1 39 ? -1.830  0.462   -1.361  1.00 12.83 ? 39  VAL X CG1 1 
ATOM   296 C  CG2 . VAL A 1 39 ? -1.008  0.488   -3.712  1.00 11.99 ? 39  VAL X CG2 1 
ATOM   297 N  N   . LEU A 1 40 ? -4.389  -1.862  -1.371  1.00 9.71  ? 40  LEU X N   1 
ATOM   298 C  CA  . LEU A 1 40 ? -5.532  -1.958  -0.408  1.00 10.35 ? 40  LEU X CA  1 
ATOM   299 C  C   . LEU A 1 40 ? -5.011  -2.149  0.980   1.00 10.64 ? 40  LEU X C   1 
ATOM   300 O  O   . LEU A 1 40 ? -3.902  -2.692  1.151   1.00 12.42 ? 40  LEU X O   1 
ATOM   301 C  CB  . LEU A 1 40 ? -6.523  -3.036  -0.727  1.00 12.56 ? 40  LEU X CB  1 
ATOM   302 C  CG  . LEU A 1 40 ? -7.260  -2.842  -2.118  1.00 13.14 ? 40  LEU X CG  1 
ATOM   303 C  CD1 . LEU A 1 40 ? -6.426  -3.378  -3.271  1.00 13.83 ? 40  LEU X CD1 1 
ATOM   304 C  CD2 . LEU A 1 40 ? -8.590  -3.624  -2.049  1.00 16.15 ? 40  LEU X CD2 1 
ATOM   305 N  N   . PHE A 1 41 ? -5.763  -1.801  1.996   1.00 10.63 ? 41  PHE X N   1 
ATOM   306 C  CA  . PHE A 1 41 ? -5.374  -2.070  3.365   1.00 9.57  ? 41  PHE X CA  1 
ATOM   307 C  C   . PHE A 1 41 ? -6.241  -3.147  3.914   1.00 10.31 ? 41  PHE X C   1 
ATOM   308 O  O   . PHE A 1 41 ? -7.442  -3.281  3.619   1.00 11.10 ? 41  PHE X O   1 
ATOM   309 C  CB  . PHE A 1 41 ? -5.524  -0.822  4.230   1.00 10.70 ? 41  PHE X CB  1 
ATOM   310 C  CG  . PHE A 1 41 ? -4.415  0.133   3.999   1.00 10.21 ? 41  PHE X CG  1 
ATOM   311 C  CD1 . PHE A 1 41 ? -4.422  1.021   2.878   1.00 10.23 ? 41  PHE X CD1 1 
ATOM   312 C  CD2 . PHE A 1 41 ? -3.276  0.186   4.818   1.00 12.08 ? 41  PHE X CD2 1 
ATOM   313 C  CE1 . PHE A 1 41 ? -3.378  1.918   2.656   1.00 10.89 ? 41  PHE X CE1 1 
ATOM   314 C  CE2 . PHE A 1 41 ? -2.253  1.096   4.626   1.00 11.94 ? 41  PHE X CE2 1 
ATOM   315 C  CZ  . PHE A 1 41 ? -2.249  1.945   3.479   1.00 12.49 ? 41  PHE X CZ  1 
ATOM   316 N  N   . ASP A 1 42 ? -5.681  -4.038  4.721   1.00 11.37 ? 42  ASP X N   1 
ATOM   317 C  CA  . ASP A 1 42 ? -6.363  -5.228  5.238   1.00 11.61 ? 42  ASP X CA  1 
ATOM   318 C  C   . ASP A 1 42 ? -7.175  -4.827  6.485   1.00 12.12 ? 42  ASP X C   1 
ATOM   319 O  O   . ASP A 1 42 ? -6.602  -4.446  7.519   1.00 12.66 ? 42  ASP X O   1 
ATOM   320 C  CB  . ASP A 1 42 ? -5.220  -6.190  5.656   1.00 13.60 ? 42  ASP X CB  1 
ATOM   321 C  CG  . ASP A 1 42 ? -5.679  -7.521  6.172   1.00 17.40 ? 42  ASP X CG  1 
ATOM   322 O  OD1 . ASP A 1 42 ? -6.821  -7.709  6.498   1.00 16.30 ? 42  ASP X OD1 1 
ATOM   323 O  OD2 . ASP A 1 42 ? -4.746  -8.403  6.238   1.00 23.53 ? 42  ASP X OD2 1 
ATOM   324 N  N   . GLU A 1 43 ? -8.486  -5.022  6.365   1.00 14.30 ? 43  GLU X N   1 
ATOM   325 C  CA  . GLU A 1 43 ? -9.403  -4.703  7.435   1.00 14.77 ? 43  GLU X CA  1 
ATOM   326 C  C   . GLU A 1 43 ? -9.129  -5.508  8.709   1.00 16.85 ? 43  GLU X C   1 
ATOM   327 O  O   . GLU A 1 43 ? -9.446  -4.973  9.800   1.00 17.96 ? 43  GLU X O   1 
ATOM   328 C  CB  . GLU A 1 43 ? -10.848 -4.958  6.956   1.00 20.20 ? 43  GLU X CB  1 
ATOM   329 C  CG  . GLU A 1 43 ? -11.154 -6.426  6.884   1.00 25.39 ? 43  GLU X CG  1 
ATOM   330 C  CD  . GLU A 1 43 ? -12.541 -6.804  6.402   1.00 37.40 ? 43  GLU X CD  1 
ATOM   331 O  OE1 . GLU A 1 43 ? -12.774 -8.041  6.314   1.00 49.82 ? 43  GLU X OE1 1 
ATOM   332 O  OE2 . GLU A 1 43 ? -13.361 -5.903  6.102   1.00 47.51 ? 43  GLU X OE2 1 
ATOM   333 N  N   . ASP A 1 44 ? -8.442  -6.625  8.616   1.00 16.15 ? 44  ASP X N   1 
ATOM   334 C  CA  . ASP A 1 44 ? -8.117  -7.360  9.818   1.00 19.15 ? 44  ASP X CA  1 
ATOM   335 C  C   . ASP A 1 44 ? -6.754  -7.037  10.350  1.00 18.05 ? 44  ASP X C   1 
ATOM   336 O  O   . ASP A 1 44 ? -6.339  -7.642  11.289  1.00 21.24 ? 44  ASP X O   1 
ATOM   337 C  CB  . ASP A 1 44 ? -8.198  -8.877  9.615   1.00 22.68 ? 44  ASP X CB  1 
ATOM   338 C  CG  . ASP A 1 44 ? -9.449  -9.319  9.023   1.00 33.58 ? 44  ASP X CG  1 
ATOM   339 O  OD1 . ASP A 1 44 ? -9.432  -10.164 8.139   1.00 44.08 ? 44  ASP X OD1 1 
ATOM   340 O  OD2 . ASP A 1 44 ? -10.459 -8.857  9.426   1.00 38.40 ? 44  ASP X OD2 1 
ATOM   341 N  N   . ALA A 1 45 ? -6.038  -6.072  9.772   1.00 14.07 ? 45  ALA X N   1 
ATOM   342 C  CA  . ALA A 1 45 ? -4.737  -5.737  10.247  1.00 13.90 ? 45  ALA X CA  1 
ATOM   343 C  C   . ALA A 1 45 ? -4.427  -4.238  10.110  1.00 12.53 ? 45  ALA X C   1 
ATOM   344 O  O   . ALA A 1 45 ? -3.425  -3.840  9.522   1.00 13.58 ? 45  ALA X O   1 
ATOM   345 C  CB  . ALA A 1 45 ? -3.665  -6.585  9.545   1.00 16.34 ? 45  ALA X CB  1 
ATOM   346 N  N   . VAL A 1 46 ? -5.330  -3.459  10.705  1.00 12.28 ? 46  VAL X N   1 
ATOM   347 C  CA  . VAL A 1 46 ? -5.116  -2.060  10.859  1.00 12.03 ? 46  VAL X CA  1 
ATOM   348 C  C   . VAL A 1 46 ? -5.578  -1.639  12.294  1.00 10.49 ? 46  VAL X C   1 
ATOM   349 O  O   . VAL A 1 46 ? -6.278  -2.423  12.931  1.00 13.60 ? 46  VAL X O   1 
ATOM   350 C  CB  . VAL A 1 46 ? -5.948  -1.223  9.816   1.00 11.49 ? 46  VAL X CB  1 
ATOM   351 C  CG1 . VAL A 1 46 ? -5.435  -1.449  8.390   1.00 11.25 ? 46  VAL X CG1 1 
ATOM   352 C  CG2 . VAL A 1 46 ? -7.447  -1.598  9.839   1.00 11.50 ? 46  VAL X CG2 1 
ATOM   353 N  N   . PRO A 1 47 ? -5.224  -0.432  12.684  1.00 11.82 ? 47  PRO X N   1 
ATOM   354 C  CA  . PRO A 1 47 ? -5.625  -0.016  14.061  1.00 12.37 ? 47  PRO X CA  1 
ATOM   355 C  C   . PRO A 1 47 ? -7.127  0.038   14.215  1.00 14.11 ? 47  PRO X C   1 
ATOM   356 O  O   . PRO A 1 47 ? -7.849  0.361   13.256  1.00 13.02 ? 47  PRO X O   1 
ATOM   357 C  CB  . PRO A 1 47 ? -4.966  1.336   14.214  1.00 12.85 ? 47  PRO X CB  1 
ATOM   358 C  CG  . PRO A 1 47 ? -3.741  1.307   13.219  1.00 14.20 ? 47  PRO X CG  1 
ATOM   359 C  CD  . PRO A 1 47 ? -4.334  0.520   12.065  1.00 12.42 ? 47  PRO X CD  1 
ATOM   360 N  N   . SER A 1 48 ? -7.612  -0.192  15.419  1.00 15.89 ? 48  SER X N   1 
ATOM   361 C  CA  A SER A 1 48 ? -8.941  0.075   15.860  0.50 15.53 ? 48  SER X CA  1 
ATOM   362 C  CA  B SER A 1 48 ? -8.985  0.040   15.770  0.50 15.48 ? 48  SER X CA  1 
ATOM   363 C  C   . SER A 1 48 ? -9.321  1.481   15.452  1.00 14.02 ? 48  SER X C   1 
ATOM   364 O  O   . SER A 1 48 ? -8.583  2.459   15.723  1.00 14.91 ? 48  SER X O   1 
ATOM   365 C  CB  A SER A 1 48 ? -9.043  0.034   17.394  0.50 17.68 ? 48  SER X CB  1 
ATOM   366 C  CB  B SER A 1 48 ? -9.286  -0.211  17.244  0.50 17.51 ? 48  SER X CB  1 
ATOM   367 O  OG  A SER A 1 48 ? -10.377 -0.313  17.666  0.50 20.66 ? 48  SER X OG  1 
ATOM   368 O  OG  B SER A 1 48 ? -9.228  -1.583  17.449  0.50 20.02 ? 48  SER X OG  1 
ATOM   369 N  N   . GLY A 1 49 ? -10.448 1.590   14.779  1.00 14.70 ? 49  GLY X N   1 
ATOM   370 C  CA  . GLY A 1 49 ? -10.937 2.880   14.397  1.00 14.77 ? 49  GLY X CA  1 
ATOM   371 C  C   . GLY A 1 49 ? -10.704 3.232   12.926  1.00 11.82 ? 49  GLY X C   1 
ATOM   372 O  O   . GLY A 1 49 ? -11.236 4.197   12.417  1.00 12.95 ? 49  GLY X O   1 
ATOM   373 N  N   . VAL A 1 50 ? -9.905  2.427   12.244  1.00 12.57 ? 50  VAL X N   1 
ATOM   374 C  CA  . VAL A 1 50 ? -9.614  2.650   10.824  1.00 13.20 ? 50  VAL X CA  1 
ATOM   375 C  C   . VAL A 1 50 ? -10.598 1.985   9.919   1.00 11.65 ? 50  VAL X C   1 
ATOM   376 O  O   . VAL A 1 50 ? -10.918 0.817   10.094  1.00 13.59 ? 50  VAL X O   1 
ATOM   377 C  CB  . VAL A 1 50 ? -8.182  2.171   10.484  1.00 12.29 ? 50  VAL X CB  1 
ATOM   378 C  CG1 . VAL A 1 50 ? -7.925  2.216   8.985   1.00 13.17 ? 50  VAL X CG1 1 
ATOM   379 C  CG2 . VAL A 1 50 ? -7.187  3.058   11.166  1.00 12.78 ? 50  VAL X CG2 1 
ATOM   380 N  N   . ASP A 1 51 ? -11.102 2.765   8.969   1.00 12.79 ? 51  ASP X N   1 
ATOM   381 C  CA  . ASP A 1 51 ? -11.983 2.279   7.919   1.00 12.22 ? 51  ASP X CA  1 
ATOM   382 C  C   . ASP A 1 51 ? -11.163 2.066   6.643   1.00 11.97 ? 51  ASP X C   1 
ATOM   383 O  O   . ASP A 1 51 ? -10.772 3.059   6.013   1.00 12.81 ? 51  ASP X O   1 
ATOM   384 C  CB  . ASP A 1 51 ? -13.078 3.308   7.684   1.00 13.77 ? 51  ASP X CB  1 
ATOM   385 C  CG  . ASP A 1 51 ? -13.942 3.006   6.485   1.00 15.35 ? 51  ASP X CG  1 
ATOM   386 O  OD1 . ASP A 1 51 ? -13.860 1.960   5.902   1.00 15.99 ? 51  ASP X OD1 1 
ATOM   387 O  OD2 . ASP A 1 51 ? -14.755 3.872   6.177   1.00 18.86 ? 51  ASP X OD2 1 
ATOM   388 N  N   . VAL A 1 52 ? -10.824 0.836   6.308   1.00 11.68 ? 52  VAL X N   1 
ATOM   389 C  CA  . VAL A 1 52 ? -9.931  0.632   5.156   1.00 11.69 ? 52  VAL X CA  1 
ATOM   390 C  C   . VAL A 1 52 ? -10.480 1.074   3.802   1.00 14.01 ? 52  VAL X C   1 
ATOM   391 O  O   . VAL A 1 52 ? -9.707  1.323   2.880   1.00 11.77 ? 52  VAL X O   1 
ATOM   392 C  CB  . VAL A 1 52 ? -9.384  -0.792  5.033   1.00 11.90 ? 52  VAL X CB  1 
ATOM   393 C  CG1 . VAL A 1 52 ? -8.625  -1.141  6.316   1.00 12.83 ? 52  VAL X CG1 1 
ATOM   394 C  CG2 . VAL A 1 52 ? -10.498 -1.803  4.779   1.00 12.48 ? 52  VAL X CG2 1 
ATOM   395 N  N   . SER A 1 53 ? -11.778 1.197   3.710   1.00 12.33 ? 53  SER X N   1 
ATOM   396 C  CA  . SER A 1 53 ? -12.349 1.631   2.450   1.00 12.93 ? 53  SER X CA  1 
ATOM   397 C  C   . SER A 1 53 ? -11.917 3.043   2.078   1.00 15.17 ? 53  SER X C   1 
ATOM   398 O  O   . SER A 1 53 ? -11.870 3.359   0.906   1.00 16.36 ? 53  SER X O   1 
ATOM   399 C  CB  . SER A 1 53 ? -13.839 1.491   2.442   1.00 13.64 ? 53  SER X CB  1 
ATOM   400 O  OG  . SER A 1 53 ? -14.416 2.534   3.104   1.00 19.27 ? 53  SER X OG  1 
ATOM   401 N  N   . LYS A 1 54 ? -11.563 3.875   3.014   1.00 13.21 ? 54  LYS X N   1 
ATOM   402 C  CA  . LYS A 1 54 ? -11.170 5.245   2.777   1.00 13.90 ? 54  LYS X CA  1 
ATOM   403 C  C   . LYS A 1 54 ? -9.763  5.379   2.315   1.00 14.17 ? 54  LYS X C   1 
ATOM   404 O  O   . LYS A 1 54 ? -9.369  6.462   1.854   1.00 15.94 ? 54  LYS X O   1 
ATOM   405 C  CB  . LYS A 1 54 ? -11.265 6.029   4.097   1.00 20.58 ? 54  LYS X CB  1 
ATOM   406 C  CG  . LYS A 1 54 ? -12.672 6.330   4.547   1.00 21.51 ? 54  LYS X CG  1 
ATOM   407 C  CD  . LYS A 1 54 ? -12.572 7.513   5.492   1.00 24.54 ? 54  LYS X CD  1 
ATOM   408 C  CE  . LYS A 1 54 ? -13.909 7.772   6.150   1.00 23.89 ? 54  LYS X CE  1 
ATOM   409 N  NZ  . LYS A 1 54 ? -14.115 6.861   7.314   1.00 25.56 ? 54  LYS X NZ  1 
ATOM   410 N  N   . ILE A 1 55 ? -8.971  4.338   2.478   1.00 12.76 ? 55  ILE X N   1 
ATOM   411 C  CA  . ILE A 1 55 ? -7.564  4.423   2.202   1.00 12.94 ? 55  ILE X CA  1 
ATOM   412 C  C   . ILE A 1 55 ? -7.131  3.350   1.236   1.00 11.81 ? 55  ILE X C   1 
ATOM   413 O  O   . ILE A 1 55 ? -5.932  3.084   1.081   1.00 13.40 ? 55  ILE X O   1 
ATOM   414 C  CB  . ILE A 1 55 ? -6.755  4.332   3.509   1.00 12.51 ? 55  ILE X CB  1 
ATOM   415 C  CG1 . ILE A 1 55 ? -7.148  3.081   4.320   1.00 11.71 ? 55  ILE X CG1 1 
ATOM   416 C  CG2 . ILE A 1 55 ? -6.943  5.607   4.324   1.00 14.73 ? 55  ILE X CG2 1 
ATOM   417 C  CD1 A ILE A 1 55 ? -6.187  2.753   5.555   0.73 8.55  ? 55  ILE X CD1 1 
ATOM   418 C  CD1 B ILE A 1 55 ? -8.148  3.268   5.372   0.27 13.08 ? 55  ILE X CD1 1 
ATOM   419 N  N   . SER A 1 56 ? -8.083  2.735   0.570   1.00 11.44 ? 56  SER X N   1 
ATOM   420 C  CA  . SER A 1 56 ? -7.802  1.617   -0.330  1.00 11.84 ? 56  SER X CA  1 
ATOM   421 C  C   . SER A 1 56 ? -8.326  1.898   -1.723  1.00 13.06 ? 56  SER X C   1 
ATOM   422 O  O   . SER A 1 56 ? -9.335  2.500   -1.883  1.00 15.06 ? 56  SER X O   1 
ATOM   423 C  CB  . SER A 1 56 ? -8.493  0.338   0.181   1.00 11.38 ? 56  SER X CB  1 
ATOM   424 O  OG  . SER A 1 56 ? -8.002  -0.094  1.429   1.00 10.59 ? 56  SER X OG  1 
ATOM   425 N  N   . MET A 1 57 ? -7.641  1.406   -2.717  1.00 11.76 ? 57  MET X N   1 
ATOM   426 C  CA  . MET A 1 57 ? -8.216  1.423   -4.074  1.00 12.13 ? 57  MET X CA  1 
ATOM   427 C  C   . MET A 1 57 ? -9.363  0.382   -4.171  1.00 15.29 ? 57  MET X C   1 
ATOM   428 O  O   . MET A 1 57 ? -9.401  -0.561  -3.358  1.00 16.56 ? 57  MET X O   1 
ATOM   429 C  CB  . MET A 1 57 ? -7.092  1.067   -5.050  1.00 12.55 ? 57  MET X CB  1 
ATOM   430 C  CG  . MET A 1 57 ? -6.026  2.123   -5.149  1.00 11.81 ? 57  MET X CG  1 
ATOM   431 S  SD  . MET A 1 57 ? -4.604  1.686   -6.234  1.00 11.77 ? 57  MET X SD  1 
ATOM   432 C  CE  . MET A 1 57 ? -5.428  1.557   -7.849  1.00 14.68 ? 57  MET X CE  1 
ATOM   433 N  N   . SER A 1 58 ? -10.240 0.514   -5.178  1.00 17.80 ? 58  SER X N   1 
ATOM   434 C  CA  A SER A 1 58 ? -11.008 -0.686  -5.512  0.50 19.02 ? 58  SER X CA  1 
ATOM   435 C  CA  B SER A 1 58 ? -11.041 -0.684  -5.514  0.50 19.06 ? 58  SER X CA  1 
ATOM   436 C  C   . SER A 1 58 ? -10.291 -1.865  -6.037  1.00 21.17 ? 58  SER X C   1 
ATOM   437 O  O   . SER A 1 58 ? -9.342  -1.561  -6.753  1.00 17.08 ? 58  SER X O   1 
ATOM   438 C  CB  A SER A 1 58 ? -12.094 -0.374  -6.528  0.50 20.99 ? 58  SER X CB  1 
ATOM   439 C  CB  B SER A 1 58 ? -12.081 -0.343  -6.611  0.50 20.82 ? 58  SER X CB  1 
ATOM   440 O  OG  A SER A 1 58 ? -12.215 0.988   -6.598  0.50 20.93 ? 58  SER X OG  1 
ATOM   441 O  OG  B SER A 1 58 ? -12.806 -1.492  -6.962  0.50 21.66 ? 58  SER X OG  1 
ATOM   442 N  N   . GLU A 1 59 ? -10.627 -3.128  -5.788  1.00 18.10 ? 59  GLU X N   1 
ATOM   443 C  CA  . GLU A 1 59 ? -9.946  -4.257  -6.333  1.00 19.66 ? 59  GLU X CA  1 
ATOM   444 C  C   . GLU A 1 59 ? -9.988  -4.174  -7.818  1.00 19.10 ? 59  GLU X C   1 
ATOM   445 O  O   . GLU A 1 59 ? -9.120  -4.746  -8.515  1.00 18.98 ? 59  GLU X O   1 
ATOM   446 C  CB  . GLU A 1 59 ? -10.477 -5.663  -5.892  1.00 22.15 ? 59  GLU X CB  1 
ATOM   447 C  CG  . GLU A 1 59 ? -10.170 -6.143  -4.498  1.00 18.45 ? 59  GLU X CG  1 
ATOM   448 C  CD  . GLU A 1 59 ? -11.218 -5.651  -3.520  1.00 22.09 ? 59  GLU X CD  1 
ATOM   449 O  OE1 . GLU A 1 59 ? -12.092 -4.867  -3.911  1.00 23.99 ? 59  GLU X OE1 1 
ATOM   450 O  OE2 . GLU A 1 59 ? -11.113 -6.039  -2.392  1.00 23.99 ? 59  GLU X OE2 1 
ATOM   451 N  N   . GLU A 1 60 ? -11.020 -3.538  -8.323  1.00 15.86 ? 60  GLU X N   1 
ATOM   452 C  CA  . GLU A 1 60 ? -11.188 -3.477  -9.746  1.00 15.55 ? 60  GLU X CA  1 
ATOM   453 C  C   . GLU A 1 60 ? -10.240 -2.465  -10.388 1.00 14.98 ? 60  GLU X C   1 
ATOM   454 O  O   . GLU A 1 60 ? -10.221 -2.409  -11.580 1.00 18.51 ? 60  GLU X O   1 
ATOM   455 C  CB  . GLU A 1 60 ? -12.651 -3.223  -10.107 1.00 15.66 ? 60  GLU X CB  1 
ATOM   456 C  CG  . GLU A 1 60 ? -13.561 -4.334  -9.620  1.00 20.31 ? 60  GLU X CG  1 
ATOM   457 C  CD  . GLU A 1 60 ? -15.021 -4.189  -9.962  1.00 27.31 ? 60  GLU X CD  1 
ATOM   458 O  OE1 . GLU A 1 60 ? -15.382 -3.392  -10.768 1.00 35.31 ? 60  GLU X OE1 1 
ATOM   459 O  OE2 . GLU A 1 60 ? -15.792 -4.922  -9.412  1.00 29.75 ? 60  GLU X OE2 1 
ATOM   460 N  N   A ASP A 1 61 ? -9.680  -1.530  -9.631  0.59 12.83 ? 61  ASP X N   1 
ATOM   461 N  N   B ASP A 1 61 ? -9.663  -1.523  -9.648  0.41 13.40 ? 61  ASP X N   1 
ATOM   462 C  CA  A ASP A 1 61 ? -8.853  -0.457  -10.165 0.59 11.55 ? 61  ASP X CA  1 
ATOM   463 C  CA  B ASP A 1 61 ? -8.841  -0.490  -10.281 0.41 12.09 ? 61  ASP X CA  1 
ATOM   464 C  C   A ASP A 1 61 ? -7.425  -1.052  -10.183 0.59 12.77 ? 61  ASP X C   1 
ATOM   465 C  C   B ASP A 1 61 ? -7.363  -0.831  -10.187 0.41 11.67 ? 61  ASP X C   1 
ATOM   466 O  O   A ASP A 1 61 ? -6.913  -1.502  -9.151  0.59 13.91 ? 61  ASP X O   1 
ATOM   467 O  O   B ASP A 1 61 ? -6.763  -0.867  -9.104  0.41 10.22 ? 61  ASP X O   1 
ATOM   468 C  CB  A ASP A 1 61 ? -8.914  0.758   -9.210  0.59 12.38 ? 61  ASP X CB  1 
ATOM   469 C  CB  B ASP A 1 61 ? -9.024  0.867   -9.657  0.41 13.25 ? 61  ASP X CB  1 
ATOM   470 C  CG  A ASP A 1 61 ? -8.256  2.013   -9.761  0.59 12.13 ? 61  ASP X CG  1 
ATOM   471 C  CG  B ASP A 1 61 ? -10.381 1.442   -9.922  0.41 16.54 ? 61  ASP X CG  1 
ATOM   472 O  OD1 A ASP A 1 61 ? -8.210  3.059   -9.024  0.59 16.39 ? 61  ASP X OD1 1 
ATOM   473 O  OD1 B ASP A 1 61 ? -10.930 1.321   -11.056 0.41 18.63 ? 61  ASP X OD1 1 
ATOM   474 O  OD2 A ASP A 1 61 ? -7.740  1.962   -10.899 0.59 15.26 ? 61  ASP X OD2 1 
ATOM   475 O  OD2 B ASP A 1 61 ? -10.891 2.122   -9.011  0.41 20.84 ? 61  ASP X OD2 1 
ATOM   476 N  N   . LEU A 1 62 ? -6.847  -1.139  -11.348 1.00 11.82 ? 62  LEU X N   1 
ATOM   477 C  CA  . LEU A 1 62 ? -5.490  -1.717  -11.508 1.00 12.81 ? 62  LEU X CA  1 
ATOM   478 C  C   . LEU A 1 62 ? -4.632  -0.648  -12.143 1.00 13.09 ? 62  LEU X C   1 
ATOM   479 O  O   . LEU A 1 62 ? -5.026  -0.004  -13.099 1.00 16.60 ? 62  LEU X O   1 
ATOM   480 C  CB  . LEU A 1 62 ? -5.499  -2.963  -12.349 1.00 15.01 ? 62  LEU X CB  1 
ATOM   481 C  CG  . LEU A 1 62 ? -6.261  -4.117  -11.749 1.00 20.97 ? 62  LEU X CG  1 
ATOM   482 C  CD1 . LEU A 1 62 ? -6.414  -5.187  -12.808 1.00 24.60 ? 62  LEU X CD1 1 
ATOM   483 C  CD2 . LEU A 1 62 ? -5.518  -4.626  -10.536 1.00 24.60 ? 62  LEU X CD2 1 
ATOM   484 N  N   . LEU A 1 63 ? -3.422  -0.509  -11.659 1.00 11.71 ? 63  LEU X N   1 
ATOM   485 C  CA  . LEU A 1 63 ? -2.421  0.391   -12.177 1.00 9.55  ? 63  LEU X CA  1 
ATOM   486 C  C   . LEU A 1 63 ? -1.605  -0.400  -13.145 1.00 8.82  ? 63  LEU X C   1 
ATOM   487 O  O   . LEU A 1 63 ? -0.884  -1.362  -12.802 1.00 10.41 ? 63  LEU X O   1 
ATOM   488 C  CB  . LEU A 1 63 ? -1.561  0.990   -11.094 1.00 10.02 ? 63  LEU X CB  1 
ATOM   489 C  CG  . LEU A 1 63 ? -2.355  1.693   -9.988  1.00 10.87 ? 63  LEU X CG  1 
ATOM   490 C  CD1 . LEU A 1 63 ? -1.404  2.293   -8.988  1.00 14.36 ? 63  LEU X CD1 1 
ATOM   491 C  CD2 . LEU A 1 63 ? -3.260  2.862   -10.581 1.00 12.45 ? 63  LEU X CD2 1 
ATOM   492 N  N   . ASN A 1 64 ? -1.651  -0.020  -14.410 1.00 10.95 ? 64  ASN X N   1 
ATOM   493 C  CA  . ASN A 1 64 ? -1.041  -0.796  -15.477 1.00 11.28 ? 64  ASN X CA  1 
ATOM   494 C  C   . ASN A 1 64 ? 0.050   -0.067  -16.184 1.00 12.24 ? 64  ASN X C   1 
ATOM   495 O  O   . ASN A 1 64 ? 0.489   -0.543  -17.214 1.00 15.27 ? 64  ASN X O   1 
ATOM   496 C  CB  . ASN A 1 64 ? -2.115  -1.145  -16.545 1.00 13.21 ? 64  ASN X CB  1 
ATOM   497 C  CG  . ASN A 1 64 ? -3.118  -2.156  -16.069 1.00 14.55 ? 64  ASN X CG  1 
ATOM   498 O  OD1 . ASN A 1 64 ? -2.796  -3.306  -15.938 1.00 20.11 ? 64  ASN X OD1 1 
ATOM   499 N  ND2 . ASN A 1 64 ? -4.315  -1.732  -15.852 1.00 16.61 ? 64  ASN X ND2 1 
ATOM   500 N  N   . ALA A 1 65 ? 0.457   1.096   -15.704 1.00 9.88  ? 65  ALA X N   1 
ATOM   501 C  CA  . ALA A 1 65 ? 1.515   1.823   -16.395 1.00 11.25 ? 65  ALA X CA  1 
ATOM   502 C  C   . ALA A 1 65 ? 2.457   2.470   -15.397 1.00 11.08 ? 65  ALA X C   1 
ATOM   503 O  O   . ALA A 1 65 ? 2.052   2.923   -14.285 1.00 10.64 ? 65  ALA X O   1 
ATOM   504 C  CB  . ALA A 1 65 ? 0.909   2.921   -17.272 1.00 10.81 ? 65  ALA X CB  1 
ATOM   505 N  N   . LYS A 1 66 ? 3.739   2.528   -15.753 1.00 11.62 ? 66  LYS X N   1 
ATOM   506 C  CA  . LYS A 1 66 ? 4.721   3.072   -14.891 1.00 12.84 ? 66  LYS X CA  1 
ATOM   507 C  C   . LYS A 1 66 ? 4.475   4.551   -14.594 1.00 13.28 ? 66  LYS X C   1 
ATOM   508 O  O   . LYS A 1 66 ? 4.036   5.331   -15.460 1.00 15.91 ? 66  LYS X O   1 
ATOM   509 C  CB  . LYS A 1 66 ? 6.079   2.846   -15.535 1.00 12.91 ? 66  LYS X CB  1 
ATOM   510 C  CG  . LYS A 1 66 ? 7.258   3.256   -14.645 1.00 14.18 ? 66  LYS X CG  1 
ATOM   511 C  CD  . LYS A 1 66 ? 8.603   2.886   -15.303 1.00 14.97 ? 66  LYS X CD  1 
ATOM   512 C  CE  . LYS A 1 66 ? 9.715   3.172   -14.316 1.00 17.09 ? 66  LYS X CE  1 
ATOM   513 N  NZ  . LYS A 1 66 ? 10.954  3.105   -15.166 1.00 21.64 ? 66  LYS X NZ  1 
ATOM   514 N  N   . GLY A 1 67 ? 4.634   4.916   -13.314 1.00 11.13 ? 67  GLY X N   1 
ATOM   515 C  CA  . GLY A 1 67 ? 4.443   6.294   -12.933 1.00 11.98 ? 67  GLY X CA  1 
ATOM   516 C  C   . GLY A 1 67 ? 3.092   6.681   -12.428 1.00 11.86 ? 67  GLY X C   1 
ATOM   517 O  O   . GLY A 1 67 ? 2.950   7.780   -11.833 1.00 15.05 ? 67  GLY X O   1 
ATOM   518 N  N   . GLU A 1 68 ? 2.107   5.837   -12.545 1.00 11.21 ? 68  GLU X N   1 
ATOM   519 C  CA  . GLU A 1 68 ? 0.831   6.137   -11.910 1.00 11.51 ? 68  GLU X CA  1 
ATOM   520 C  C   . GLU A 1 68 ? 1.012   6.050   -10.423 1.00 10.39 ? 68  GLU X C   1 
ATOM   521 O  O   . GLU A 1 68 ? 1.848   5.312   -9.899  1.00 11.95 ? 68  GLU X O   1 
ATOM   522 C  CB  . GLU A 1 68 ? -0.169  5.087   -12.285 1.00 9.94  ? 68  GLU X CB  1 
ATOM   523 C  CG  . GLU A 1 68 ? -0.597  5.163   -13.803 1.00 10.32 ? 68  GLU X CG  1 
ATOM   524 C  CD  . GLU A 1 68 ? -1.346  3.969   -14.214 1.00 11.46 ? 68  GLU X CD  1 
ATOM   525 O  OE1 . GLU A 1 68 ? -2.295  4.085   -15.026 1.00 15.79 ? 68  GLU X OE1 1 
ATOM   526 O  OE2 . GLU A 1 68 ? -1.066  2.816   -13.818 1.00 11.88 ? 68  GLU X OE2 1 
ATOM   527 N  N   . THR A 1 69 ? 0.239   6.841   -9.706  1.00 11.06 ? 69  THR X N   1 
ATOM   528 C  CA  . THR A 1 69 ? 0.311   6.863   -8.225  1.00 13.28 ? 69  THR X CA  1 
ATOM   529 C  C   . THR A 1 69 ? -1.018  6.707   -7.563  1.00 13.30 ? 69  THR X C   1 
ATOM   530 O  O   . THR A 1 69 ? -2.093  6.940   -8.116  1.00 15.05 ? 69  THR X O   1 
ATOM   531 C  CB  . THR A 1 69 ? 0.971   8.195   -7.713  1.00 13.97 ? 69  THR X CB  1 
ATOM   532 O  OG1 . THR A 1 69 ? 0.085   9.236   -8.138  1.00 16.67 ? 69  THR X OG1 1 
ATOM   533 C  CG2 . THR A 1 69 ? 2.368   8.450   -8.314  1.00 13.54 ? 69  THR X CG2 1 
ATOM   534 N  N   . PHE A 1 70 ? -0.952  6.213   -6.332  1.00 11.86 ? 70  PHE X N   1 
ATOM   535 C  CA  . PHE A 1 70 ? -2.042  6.250   -5.373  1.00 11.17 ? 70  PHE X CA  1 
ATOM   536 C  C   . PHE A 1 70 ? -1.487  6.779   -4.074  1.00 12.83 ? 70  PHE X C   1 
ATOM   537 O  O   . PHE A 1 70 ? -0.474  6.297   -3.544  1.00 12.38 ? 70  PHE X O   1 
ATOM   538 C  CB  . PHE A 1 70 ? -2.561  4.807   -5.189  1.00 11.95 ? 70  PHE X CB  1 
ATOM   539 C  CG  . PHE A 1 70 ? -3.583  4.723   -4.086  1.00 11.93 ? 70  PHE X CG  1 
ATOM   540 C  CD1 . PHE A 1 70 ? -4.804  5.374   -4.269  1.00 12.83 ? 70  PHE X CD1 1 
ATOM   541 C  CD2 . PHE A 1 70 ? -3.352  4.015   -2.924  1.00 13.51 ? 70  PHE X CD2 1 
ATOM   542 C  CE1 . PHE A 1 70 ? -5.790  5.319   -3.285  1.00 13.77 ? 70  PHE X CE1 1 
ATOM   543 C  CE2 . PHE A 1 70 ? -4.349  3.935   -1.949  1.00 14.80 ? 70  PHE X CE2 1 
ATOM   544 C  CZ  . PHE A 1 70 ? -5.521  4.648   -2.100  1.00 14.17 ? 70  PHE X CZ  1 
ATOM   545 N  N   . GLU A 1 71 ? -2.112  7.835   -3.566  1.00 12.26 ? 71  GLU X N   1 
ATOM   546 C  CA  . GLU A 1 71 ? -1.626  8.540   -2.395  1.00 13.85 ? 71  GLU X CA  1 
ATOM   547 C  C   . GLU A 1 71 ? -2.632  8.469   -1.291  1.00 13.29 ? 71  GLU X C   1 
ATOM   548 O  O   . GLU A 1 71 ? -3.830  8.591   -1.522  1.00 13.32 ? 71  GLU X O   1 
ATOM   549 C  CB  . GLU A 1 71 ? -1.322  10.008  -2.810  1.00 16.27 ? 71  GLU X CB  1 
ATOM   550 C  CG  . GLU A 1 71 ? -0.712  10.812  -1.621  1.00 19.12 ? 71  GLU X CG  1 
ATOM   551 C  CD  . GLU A 1 71 ? -1.763  11.481  -0.680  1.00 20.96 ? 71  GLU X CD  1 
ATOM   552 O  OE1 . GLU A 1 71 ? -2.884  11.713  -1.162  1.00 22.60 ? 71  GLU X OE1 1 
ATOM   553 O  OE2 . GLU A 1 71 ? -1.563  11.767  0.520   1.00 22.80 ? 71  GLU X OE2 1 
ATOM   554 N  N   . VAL A 1 72 ? -2.156  8.270   -0.057  1.00 13.10 ? 72  VAL X N   1 
ATOM   555 C  CA  A VAL A 1 72 ? -2.988  8.259   1.084   0.50 12.46 ? 72  VAL X CA  1 
ATOM   556 C  CA  B VAL A 1 72 ? -3.019  8.261   1.125   0.50 12.85 ? 72  VAL X CA  1 
ATOM   557 C  C   . VAL A 1 72 ? -2.202  8.911   2.231   1.00 12.53 ? 72  VAL X C   1 
ATOM   558 O  O   . VAL A 1 72 ? -0.970  8.897   2.227   1.00 13.59 ? 72  VAL X O   1 
ATOM   559 C  CB  A VAL A 1 72 ? -3.334  6.795   1.357   0.50 13.79 ? 72  VAL X CB  1 
ATOM   560 C  CB  B VAL A 1 72 ? -3.385  6.826   1.627   0.50 14.40 ? 72  VAL X CB  1 
ATOM   561 C  CG1 A VAL A 1 72 ? -2.168  6.091   2.073   0.50 11.70 ? 72  VAL X CG1 1 
ATOM   562 C  CG1 B VAL A 1 72 ? -4.025  6.893   2.972   0.50 17.57 ? 72  VAL X CG1 1 
ATOM   563 C  CG2 A VAL A 1 72 ? -4.533  6.798   2.149   0.50 14.49 ? 72  VAL X CG2 1 
ATOM   564 C  CG2 B VAL A 1 72 ? -4.160  5.980   0.626   0.50 13.88 ? 72  VAL X CG2 1 
ATOM   565 N  N   . ALA A 1 73 ? -2.903  9.380   3.218   1.00 13.13 ? 73  ALA X N   1 
ATOM   566 C  CA  . ALA A 1 73 ? -2.319  9.878   4.473   1.00 11.76 ? 73  ALA X CA  1 
ATOM   567 C  C   . ALA A 1 73 ? -3.112  9.321   5.646   1.00 12.97 ? 73  ALA X C   1 
ATOM   568 O  O   . ALA A 1 73 ? -4.357  9.480   5.747   1.00 16.14 ? 73  ALA X O   1 
ATOM   569 C  CB  . ALA A 1 73 ? -2.464  11.404  4.456   1.00 12.45 ? 73  ALA X CB  1 
ATOM   570 N  N   . LEU A 1 74 ? -2.392  8.642   6.546   1.00 13.18 ? 74  LEU X N   1 
ATOM   571 C  CA  . LEU A 1 74 ? -2.976  7.869   7.615   1.00 14.38 ? 74  LEU X CA  1 
ATOM   572 C  C   . LEU A 1 74 ? -2.910  8.642   8.949   1.00 15.49 ? 74  LEU X C   1 
ATOM   573 O  O   . LEU A 1 74 ? -1.834  8.964   9.337   1.00 17.57 ? 74  LEU X O   1 
ATOM   574 C  CB  . LEU A 1 74 ? -2.155  6.553   7.739   1.00 12.08 ? 74  LEU X CB  1 
ATOM   575 C  CG  . LEU A 1 74 ? -2.083  5.708   6.431   1.00 11.84 ? 74  LEU X CG  1 
ATOM   576 C  CD1 . LEU A 1 74 ? -1.332  4.497   6.665   1.00 12.84 ? 74  LEU X CD1 1 
ATOM   577 C  CD2 . LEU A 1 74 ? -3.482  5.374   5.921   1.00 14.82 ? 74  LEU X CD2 1 
ATOM   578 N  N   . SER A 1 75 ? -4.065  8.939   9.497   1.00 17.55 ? 75  SER X N   1 
ATOM   579 C  CA  A SER A 1 75 ? -4.089  9.790   10.683  0.50 21.50 ? 75  SER X CA  1 
ATOM   580 C  CA  B SER A 1 75 ? -4.210  9.781   10.696  0.50 20.07 ? 75  SER X CA  1 
ATOM   581 C  C   . SER A 1 75 ? -3.944  9.032   12.009  1.00 20.93 ? 75  SER X C   1 
ATOM   582 O  O   . SER A 1 75 ? -3.489  9.629   12.991  1.00 22.82 ? 75  SER X O   1 
ATOM   583 C  CB  A SER A 1 75 ? -5.366  10.625  10.699  0.50 21.75 ? 75  SER X CB  1 
ATOM   584 C  CB  B SER A 1 75 ? -5.636  10.373  10.794  0.50 18.41 ? 75  SER X CB  1 
ATOM   585 O  OG  A SER A 1 75 ? -6.490  9.774   10.532  0.50 22.67 ? 75  SER X OG  1 
ATOM   586 O  OG  B SER A 1 75 ? -6.125  11.007  9.611   0.50 17.09 ? 75  SER X OG  1 
ATOM   587 N  N   . ASP A 1 76 ? -4.370  7.770   12.075  1.00 15.90 ? 76  ASP X N   1 
ATOM   588 C  CA  . ASP A 1 76 ? -4.441  7.021   13.299  1.00 15.70 ? 76  ASP X CA  1 
ATOM   589 C  C   . ASP A 1 76 ? -3.125  6.271   13.492  1.00 18.44 ? 76  ASP X C   1 
ATOM   590 O  O   . ASP A 1 76 ? -2.677  5.502   12.638  1.00 17.12 ? 76  ASP X O   1 
ATOM   591 C  CB  . ASP A 1 76 ? -5.613  6.063   13.257  1.00 18.33 ? 76  ASP X CB  1 
ATOM   592 C  CG  . ASP A 1 76 ? -6.918  6.812   13.183  1.00 23.86 ? 76  ASP X CG  1 
ATOM   593 O  OD1 . ASP A 1 76 ? -6.869  8.052   13.300  1.00 31.02 ? 76  ASP X OD1 1 
ATOM   594 O  OD2 . ASP A 1 76 ? -7.945  6.177   12.951  1.00 33.11 ? 76  ASP X OD2 1 
ATOM   595 N  N   . LYS A 1 77 ? -2.528  6.391   14.671  1.00 14.77 ? 77  LYS X N   1 
ATOM   596 C  CA  . LYS A 1 77 ? -1.277  5.688   14.930  1.00 14.90 ? 77  LYS X CA  1 
ATOM   597 C  C   . LYS A 1 77 ? -1.540  4.216   15.098  1.00 13.11 ? 77  LYS X C   1 
ATOM   598 O  O   . LYS A 1 77 ? -2.539  3.737   15.554  1.00 15.71 ? 77  LYS X O   1 
ATOM   599 C  CB  . LYS A 1 77 ? -0.649  6.351   16.170  1.00 15.08 ? 77  LYS X CB  1 
ATOM   600 C  CG  . LYS A 1 77 ? -0.132  7.766   15.850  1.00 18.62 ? 77  LYS X CG  1 
ATOM   601 C  CD  . LYS A 1 77 ? 0.400   8.459   17.130  1.00 21.22 ? 77  LYS X CD  1 
ATOM   602 C  CE  . LYS A 1 77 ? 0.544   9.931   16.819  1.00 27.17 ? 77  LYS X CE  1 
ATOM   603 N  NZ  . LYS A 1 77 ? 1.327   10.725  17.861  1.00 29.04 ? 77  LYS X NZ  1 
ATOM   604 N  N   . GLY A 1 78 ? -0.504  3.404   14.772  1.00 13.83 ? 78  GLY X N   1 
ATOM   605 C  CA  . GLY A 1 78 ? -0.454  1.966   14.922  1.00 12.74 ? 78  GLY X CA  1 
ATOM   606 C  C   . GLY A 1 78 ? 0.007   1.314   13.595  1.00 11.84 ? 78  GLY X C   1 
ATOM   607 O  O   . GLY A 1 78 ? 0.574   1.997   12.738  1.00 12.04 ? 78  GLY X O   1 
ATOM   608 N  N   . GLU A 1 79 ? -0.173  0.014   13.530  1.00 11.22 ? 79  GLU X N   1 
ATOM   609 C  CA  . GLU A 1 79 ? 0.368   -0.793  12.419  1.00 11.33 ? 79  GLU X CA  1 
ATOM   610 C  C   . GLU A 1 79 ? -0.733  -1.039  11.413  1.00 11.26 ? 79  GLU X C   1 
ATOM   611 O  O   . GLU A 1 79 ? -1.822  -1.401  11.783  1.00 11.89 ? 79  GLU X O   1 
ATOM   612 C  CB  . GLU A 1 79 ? 0.865   -2.146  12.955  1.00 12.48 ? 79  GLU X CB  1 
ATOM   613 C  CG  . GLU A 1 79 ? 1.989   -2.054  13.993  1.00 14.69 ? 79  GLU X CG  1 
ATOM   614 C  CD  . GLU A 1 79 ? 2.553   -3.395  14.366  1.00 14.53 ? 79  GLU X CD  1 
ATOM   615 O  OE1 . GLU A 1 79 ? 2.051   -4.413  13.988  1.00 13.78 ? 79  GLU X OE1 1 
ATOM   616 O  OE2 . GLU A 1 79 ? 3.521   -3.379  15.058  1.00 14.45 ? 79  GLU X OE2 1 
ATOM   617 N  N   . TYR A 1 80 ? -0.392  -0.893  10.151  1.00 11.36 ? 80  TYR X N   1 
ATOM   618 C  CA  . TYR A 1 80 ? -1.274  -1.150  9.026   1.00 11.31 ? 80  TYR X CA  1 
ATOM   619 C  C   . TYR A 1 80 ? -0.658  -2.135  8.053   1.00 11.65 ? 80  TYR X C   1 
ATOM   620 O  O   . TYR A 1 80 ? 0.447   -1.931  7.678   1.00 12.16 ? 80  TYR X O   1 
ATOM   621 C  CB  . TYR A 1 80 ? -1.490  0.120   8.242   1.00 12.46 ? 80  TYR X CB  1 
ATOM   622 C  CG  . TYR A 1 80 ? -2.195  1.273   8.919   1.00 11.33 ? 80  TYR X CG  1 
ATOM   623 C  CD1 . TYR A 1 80 ? -1.589  1.998   9.920   1.00 11.48 ? 80  TYR X CD1 1 
ATOM   624 C  CD2 . TYR A 1 80 ? -3.427  1.690   8.488   1.00 11.90 ? 80  TYR X CD2 1 
ATOM   625 C  CE1 . TYR A 1 80 ? -2.217  3.088   10.480  1.00 11.99 ? 80  TYR X CE1 1 
ATOM   626 C  CE2 . TYR A 1 80 ? -4.022  2.779   9.016   1.00 12.93 ? 80  TYR X CE2 1 
ATOM   627 C  CZ  . TYR A 1 80 ? -3.418  3.446   10.045  1.00 11.84 ? 80  TYR X CZ  1 
ATOM   628 O  OH  . TYR A 1 80 ? -4.004  4.540   10.577  1.00 13.81 ? 80  TYR X OH  1 
ATOM   629 N  N   . THR A 1 81 ? -1.415  -3.126  7.619   1.00 11.02 ? 81  THR X N   1 
ATOM   630 C  CA  . THR A 1 81 ? -0.919  -4.006  6.532   1.00 11.63 ? 81  THR X CA  1 
ATOM   631 C  C   . THR A 1 81 ? -1.612  -3.594  5.245   1.00 11.25 ? 81  THR X C   1 
ATOM   632 O  O   . THR A 1 81 ? -2.865  -3.480  5.232   1.00 12.38 ? 81  THR X O   1 
ATOM   633 C  CB  . THR A 1 81 ? -1.240  -5.427  6.858   1.00 11.00 ? 81  THR X CB  1 
ATOM   634 O  OG1 . THR A 1 81 ? -0.436  -5.832  8.008   1.00 13.54 ? 81  THR X OG1 1 
ATOM   635 C  CG2 . THR A 1 81 ? -0.929  -6.380  5.650   1.00 11.78 ? 81  THR X CG2 1 
ATOM   636 N  N   . PHE A 1 82 ? -0.822  -3.346  4.248   1.00 10.85 ? 82  PHE X N   1 
ATOM   637 C  CA  . PHE A 1 82 ? -1.378  -3.075  2.925   1.00 11.62 ? 82  PHE X CA  1 
ATOM   638 C  C   . PHE A 1 82 ? -0.968  -4.286  2.030   1.00 10.76 ? 82  PHE X C   1 
ATOM   639 O  O   . PHE A 1 82 ? 0.001   -5.039  2.245   1.00 10.49 ? 82  PHE X O   1 
ATOM   640 C  CB  . PHE A 1 82 ? -0.857  -1.735  2.318   1.00 11.60 ? 82  PHE X CB  1 
ATOM   641 C  CG  . PHE A 1 82 ? 0.573   -1.499  2.438   1.00 12.78 ? 82  PHE X CG  1 
ATOM   642 C  CD1 . PHE A 1 82 ? 1.516   -1.817  1.423   1.00 14.42 ? 82  PHE X CD1 1 
ATOM   643 C  CD2 . PHE A 1 82 ? 1.122   -0.811  3.583   1.00 13.21 ? 82  PHE X CD2 1 
ATOM   644 C  CE1 . PHE A 1 82 ? 2.848   -1.567  1.622   1.00 16.23 ? 82  PHE X CE1 1 
ATOM   645 C  CE2 . PHE A 1 82 ? 2.463   -0.562  3.703   1.00 11.94 ? 82  PHE X CE2 1 
ATOM   646 C  CZ  . PHE A 1 82 ? 3.373   -0.981  2.738   1.00 14.58 ? 82  PHE X CZ  1 
ATOM   647 N  N   . TYR A 1 83 ? -1.690  -4.405  0.918   1.00 9.65  ? 83  TYR X N   1 
ATOM   648 C  CA  . TYR A 1 83 ? -1.420  -5.509  -0.011  1.00 8.64  ? 83  TYR X CA  1 
ATOM   649 C  C   . TYR A 1 83 ? -1.829  -5.103  -1.434  1.00 8.52  ? 83  TYR X C   1 
ATOM   650 O  O   . TYR A 1 83 ? -2.622  -4.157  -1.624  1.00 9.09  ? 83  TYR X O   1 
ATOM   651 C  CB  . TYR A 1 83 ? -2.181  -6.740  0.442   1.00 9.74  ? 83  TYR X CB  1 
ATOM   652 C  CG  . TYR A 1 83 ? -3.692  -6.653  0.424   1.00 10.19 ? 83  TYR X CG  1 
ATOM   653 C  CD1 . TYR A 1 83 ? -4.373  -6.047  1.480   1.00 12.07 ? 83  TYR X CD1 1 
ATOM   654 C  CD2 . TYR A 1 83 ? -4.448  -7.088  -0.690  1.00 12.35 ? 83  TYR X CD2 1 
ATOM   655 C  CE1 . TYR A 1 83 ? -5.780  -5.923  1.505   1.00 13.47 ? 83  TYR X CE1 1 
ATOM   656 C  CE2 . TYR A 1 83 ? -5.859  -7.005  -0.621  1.00 13.07 ? 83  TYR X CE2 1 
ATOM   657 C  CZ  . TYR A 1 83 ? -6.457  -6.401  0.450   1.00 14.49 ? 83  TYR X CZ  1 
ATOM   658 O  OH  . TYR A 1 83 ? -7.821  -6.278  0.443   1.00 17.18 ? 83  TYR X OH  1 
ATOM   659 N  N   . CYS A 1 84 ? -1.349  -5.845  -2.420  1.00 7.98  ? 84  CYS X N   1 
ATOM   660 C  CA  . CYS A 1 84 ? -1.705  -5.669  -3.830  1.00 7.45  ? 84  CYS X CA  1 
ATOM   661 C  C   . CYS A 1 84 ? -2.701  -6.787  -4.109  1.00 8.92  ? 84  CYS X C   1 
ATOM   662 O  O   . CYS A 1 84 ? -2.461  -7.954  -3.799  1.00 10.37 ? 84  CYS X O   1 
ATOM   663 C  CB  . CYS A 1 84 ? -0.411  -5.871  -4.664  1.00 8.77  ? 84  CYS X CB  1 
ATOM   664 S  SG  . CYS A 1 84 ? -0.792  -5.983  -6.395  1.00 9.45  ? 84  CYS X SG  1 
ATOM   665 N  N   . SER A 1 85 ? -3.847  -6.449  -4.651  1.00 8.90  ? 85  SER X N   1 
ATOM   666 C  CA  . SER A 1 85 ? -4.881  -7.453  -4.822  1.00 8.87  ? 85  SER X CA  1 
ATOM   667 C  C   . SER A 1 85 ? -4.488  -8.548  -5.849  1.00 11.35 ? 85  SER X C   1 
ATOM   668 O  O   . SER A 1 85 ? -4.569  -9.731  -5.527  1.00 12.82 ? 85  SER X O   1 
ATOM   669 C  CB  . SER A 1 85 ? -6.193  -6.719  -5.145  1.00 11.42 ? 85  SER X CB  1 
ATOM   670 O  OG  . SER A 1 85 ? -7.181  -7.596  -5.547  1.00 14.23 ? 85  SER X OG  1 
ATOM   671 N  N   . PRO A 1 86 ? -3.964  -8.204  -7.003  1.00 11.61 ? 86  PRO X N   1 
ATOM   672 C  CA  . PRO A 1 86 ? -3.533  -9.286  -7.921  1.00 14.14 ? 86  PRO X CA  1 
ATOM   673 C  C   . PRO A 1 86 ? -2.418  -10.156 -7.343  1.00 16.17 ? 86  PRO X C   1 
ATOM   674 O  O   . PRO A 1 86 ? -2.331  -11.303 -7.663  1.00 16.13 ? 86  PRO X O   1 
ATOM   675 C  CB  . PRO A 1 86 ? -2.986  -8.562  -9.120  1.00 18.91 ? 86  PRO X CB  1 
ATOM   676 C  CG  . PRO A 1 86 ? -3.330  -7.156  -9.018  1.00 16.27 ? 86  PRO X CG  1 
ATOM   677 C  CD  . PRO A 1 86 ? -3.874  -6.873  -7.637  1.00 13.09 ? 86  PRO X CD  1 
ATOM   678 N  N   . HIS A 1 87 ? -1.599  -9.597  -6.494  1.00 13.13 ? 87  HIS X N   1 
ATOM   679 C  CA  . HIS A 1 87 ? -0.339  -10.281 -6.067  1.00 12.11 ? 87  HIS X CA  1 
ATOM   680 C  C   . HIS A 1 87 ? -0.301  -10.650 -4.631  1.00 14.47 ? 87  HIS X C   1 
ATOM   681 O  O   . HIS A 1 87 ? 0.734   -11.033 -4.128  1.00 13.45 ? 87  HIS X O   1 
ATOM   682 C  CB  . HIS A 1 87 ? 0.901   -9.444  -6.460  1.00 12.25 ? 87  HIS X CB  1 
ATOM   683 C  CG  . HIS A 1 87 ? 0.979   -9.267  -7.891  1.00 10.41 ? 87  HIS X CG  1 
ATOM   684 N  ND1 . HIS A 1 87 ? 1.259   -8.096  -8.522  1.00 11.99 ? 87  HIS X ND1 1 
ATOM   685 C  CD2 . HIS A 1 87 ? 0.780   -10.207 -8.889  1.00 14.51 ? 87  HIS X CD2 1 
ATOM   686 C  CE1 . HIS A 1 87 ? 1.262   -8.276  -9.840  1.00 14.28 ? 87  HIS X CE1 1 
ATOM   687 N  NE2 . HIS A 1 87 ? 0.987   -9.594  -10.055 1.00 14.35 ? 87  HIS X NE2 1 
ATOM   688 N  N   . GLN A 1 88 ? -1.459  -10.597 -3.932  1.00 15.06 ? 88  GLN X N   1 
ATOM   689 C  CA  A GLN A 1 88 ? -1.424  -10.802 -2.467  0.50 17.26 ? 88  GLN X CA  1 
ATOM   690 C  CA  B GLN A 1 88 ? -1.501  -10.819 -2.497  0.50 16.25 ? 88  GLN X CA  1 
ATOM   691 C  C   . GLN A 1 88 ? -0.933  -12.229 -2.208  1.00 16.33 ? 88  GLN X C   1 
ATOM   692 O  O   . GLN A 1 88 ? -0.201  -12.446 -1.228  1.00 20.14 ? 88  GLN X O   1 
ATOM   693 C  CB  A GLN A 1 88 ? -2.777  -10.571 -1.729  0.50 20.28 ? 88  GLN X CB  1 
ATOM   694 C  CB  B GLN A 1 88 ? -2.959  -10.649 -1.989  0.50 17.26 ? 88  GLN X CB  1 
ATOM   695 C  CG  A GLN A 1 88 ? -2.571  -10.243 -0.247  0.50 24.04 ? 88  GLN X CG  1 
ATOM   696 C  CG  B GLN A 1 88 ? -4.013  -11.488 -2.689  0.50 19.19 ? 88  GLN X CG  1 
ATOM   697 C  CD  A GLN A 1 88 ? -3.459  -10.977 0.744   0.50 31.60 ? 88  GLN X CD  1 
ATOM   698 C  CD  B GLN A 1 88 ? -5.398  -11.013 -2.358  0.50 18.29 ? 88  GLN X CD  1 
ATOM   699 O  OE1 A GLN A 1 88 ? -4.093  -10.358 1.658   0.50 26.46 ? 88  GLN X OE1 1 
ATOM   700 O  OE1 B GLN A 1 88 ? -5.920  -10.275 -3.081  0.50 20.89 ? 88  GLN X OE1 1 
ATOM   701 N  NE2 A GLN A 1 88 ? -3.444  -12.321 0.640   0.50 35.30 ? 88  GLN X NE2 1 
ATOM   702 N  NE2 B GLN A 1 88 ? -5.928  -11.418 -1.226  0.50 25.61 ? 88  GLN X NE2 1 
ATOM   703 N  N   . GLY A 1 89 ? -1.442  -13.163 -3.009  1.00 16.46 ? 89  GLY X N   1 
ATOM   704 C  CA  . GLY A 1 89 ? -0.988  -14.572 -2.872  1.00 17.26 ? 89  GLY X CA  1 
ATOM   705 C  C   . GLY A 1 89 ? 0.451   -14.841 -3.281  1.00 22.10 ? 89  GLY X C   1 
ATOM   706 O  O   . GLY A 1 89 ? 0.969   -15.959 -3.155  1.00 19.61 ? 89  GLY X O   1 
ATOM   707 N  N   . ALA A 1 90 ? 1.110   -13.866 -3.836  1.00 16.75 ? 90  ALA X N   1 
ATOM   708 C  CA  . ALA A 1 90 ? 2.498   -13.997 -4.196  1.00 15.49 ? 90  ALA X CA  1 
ATOM   709 C  C   . ALA A 1 90 ? 3.372   -13.254 -3.163  1.00 13.74 ? 90  ALA X C   1 
ATOM   710 O  O   . ALA A 1 90 ? 4.553   -13.139 -3.360  1.00 14.97 ? 90  ALA X O   1 
ATOM   711 C  CB  . ALA A 1 90 ? 2.715   -13.419 -5.613  1.00 17.26 ? 90  ALA X CB  1 
ATOM   712 N  N   . GLY A 1 91 ? 2.759   -12.792 -2.086  1.00 12.20 ? 91  GLY X N   1 
ATOM   713 C  CA  . GLY A 1 91 ? 3.493   -12.189 -0.973  1.00 13.11 ? 91  GLY X CA  1 
ATOM   714 C  C   . GLY A 1 91 ? 3.718   -10.701 -1.116  1.00 11.54 ? 91  GLY X C   1 
ATOM   715 O  O   . GLY A 1 91 ? 4.540   -10.129 -0.402  1.00 10.50 ? 91  GLY X O   1 
ATOM   716 N  N   . MET A 1 92 ? 2.994   -10.084 -2.046  1.00 8.96  ? 92  MET X N   1 
ATOM   717 C  CA  . MET A 1 92 ? 3.077   -8.612  -2.262  1.00 10.25 ? 92  MET X CA  1 
ATOM   718 C  C   . MET A 1 92 ? 2.209   -7.876  -1.204  1.00 9.46  ? 92  MET X C   1 
ATOM   719 O  O   . MET A 1 92 ? 1.056   -7.544  -1.468  1.00 9.19  ? 92  MET X O   1 
ATOM   720 C  CB  . MET A 1 92 ? 2.776   -8.155  -3.673  1.00 8.94  ? 92  MET X CB  1 
ATOM   721 C  CG  . MET A 1 92 ? 3.103   -6.675  -3.889  1.00 8.68  ? 92  MET X CG  1 
ATOM   722 S  SD  . MET A 1 92 ? 3.146   -6.225  -5.614  1.00 9.77  ? 92  MET X SD  1 
ATOM   723 C  CE  . MET A 1 92 ? 3.399   -4.468  -5.350  1.00 12.13 ? 92  MET X CE  1 
ATOM   724 N  N   . VAL A 1 93 ? 2.799   -7.761  -0.048  1.00 9.51  ? 93  VAL X N   1 
ATOM   725 C  CA  A VAL A 1 93 ? 2.180   -7.195  1.137   0.50 10.77 ? 93  VAL X CA  1 
ATOM   726 C  CA  B VAL A 1 93 ? 2.191   -7.327  1.225   0.50 10.24 ? 93  VAL X CA  1 
ATOM   727 C  C   . VAL A 1 93 ? 3.217   -6.380  1.865   1.00 11.24 ? 93  VAL X C   1 
ATOM   728 O  O   . VAL A 1 93 ? 4.453   -6.549  1.683   1.00 12.96 ? 93  VAL X O   1 
ATOM   729 C  CB  A VAL A 1 93 ? 1.620   -8.282  2.045   0.50 10.86 ? 93  VAL X CB  1 
ATOM   730 C  CB  B VAL A 1 93 ? 1.942   -8.524  2.152   0.50 10.04 ? 93  VAL X CB  1 
ATOM   731 C  CG1 A VAL A 1 93 ? 0.612   -9.160  1.270   0.50 10.69 ? 93  VAL X CG1 1 
ATOM   732 C  CG1 B VAL A 1 93 ? 1.223   -8.096  3.435   0.50 9.74  ? 93  VAL X CG1 1 
ATOM   733 C  CG2 A VAL A 1 93 ? 2.737   -9.060  2.727   0.50 11.25 ? 93  VAL X CG2 1 
ATOM   734 C  CG2 B VAL A 1 93 ? 1.151   -9.619  1.488   0.50 9.91  ? 93  VAL X CG2 1 
ATOM   735 N  N   . GLY A 1 94 ? 2.736   -5.428  2.625   1.00 10.58 ? 94  GLY X N   1 
ATOM   736 C  CA  . GLY A 1 94 ? 3.685   -4.570  3.365   1.00 12.29 ? 94  GLY X CA  1 
ATOM   737 C  C   . GLY A 1 94 ? 3.081   -4.072  4.656   1.00 10.04 ? 94  GLY X C   1 
ATOM   738 O  O   . GLY A 1 94 ? 1.883   -4.222  4.888   1.00 11.12 ? 94  GLY X O   1 
ATOM   739 N  N   . LYS A 1 95 ? 3.899   -3.426  5.449   1.00 11.82 ? 95  LYS X N   1 
ATOM   740 C  CA  . LYS A 1 95 ? 3.455   -2.940  6.727   1.00 10.75 ? 95  LYS X CA  1 
ATOM   741 C  C   . LYS A 1 95 ? 3.971   -1.565  6.929   1.00 10.58 ? 95  LYS X C   1 
ATOM   742 O  O   . LYS A 1 95 ? 5.123   -1.270  6.778   1.00 12.13 ? 95  LYS X O   1 
ATOM   743 C  CB  . LYS A 1 95 ? 3.949   -3.858  7.866   1.00 12.63 ? 95  LYS X CB  1 
ATOM   744 C  CG  . LYS A 1 95 ? 3.581   -3.308  9.276   1.00 20.10 ? 95  LYS X CG  1 
ATOM   745 C  CD  . LYS A 1 95 ? 3.674   -4.206  10.501  1.00 21.49 ? 95  LYS X CD  1 
ATOM   746 C  CE  . LYS A 1 95 ? 2.753   -5.362  10.335  1.00 22.36 ? 95  LYS X CE  1 
ATOM   747 N  NZ  . LYS A 1 95 ? 1.930   -5.537  11.567  1.00 20.18 ? 95  LYS X NZ  1 
ATOM   748 N  N   . VAL A 1 96 ? 3.054   -0.658  7.311   1.00 11.14 ? 96  VAL X N   1 
ATOM   749 C  CA  . VAL A 1 96 ? 3.451   0.725   7.703   1.00 11.46 ? 96  VAL X CA  1 
ATOM   750 C  C   . VAL A 1 96 ? 3.055   0.961   9.196   1.00 10.48 ? 96  VAL X C   1 
ATOM   751 O  O   . VAL A 1 96 ? 1.964   0.573   9.609   1.00 12.49 ? 96  VAL X O   1 
ATOM   752 C  CB  . VAL A 1 96 ? 2.905   1.847   6.770   1.00 11.61 ? 96  VAL X CB  1 
ATOM   753 C  CG1 . VAL A 1 96 ? 1.379   1.760   6.574   1.00 12.81 ? 96  VAL X CG1 1 
ATOM   754 C  CG2 . VAL A 1 96 ? 3.311   3.230   7.271   1.00 12.02 ? 96  VAL X CG2 1 
ATOM   755 N  N   . ILE A 1 97 ? 4.069   1.533   9.864   1.00 11.14 ? 97  ILE X N   1 
ATOM   756 C  CA  . ILE A 1 97 ? 3.835   1.935   11.278  1.00 12.46 ? 97  ILE X CA  1 
ATOM   757 C  C   . ILE A 1 97 ? 3.664   3.421   11.323  1.00 11.18 ? 97  ILE X C   1 
ATOM   758 O  O   . ILE A 1 97 ? 4.549   4.134   10.898  1.00 12.65 ? 97  ILE X O   1 
ATOM   759 C  CB  A ILE A 1 97 ? 5.076   1.587   12.166  0.54 12.53 ? 97  ILE X CB  1 
ATOM   760 C  CB  B ILE A 1 97 ? 5.040   1.545   12.148  0.46 13.42 ? 97  ILE X CB  1 
ATOM   761 C  CG1 A ILE A 1 97 ? 5.675   0.217   11.777  0.54 14.07 ? 97  ILE X CG1 1 
ATOM   762 C  CG1 B ILE A 1 97 ? 5.202   0.012   12.200  0.46 15.11 ? 97  ILE X CG1 1 
ATOM   763 C  CG2 A ILE A 1 97 ? 4.723   1.576   13.643  0.54 13.02 ? 97  ILE X CG2 1 
ATOM   764 C  CG2 B ILE A 1 97 ? 4.960   2.242   13.475  0.46 12.95 ? 97  ILE X CG2 1 
ATOM   765 C  CD1 A ILE A 1 97 ? 4.685   -0.899  11.992  0.54 9.07  ? 97  ILE X CD1 1 
ATOM   766 C  CD1 B ILE A 1 97 ? 6.065   -0.483  11.017  0.46 15.86 ? 97  ILE X CD1 1 
ATOM   767 N  N   . VAL A 1 98 ? 2.485   3.835   11.774  1.00 12.53 ? 98  VAL X N   1 
ATOM   768 C  CA  . VAL A 1 98 ? 2.200   5.298   11.898  1.00 12.66 ? 98  VAL X CA  1 
ATOM   769 C  C   . VAL A 1 98 ? 2.445   5.700   13.351  1.00 13.08 ? 98  VAL X C   1 
ATOM   770 O  O   . VAL A 1 98 ? 1.831   5.144   14.255  1.00 13.94 ? 98  VAL X O   1 
ATOM   771 C  CB  . VAL A 1 98 ? 0.792   5.558   11.414  1.00 14.04 ? 98  VAL X CB  1 
ATOM   772 C  CG1 . VAL A 1 98 ? 0.426   7.066   11.434  1.00 13.20 ? 98  VAL X CG1 1 
ATOM   773 C  CG2 . VAL A 1 98 ? 0.575   5.131   9.977   1.00 13.78 ? 98  VAL X CG2 1 
ATOM   774 N  N   . ASN A 1 99 ? 3.333   6.682   13.478  1.00 16.23 ? 99  ASN X N   1 
ATOM   775 C  CA  . ASN A 1 99 ? 3.685   7.078   14.844  1.00 17.92 ? 99  ASN X CA  1 
ATOM   776 C  C   . ASN A 1 99 ? 3.598   8.538   15.111  1.00 23.67 ? 99  ASN X C   1 
ATOM   777 O  O   . ASN A 1 99 ? 3.033   9.348   14.309  1.00 23.13 ? 99  ASN X O   1 
ATOM   778 C  CB  . ASN A 1 99 ? 5.041   6.494   15.213  1.00 20.83 ? 99  ASN X CB  1 
ATOM   779 C  CG  . ASN A 1 99 ? 6.130   6.912   14.298  1.00 22.52 ? 99  ASN X CG  1 
ATOM   780 O  OD1 . ASN A 1 99 ? 6.089   7.965   13.639  1.00 22.97 ? 99  ASN X OD1 1 
ATOM   781 N  ND2 . ASN A 1 99 ? 7.151   6.064   14.196  1.00 24.87 ? 99  ASN X ND2 1 
ATOM   782 O  OXT . ASN A 1 99 ? 4.117   8.892   16.225  1.00 25.52 ? 99  ASN X OXT 1 
HETATM 783 CU CU  . CU1 B 2 .  ? 1.156   -6.077  -7.296  1.00 16.66 1 100 CU1 X CU  1 
HETATM 784 S  S   . SO4 C 3 .  ? 0.705   -11.731 -13.160 1.00 25.39 ? 101 SO4 X S   1 
HETATM 785 O  O1  . SO4 C 3 .  ? -0.094  -10.848 -12.221 1.00 28.83 ? 101 SO4 X O1  1 
HETATM 786 O  O2  . SO4 C 3 .  ? 0.406   -13.203 -12.777 1.00 25.53 ? 101 SO4 X O2  1 
HETATM 787 O  O3  . SO4 C 3 .  ? 0.243   -11.194 -14.508 1.00 23.46 ? 101 SO4 X O3  1 
HETATM 788 O  O4  . SO4 C 3 .  ? 2.193   -11.528 -12.889 1.00 25.77 ? 101 SO4 X O4  1 
HETATM 789 C  C1  . GOL D 4 .  ? -2.582  -14.802 -12.102 0.75 24.23 ? 102 GOL X C1  1 
HETATM 790 O  O1  . GOL D 4 .  ? -1.488  -14.662 -12.958 0.75 18.89 ? 102 GOL X O1  1 
HETATM 791 C  C2  . GOL D 4 .  ? -3.171  -13.425 -12.061 0.75 26.80 ? 102 GOL X C2  1 
HETATM 792 O  O2  . GOL D 4 .  ? -3.789  -13.080 -13.314 0.75 27.69 ? 102 GOL X O2  1 
HETATM 793 C  C3  . GOL D 4 .  ? -4.299  -13.546 -11.103 0.75 30.82 ? 102 GOL X C3  1 
HETATM 794 O  O3  . GOL D 4 .  ? -4.949  -12.277 -11.212 0.75 32.54 ? 102 GOL X O3  1 
HETATM 795 C  C   . ACT E 5 .  ? 14.477  -1.317  -6.678  1.00 35.83 ? 103 ACT X C   1 
HETATM 796 O  O   . ACT E 5 .  ? 14.088  -2.420  -7.068  1.00 27.79 ? 103 ACT X O   1 
HETATM 797 O  OXT . ACT E 5 .  ? 15.650  -1.175  -6.280  1.00 35.20 ? 103 ACT X OXT 1 
HETATM 798 C  CH3 . ACT E 5 .  ? 13.594  -0.150  -6.717  1.00 30.79 ? 103 ACT X CH3 1 
HETATM 799 O  O   . HOH F 6 .  ? -2.531  10.951  15.261  1.00 35.84 ? 201 HOH X O   1 
HETATM 800 O  O   . HOH F 6 .  ? -1.667  8.316   -11.205 1.00 26.39 ? 202 HOH X O   1 
HETATM 801 O  O   . HOH F 6 .  ? -11.937 -6.675  11.546  1.00 43.53 ? 203 HOH X O   1 
HETATM 802 O  O   . HOH F 6 .  ? -10.685 -1.070  12.039  1.00 27.36 ? 204 HOH X O   1 
HETATM 803 O  O   . HOH F 6 .  ? -7.875  -4.693  12.094  1.00 23.97 ? 205 HOH X O   1 
HETATM 804 O  O   . HOH F 6 .  ? -1.019  -7.857  12.370  1.00 28.21 ? 206 HOH X O   1 
HETATM 805 O  O   . HOH F 6 .  ? -6.214  -3.639  15.372  1.00 36.32 ? 207 HOH X O   1 
HETATM 806 O  O   . HOH F 6 .  ? 11.171  6.200   -1.508  1.00 28.17 ? 208 HOH X O   1 
HETATM 807 O  O   . HOH F 6 .  ? -6.596  8.655   -0.749  1.00 32.86 ? 209 HOH X O   1 
HETATM 808 O  O   . HOH F 6 .  ? -8.969  -2.603  13.392  1.00 26.86 ? 210 HOH X O   1 
HETATM 809 O  O   . HOH F 6 .  ? 11.391  6.502   9.686   1.00 36.66 ? 211 HOH X O   1 
HETATM 810 O  O   . HOH F 6 .  ? -2.952  -10.564 9.884   1.00 42.31 ? 212 HOH X O   1 
HETATM 811 O  O   . HOH F 6 .  ? -1.849  13.645  13.816  1.00 43.53 ? 213 HOH X O   1 
HETATM 812 O  O   . HOH F 6 .  ? 10.806  5.288   1.405   1.00 39.95 ? 214 HOH X O   1 
HETATM 813 O  O   . HOH F 6 .  ? -3.107  -8.781  3.837   1.00 27.89 ? 215 HOH X O   1 
HETATM 814 O  O   . HOH F 6 .  ? 2.831   11.900  14.898  1.00 29.47 ? 216 HOH X O   1 
HETATM 815 O  O   . HOH F 6 .  ? -7.234  -2.813  -15.641 1.00 28.52 ? 217 HOH X O   1 
HETATM 816 O  O   . HOH F 6 .  ? -1.630  -13.470 -5.800  1.00 26.08 ? 218 HOH X O   1 
HETATM 817 O  O   . HOH F 6 .  ? 8.223   7.870   11.520  1.00 38.04 ? 219 HOH X O   1 
HETATM 818 O  O   . HOH F 6 .  ? 11.019  -4.483  -0.907  1.00 16.25 ? 220 HOH X O   1 
HETATM 819 O  O   . HOH F 6 .  ? 2.547   13.830  12.647  1.00 25.22 ? 221 HOH X O   1 
HETATM 820 O  O   . HOH F 6 .  ? -10.064 6.594   11.528  1.00 18.69 ? 222 HOH X O   1 
HETATM 821 O  O   . HOH F 6 .  ? -0.587  -4.481  10.488  1.00 18.02 ? 223 HOH X O   1 
HETATM 822 O  O   . HOH F 6 .  ? -5.654  6.591   9.619   1.00 23.49 ? 224 HOH X O   1 
HETATM 823 O  O   . HOH F 6 .  ? 4.187   1.617   -18.502 1.00 17.26 ? 225 HOH X O   1 
HETATM 824 O  O   . HOH F 6 .  ? -8.810  9.629   12.774  1.00 28.73 ? 226 HOH X O   1 
HETATM 825 O  O   . HOH F 6 .  ? 6.296   11.573  -1.002  1.00 27.12 ? 227 HOH X O   1 
HETATM 826 O  O   . HOH F 6 .  ? 2.565   0.806   16.368  1.00 26.63 ? 228 HOH X O   1 
HETATM 827 O  O   . HOH F 6 .  ? -4.297  9.008   -5.162  1.00 22.62 ? 229 HOH X O   1 
HETATM 828 O  O   . HOH F 6 .  ? -2.557  -10.033 -12.619 1.00 32.43 ? 230 HOH X O   1 
HETATM 829 O  O   . HOH F 6 .  ? -9.687  2.961   -6.764  1.00 27.79 ? 231 HOH X O   1 
HETATM 830 O  O   . HOH F 6 .  ? 0.483   8.548   6.904   1.00 14.98 ? 232 HOH X O   1 
HETATM 831 O  O   . HOH F 6 .  ? 2.747   3.654   16.445  1.00 25.15 ? 233 HOH X O   1 
HETATM 832 O  O   . HOH F 6 .  ? -11.437 -1.046  -1.611  1.00 18.56 ? 234 HOH X O   1 
HETATM 833 O  O   . HOH F 6 .  ? 10.265  9.042   -0.305  1.00 29.31 ? 235 HOH X O   1 
HETATM 834 O  O   . HOH F 6 .  ? 8.217   -11.863 -6.465  1.00 15.59 ? 236 HOH X O   1 
HETATM 835 O  O   . HOH F 6 .  ? 4.957   9.602   -11.123 1.00 28.86 ? 237 HOH X O   1 
HETATM 836 O  O   . HOH F 6 .  ? -9.216  -3.897  1.710   1.00 18.68 ? 238 HOH X O   1 
HETATM 837 O  O   . HOH F 6 .  ? -11.044 -2.781  10.038  1.00 25.28 ? 239 HOH X O   1 
HETATM 838 O  O   . HOH F 6 .  ? 7.910   4.882   -11.250 1.00 32.76 ? 240 HOH X O   1 
HETATM 839 O  O   . HOH F 6 .  ? 6.105   -6.363  -0.462  1.00 15.80 ? 241 HOH X O   1 
HETATM 840 O  O   . HOH F 6 .  ? 12.720  4.310   -13.081 1.00 32.82 ? 242 HOH X O   1 
HETATM 841 O  O   . HOH F 6 .  ? 3.503   13.506  -4.794  1.00 44.21 ? 243 HOH X O   1 
HETATM 842 O  O   . HOH F 6 .  ? -8.325  -0.810  -13.879 1.00 25.31 ? 244 HOH X O   1 
HETATM 843 O  O   . HOH F 6 .  ? -4.449  11.778  7.631   1.00 18.59 ? 245 HOH X O   1 
HETATM 844 O  O   . HOH F 6 .  ? -5.882  9.747   3.035   1.00 20.06 ? 246 HOH X O   1 
HETATM 845 O  O   . HOH F 6 .  ? -2.922  -2.744  13.749  1.00 24.90 ? 247 HOH X O   1 
HETATM 846 O  O   . HOH F 6 .  ? -11.070 -2.008  0.830   1.00 23.94 ? 248 HOH X O   1 
HETATM 847 O  O   . HOH F 6 .  ? 0.394   -12.821 3.378   1.00 35.36 ? 249 HOH X O   1 
HETATM 848 O  O   . HOH F 6 .  ? -1.374  -1.296  15.713  1.00 24.30 ? 250 HOH X O   1 
HETATM 849 O  O   . HOH F 6 .  ? -5.368  -0.796  17.681  1.00 32.45 ? 251 HOH X O   1 
HETATM 850 O  O   . HOH F 6 .  ? 10.626  5.183   3.695   1.00 30.24 ? 252 HOH X O   1 
HETATM 851 O  O   . HOH F 6 .  ? 9.546   6.403   5.969   1.00 38.21 ? 253 HOH X O   1 
HETATM 852 O  O   . HOH F 6 .  ? -3.410  10.222  17.702  1.00 27.75 ? 254 HOH X O   1 
HETATM 853 O  O   . HOH F 6 .  ? 15.228  -4.763  -8.032  1.00 21.47 ? 255 HOH X O   1 
HETATM 854 O  O   . HOH F 6 .  ? 10.860  3.800   8.534   1.00 23.09 ? 256 HOH X O   1 
HETATM 855 O  O   . HOH F 6 .  ? -13.213 -2.645  -2.912  1.00 28.66 ? 257 HOH X O   1 
HETATM 856 O  O   . HOH F 6 .  ? -6.462  2.401   -13.364 1.00 27.77 ? 258 HOH X O   1 
HETATM 857 O  O   . HOH F 6 .  ? -13.377 -2.221  1.981   1.00 40.21 ? 259 HOH X O   1 
HETATM 858 O  O   . HOH F 6 .  ? -3.857  7.765   16.884  1.00 21.12 ? 260 HOH X O   1 
HETATM 859 O  O   . HOH F 6 .  ? -8.039  -9.034  -3.330  1.00 19.31 ? 261 HOH X O   1 
HETATM 860 O  O   . HOH F 6 .  ? -4.916  5.942   -8.102  1.00 32.21 ? 262 HOH X O   1 
HETATM 861 O  O   . HOH F 6 .  ? -14.296 0.737   -3.649  1.00 44.98 ? 263 HOH X O   1 
HETATM 862 O  O   . HOH F 6 .  ? 0.124   10.255  -11.688 1.00 51.82 ? 264 HOH X O   1 
HETATM 863 O  O   . HOH F 6 .  ? 5.203   3.412   16.879  1.00 30.60 ? 265 HOH X O   1 
HETATM 864 O  O   . HOH F 6 .  ? -11.953 -1.328  7.897   1.00 17.41 ? 266 HOH X O   1 
HETATM 865 O  O   . HOH F 6 .  ? -10.979 -3.276  15.805  1.00 42.39 ? 267 HOH X O   1 
HETATM 866 O  O   . HOH F 6 .  ? 10.839  4.609   13.247  1.00 51.20 ? 268 HOH X O   1 
HETATM 867 O  O   . HOH F 6 .  ? -4.232  -5.412  -17.835 1.00 35.23 ? 269 HOH X O   1 
HETATM 868 O  O   . HOH F 6 .  ? -12.823 -5.308  -0.373  1.00 38.49 ? 270 HOH X O   1 
HETATM 869 O  O   . HOH F 6 .  ? 8.606   1.466   14.138  1.00 30.58 ? 271 HOH X O   1 
HETATM 870 O  O   . HOH F 6 .  ? 6.347   11.047  15.238  1.00 45.30 ? 272 HOH X O   1 
HETATM 871 O  O   . HOH F 6 .  ? 12.588  -4.853  -3.153  1.00 22.00 ? 273 HOH X O   1 
HETATM 872 O  O   . HOH F 6 .  ? -9.869  -5.862  3.937   1.00 26.10 ? 274 HOH X O   1 
HETATM 873 O  O   . HOH F 6 .  ? -0.830  -4.827  -17.131 1.00 28.69 ? 275 HOH X O   1 
HETATM 874 O  O   . HOH F 6 .  ? 14.497  -4.574  -4.292  1.00 47.68 ? 276 HOH X O   1 
HETATM 875 O  O   . HOH F 6 .  ? -12.409 1.639   -1.293  1.00 25.36 ? 277 HOH X O   1 
HETATM 876 O  O   . HOH F 6 .  ? 9.542   0.749   10.940  1.00 27.06 ? 278 HOH X O   1 
HETATM 877 O  O   . HOH F 6 .  ? -6.563  2.408   17.444  1.00 26.68 ? 279 HOH X O   1 
HETATM 878 O  O   . HOH F 6 .  ? -9.200  -7.551  -1.380  1.00 20.98 ? 280 HOH X O   1 
HETATM 879 O  O   . HOH F 6 .  ? -0.597  -5.483  13.178  1.00 45.11 ? 281 HOH X O   1 
HETATM 880 O  O   A HOH F 6 .  ? 8.262   6.636   -13.330 0.50 20.80 ? 282 HOH X O   1 
HETATM 881 O  O   B HOH F 6 .  ? -16.548 -0.664  1.226   0.50 34.17 ? 282 HOH X O   1 
HETATM 882 O  O   . HOH F 6 .  ? -2.418  6.829   19.477  1.00 28.43 ? 283 HOH X O   1 
HETATM 883 O  O   . HOH F 6 .  ? -4.890  4.324   16.727  1.00 32.86 ? 284 HOH X O   1 
HETATM 884 O  O   . HOH F 6 .  ? -2.496  -9.749  7.704   1.00 40.38 ? 285 HOH X O   1 
HETATM 885 O  O   . HOH F 6 .  ? 10.788  6.714   -8.472  1.00 44.38 ? 286 HOH X O   1 
HETATM 886 O  O   . HOH F 6 .  ? -14.911 0.106   -8.815  1.00 45.07 ? 287 HOH X O   1 
HETATM 887 O  O   . HOH F 6 .  ? 5.861   11.741  -5.321  1.00 48.54 ? 288 HOH X O   1 
HETATM 888 O  O   . HOH F 6 .  ? -10.491 -9.246  0.207   1.00 47.38 ? 289 HOH X O   1 
HETATM 889 O  O   . HOH F 6 .  ? 11.950  0.469   9.154   1.00 41.79 ? 290 HOH X O   1 
HETATM 890 O  O   . HOH F 6 .  ? 7.156   7.126   -16.163 1.00 40.24 ? 291 HOH X O   1 
HETATM 891 O  O   . HOH F 6 .  ? -7.535  -6.871  -8.088  1.00 18.52 ? 292 HOH X O   1 
HETATM 892 O  O   . HOH F 6 .  ? -4.808  -5.399  14.017  1.00 45.15 ? 293 HOH X O   1 
HETATM 893 O  O   . HOH F 6 .  ? 10.994  -0.021  -13.939 1.00 34.27 ? 294 HOH X O   1 
HETATM 894 O  O   . HOH F 6 .  ? -9.699  5.294   -2.223  1.00 37.96 ? 295 HOH X O   1 
HETATM 895 O  O   . HOH F 6 .  ? -3.171  -0.336  17.196  1.00 43.69 ? 296 HOH X O   1 
HETATM 896 O  O   . HOH F 6 .  ? -14.130 -1.094  5.012   1.00 36.53 ? 297 HOH X O   1 
HETATM 897 O  O   . HOH F 6 .  ? 2.946   14.884  3.925   1.00 22.91 ? 298 HOH X O   1 
HETATM 898 O  O   . HOH F 6 .  ? -4.561  11.109  -3.476  1.00 44.86 ? 299 HOH X O   1 
HETATM 899 O  O   . HOH F 6 .  ? 7.091   -8.803  -0.752  1.00 21.84 ? 300 HOH X O   1 
HETATM 900 O  O   . HOH F 6 .  ? 4.503   4.492   -18.301 1.00 36.35 ? 301 HOH X O   1 
HETATM 901 O  O   . HOH F 6 .  ? 1.098   -14.106 0.320   1.00 36.96 ? 302 HOH X O   1 
HETATM 902 O  O   . HOH F 6 .  ? 13.470  2.407   -9.271  1.00 29.78 ? 303 HOH X O   1 
HETATM 903 O  O   . HOH F 6 .  ? 6.771   -6.340  4.472   1.00 30.51 ? 304 HOH X O   1 
HETATM 904 O  O   . HOH F 6 .  ? -14.709 -1.429  -4.795  1.00 39.05 ? 305 HOH X O   1 
HETATM 905 O  O   . HOH F 6 .  ? -15.055 0.645   -1.240  1.00 36.57 ? 306 HOH X O   1 
HETATM 906 O  O   . HOH F 6 .  ? 9.397   12.618  -2.732  1.00 45.96 ? 307 HOH X O   1 
HETATM 907 O  O   . HOH F 6 .  ? -0.446  4.473   18.995  1.00 47.39 ? 308 HOH X O   1 
HETATM 908 O  O   . HOH F 6 .  ? -6.157  -11.686 8.184   1.00 51.27 ? 309 HOH X O   1 
HETATM 909 O  O   . HOH F 6 .  ? 11.266  8.264   -11.198 1.00 45.66 ? 310 HOH X O   1 
HETATM 910 O  O   . HOH F 6 .  ? 6.375   -6.369  -9.856  1.00 38.08 ? 311 HOH X O   1 
HETATM 911 O  O   . HOH F 6 .  ? -15.332 -7.784  4.371   1.00 48.45 ? 312 HOH X O   1 
HETATM 912 O  O   . HOH F 6 .  ? 9.382   4.377   -10.271 0.50 27.20 ? 313 HOH X O   1 
HETATM 913 O  O   . HOH F 6 .  ? 7.278   3.411   15.835  0.50 26.13 ? 314 HOH X O   1 
HETATM 914 O  O   . HOH F 6 .  ? -7.466  4.502   14.171  0.50 20.40 ? 315 HOH X O   1 
HETATM 915 O  O   . HOH F 6 .  ? -4.682  -10.095 8.135   0.50 19.61 ? 316 HOH X O   1 
HETATM 916 O  O   . HOH F 6 .  ? -7.104  8.742   5.513   0.50 18.26 ? 317 HOH X O   1 
HETATM 917 O  O   . HOH F 6 .  ? -7.956  6.640   -0.502  1.00 30.36 ? 318 HOH X O   1 
HETATM 918 O  O   . HOH F 6 .  ? -9.159  -5.211  -12.153 1.00 39.04 ? 319 HOH X O   1 
# 
_atom_site_anisotrop.id                   783 
_atom_site_anisotrop.type_symbol          CU 
_atom_site_anisotrop.pdbx_label_atom_id   CU 
_atom_site_anisotrop.pdbx_label_alt_id    . 
_atom_site_anisotrop.pdbx_label_comp_id   CU1 
_atom_site_anisotrop.pdbx_label_asym_id   B 
_atom_site_anisotrop.pdbx_label_seq_id    . 
_atom_site_anisotrop.pdbx_PDB_ins_code    ? 
_atom_site_anisotrop.U[1][1]              0.1432 
_atom_site_anisotrop.U[2][2]              0.2970 
_atom_site_anisotrop.U[3][3]              0.1926 
_atom_site_anisotrop.U[1][2]              0.0490 
_atom_site_anisotrop.U[1][3]              0.0542 
_atom_site_anisotrop.U[2][3]              0.0865 
_atom_site_anisotrop.pdbx_auth_seq_id     100 
_atom_site_anisotrop.pdbx_auth_comp_id    CU1 
_atom_site_anisotrop.pdbx_auth_asym_id    X 
_atom_site_anisotrop.pdbx_auth_atom_id    CU 
# 
loop_
_pdbx_poly_seq_scheme.asym_id 
_pdbx_poly_seq_scheme.entity_id 
_pdbx_poly_seq_scheme.seq_id 
_pdbx_poly_seq_scheme.mon_id 
_pdbx_poly_seq_scheme.ndb_seq_num 
_pdbx_poly_seq_scheme.pdb_seq_num 
_pdbx_poly_seq_scheme.auth_seq_num 
_pdbx_poly_seq_scheme.pdb_mon_id 
_pdbx_poly_seq_scheme.auth_mon_id 
_pdbx_poly_seq_scheme.pdb_strand_id 
_pdbx_poly_seq_scheme.pdb_ins_code 
_pdbx_poly_seq_scheme.hetero 
A 1 1  VAL 1  1  1  VAL VAL X . n 
A 1 2  ASP 2  2  2  ASP ASP X . n 
A 1 3  VAL 3  3  3  VAL VAL X . n 
A 1 4  LEU 4  4  4  LEU LEU X . n 
A 1 5  LEU 5  5  5  LEU LEU X . n 
A 1 6  GLY 6  6  6  GLY GLY X . n 
A 1 7  ALA 7  7  7  ALA ALA X . n 
A 1 8  ASP 8  8  8  ASP ASP X . n 
A 1 9  ASP 9  9  9  ASP ASP X . n 
A 1 10 GLY 10 10 10 GLY GLY X . n 
A 1 11 SER 11 11 11 SER SER X . n 
A 1 12 LEU 12 12 12 LEU LEU X . n 
A 1 13 ALA 13 13 13 ALA ALA X . n 
A 1 14 PHE 14 14 14 PHE PHE X . n 
A 1 15 VAL 15 15 15 VAL VAL X . n 
A 1 16 PRO 16 16 16 PRO PRO X . n 
A 1 17 SER 17 17 17 SER SER X . n 
A 1 18 GLU 18 18 18 GLU GLU X . n 
A 1 19 PHE 19 19 19 PHE PHE X . n 
A 1 20 SER 20 20 20 SER SER X . n 
A 1 21 VAL 21 21 21 VAL VAL X . n 
A 1 22 PRO 22 22 22 PRO PRO X . n 
A 1 23 ALA 23 23 23 ALA ALA X . n 
A 1 24 GLY 24 24 24 GLY GLY X . n 
A 1 25 GLU 25 25 25 GLU GLU X . n 
A 1 26 LYS 26 26 26 LYS LYS X . n 
A 1 27 ILE 27 27 27 ILE ILE X . n 
A 1 28 VAL 28 28 28 VAL VAL X . n 
A 1 29 PHE 29 29 29 PHE PHE X . n 
A 1 30 LYS 30 30 30 LYS LYS X . n 
A 1 31 ASN 31 31 31 ASN ASN X . n 
A 1 32 ASN 32 32 32 ASN ASN X . n 
A 1 33 ALA 33 33 33 ALA ALA X . n 
A 1 34 GLY 34 34 34 GLY GLY X . n 
A 1 35 PHE 35 35 35 PHE PHE X . n 
A 1 36 PRO 36 36 36 PRO PRO X . n 
A 1 37 HIS 37 37 37 HIS HIS X . n 
A 1 38 ASN 38 38 38 ASN ASN X . n 
A 1 39 VAL 39 39 39 VAL VAL X . n 
A 1 40 LEU 40 40 40 LEU LEU X . n 
A 1 41 PHE 41 41 41 PHE PHE X . n 
A 1 42 ASP 42 42 42 ASP ASP X . n 
A 1 43 GLU 43 43 43 GLU GLU X . n 
A 1 44 ASP 44 44 44 ASP ASP X . n 
A 1 45 ALA 45 45 45 ALA ALA X . n 
A 1 46 VAL 46 46 46 VAL VAL X . n 
A 1 47 PRO 47 47 47 PRO PRO X . n 
A 1 48 SER 48 48 48 SER SER X . n 
A 1 49 GLY 49 49 49 GLY GLY X . n 
A 1 50 VAL 50 50 50 VAL VAL X . n 
A 1 51 ASP 51 51 51 ASP ASP X . n 
A 1 52 VAL 52 52 52 VAL VAL X . n 
A 1 53 SER 53 53 53 SER SER X . n 
A 1 54 LYS 54 54 54 LYS LYS X . n 
A 1 55 ILE 55 55 55 ILE ILE X . n 
A 1 56 SER 56 56 56 SER SER X . n 
A 1 57 MET 57 57 57 MET MET X . n 
A 1 58 SER 58 58 58 SER SER X . n 
A 1 59 GLU 59 59 59 GLU GLU X . n 
A 1 60 GLU 60 60 60 GLU GLU X . n 
A 1 61 ASP 61 61 61 ASP ASP X . n 
A 1 62 LEU 62 62 62 LEU LEU X . n 
A 1 63 LEU 63 63 63 LEU LEU X . n 
A 1 64 ASN 64 64 64 ASN ASN X . n 
A 1 65 ALA 65 65 65 ALA ALA X . n 
A 1 66 LYS 66 66 66 LYS LYS X . n 
A 1 67 GLY 67 67 67 GLY GLY X . n 
A 1 68 GLU 68 68 68 GLU GLU X . n 
A 1 69 THR 69 69 69 THR THR X . n 
A 1 70 PHE 70 70 70 PHE PHE X . n 
A 1 71 GLU 71 71 71 GLU GLU X . n 
A 1 72 VAL 72 72 72 VAL VAL X . n 
A 1 73 ALA 73 73 73 ALA ALA X . n 
A 1 74 LEU 74 74 74 LEU LEU X . n 
A 1 75 SER 75 75 75 SER SER X . n 
A 1 76 ASP 76 76 76 ASP ASP X . n 
A 1 77 LYS 77 77 77 LYS LYS X . n 
A 1 78 GLY 78 78 78 GLY GLY X . n 
A 1 79 GLU 79 79 79 GLU GLU X . n 
A 1 80 TYR 80 80 80 TYR TYR X . n 
A 1 81 THR 81 81 81 THR THR X . n 
A 1 82 PHE 82 82 82 PHE PHE X . n 
A 1 83 TYR 83 83 83 TYR TYR X . n 
A 1 84 CYS 84 84 84 CYS CYS X . n 
A 1 85 SER 85 85 85 SER SER X . n 
A 1 86 PRO 86 86 86 PRO PRO X . n 
A 1 87 HIS 87 87 87 HIS HIS X . n 
A 1 88 GLN 88 88 88 GLN GLN X . n 
A 1 89 GLY 89 89 89 GLY GLY X . n 
A 1 90 ALA 90 90 90 ALA ALA X . n 
A 1 91 GLY 91 91 91 GLY GLY X . n 
A 1 92 MET 92 92 92 MET MET X . n 
A 1 93 VAL 93 93 93 VAL VAL X . n 
A 1 94 GLY 94 94 94 GLY GLY X . n 
A 1 95 LYS 95 95 95 LYS LYS X . n 
A 1 96 VAL 96 96 96 VAL VAL X . n 
A 1 97 ILE 97 97 97 ILE ILE X . n 
A 1 98 VAL 98 98 98 VAL VAL X . n 
A 1 99 ASN 99 99 99 ASN ASN X . n 
# 
loop_
_pdbx_nonpoly_scheme.asym_id 
_pdbx_nonpoly_scheme.entity_id 
_pdbx_nonpoly_scheme.mon_id 
_pdbx_nonpoly_scheme.ndb_seq_num 
_pdbx_nonpoly_scheme.pdb_seq_num 
_pdbx_nonpoly_scheme.auth_seq_num 
_pdbx_nonpoly_scheme.pdb_mon_id 
_pdbx_nonpoly_scheme.auth_mon_id 
_pdbx_nonpoly_scheme.pdb_strand_id 
_pdbx_nonpoly_scheme.pdb_ins_code 
B 2 CU1 1   100 100 CU1 CU1 X . 
C 3 SO4 1   101 101 SO4 SO4 X . 
D 4 GOL 1   102 102 GOL GOL X . 
E 5 ACT 1   103 103 ACT ACT X . 
F 6 HOH 1   201 200 HOH HOH X . 
F 6 HOH 2   202 201 HOH HOH X . 
F 6 HOH 3   203 203 HOH HOH X . 
F 6 HOH 4   204 204 HOH HOH X . 
F 6 HOH 5   205 206 HOH HOH X . 
F 6 HOH 6   206 207 HOH HOH X . 
F 6 HOH 7   207 208 HOH HOH X . 
F 6 HOH 8   208 210 HOH HOH X . 
F 6 HOH 9   209 212 HOH HOH X . 
F 6 HOH 10  210 214 HOH HOH X . 
F 6 HOH 11  211 215 HOH HOH X . 
F 6 HOH 12  212 216 HOH HOH X . 
F 6 HOH 13  213 218 HOH HOH X . 
F 6 HOH 14  214 219 HOH HOH X . 
F 6 HOH 15  215 220 HOH HOH X . 
F 6 HOH 16  216 222 HOH HOH X . 
F 6 HOH 17  217 223 HOH HOH X . 
F 6 HOH 18  218 225 HOH HOH X . 
F 6 HOH 19  219 226 HOH HOH X . 
F 6 HOH 20  220 229 HOH HOH X . 
F 6 HOH 21  221 230 HOH HOH X . 
F 6 HOH 22  222 231 HOH HOH X . 
F 6 HOH 23  223 232 HOH HOH X . 
F 6 HOH 24  224 233 HOH HOH X . 
F 6 HOH 25  225 234 HOH HOH X . 
F 6 HOH 26  226 235 HOH HOH X . 
F 6 HOH 27  227 236 HOH HOH X . 
F 6 HOH 28  228 238 HOH HOH X . 
F 6 HOH 29  229 239 HOH HOH X . 
F 6 HOH 30  230 240 HOH HOH X . 
F 6 HOH 31  231 241 HOH HOH X . 
F 6 HOH 32  232 242 HOH HOH X . 
F 6 HOH 33  233 243 HOH HOH X . 
F 6 HOH 34  234 244 HOH HOH X . 
F 6 HOH 35  235 245 HOH HOH X . 
F 6 HOH 36  236 246 HOH HOH X . 
F 6 HOH 37  237 247 HOH HOH X . 
F 6 HOH 38  238 248 HOH HOH X . 
F 6 HOH 39  239 249 HOH HOH X . 
F 6 HOH 40  240 250 HOH HOH X . 
F 6 HOH 41  241 251 HOH HOH X . 
F 6 HOH 42  242 252 HOH HOH X . 
F 6 HOH 43  243 253 HOH HOH X . 
F 6 HOH 44  244 254 HOH HOH X . 
F 6 HOH 45  245 256 HOH HOH X . 
F 6 HOH 46  246 257 HOH HOH X . 
F 6 HOH 47  247 259 HOH HOH X . 
F 6 HOH 48  248 260 HOH HOH X . 
F 6 HOH 49  249 261 HOH HOH X . 
F 6 HOH 50  250 263 HOH HOH X . 
F 6 HOH 51  251 266 HOH HOH X . 
F 6 HOH 52  252 267 HOH HOH X . 
F 6 HOH 53  253 268 HOH HOH X . 
F 6 HOH 54  254 270 HOH HOH X . 
F 6 HOH 55  255 271 HOH HOH X . 
F 6 HOH 56  256 273 HOH HOH X . 
F 6 HOH 57  257 275 HOH HOH X . 
F 6 HOH 58  258 276 HOH HOH X . 
F 6 HOH 59  259 278 HOH HOH X . 
F 6 HOH 60  260 279 HOH HOH X . 
F 6 HOH 61  261 280 HOH HOH X . 
F 6 HOH 62  262 281 HOH HOH X . 
F 6 HOH 63  263 283 HOH HOH X . 
F 6 HOH 64  264 284 HOH HOH X . 
F 6 HOH 65  265 285 HOH HOH X . 
F 6 HOH 66  266 286 HOH HOH X . 
F 6 HOH 67  267 287 HOH HOH X . 
F 6 HOH 68  268 289 HOH HOH X . 
F 6 HOH 69  269 292 HOH HOH X . 
F 6 HOH 70  270 294 HOH HOH X . 
F 6 HOH 71  271 296 HOH HOH X . 
F 6 HOH 72  272 297 HOH HOH X . 
F 6 HOH 73  273 299 HOH HOH X . 
F 6 HOH 74  274 300 HOH HOH X . 
F 6 HOH 75  275 301 HOH HOH X . 
F 6 HOH 76  276 302 HOH HOH X . 
F 6 HOH 77  277 303 HOH HOH X . 
F 6 HOH 78  278 304 HOH HOH X . 
F 6 HOH 79  279 305 HOH HOH X . 
F 6 HOH 80  280 306 HOH HOH X . 
F 6 HOH 81  281 307 HOH HOH X . 
F 6 HOH 82  282 308 HOH HOH X . 
F 6 HOH 83  283 309 HOH HOH X . 
F 6 HOH 84  284 310 HOH HOH X . 
F 6 HOH 85  285 312 HOH HOH X . 
F 6 HOH 86  286 313 HOH HOH X . 
F 6 HOH 87  287 316 HOH HOH X . 
F 6 HOH 88  288 318 HOH HOH X . 
F 6 HOH 89  289 322 HOH HOH X . 
F 6 HOH 90  290 325 HOH HOH X . 
F 6 HOH 91  291 328 HOH HOH X . 
F 6 HOH 92  292 330 HOH HOH X . 
F 6 HOH 93  293 344 HOH HOH X . 
F 6 HOH 94  294 347 HOH HOH X . 
F 6 HOH 95  295 348 HOH HOH X . 
F 6 HOH 96  296 349 HOH HOH X . 
F 6 HOH 97  297 354 HOH HOH X . 
F 6 HOH 98  298 356 HOH HOH X . 
F 6 HOH 99  299 357 HOH HOH X . 
F 6 HOH 100 300 358 HOH HOH X . 
F 6 HOH 101 301 360 HOH HOH X . 
F 6 HOH 102 302 361 HOH HOH X . 
F 6 HOH 103 303 362 HOH HOH X . 
F 6 HOH 104 304 363 HOH HOH X . 
F 6 HOH 105 305 364 HOH HOH X . 
F 6 HOH 106 306 365 HOH HOH X . 
F 6 HOH 107 307 366 HOH HOH X . 
F 6 HOH 108 308 367 HOH HOH X . 
F 6 HOH 109 309 368 HOH HOH X . 
F 6 HOH 110 310 369 HOH HOH X . 
F 6 HOH 111 311 372 HOH HOH X . 
F 6 HOH 112 312 373 HOH HOH X . 
F 6 HOH 113 313 378 HOH HOH X . 
F 6 HOH 114 314 379 HOH HOH X . 
F 6 HOH 115 315 380 HOH HOH X . 
F 6 HOH 116 316 381 HOH HOH X . 
F 6 HOH 117 317 382 HOH HOH X . 
F 6 HOH 118 318 383 HOH HOH X . 
F 6 HOH 119 319 384 HOH HOH X . 
# 
_pdbx_struct_assembly.id                   1 
_pdbx_struct_assembly.details              author_and_software_defined_assembly 
_pdbx_struct_assembly.method_details       PISA 
_pdbx_struct_assembly.oligomeric_details   monomeric 
_pdbx_struct_assembly.oligomeric_count     1 
# 
_pdbx_struct_assembly_gen.assembly_id       1 
_pdbx_struct_assembly_gen.oper_expression   1 
_pdbx_struct_assembly_gen.asym_id_list      A,B,C,D,E,F 
# 
_pdbx_struct_oper_list.id                   1 
_pdbx_struct_oper_list.type                 'identity operation' 
_pdbx_struct_oper_list.name                 1_555 
_pdbx_struct_oper_list.symmetry_operation   x,y,z 
_pdbx_struct_oper_list.matrix[1][1]         1.0000000000 
_pdbx_struct_oper_list.matrix[1][2]         0.0000000000 
_pdbx_struct_oper_list.matrix[1][3]         0.0000000000 
_pdbx_struct_oper_list.vector[1]            0.0000000000 
_pdbx_struct_oper_list.matrix[2][1]         0.0000000000 
_pdbx_struct_oper_list.matrix[2][2]         1.0000000000 
_pdbx_struct_oper_list.matrix[2][3]         0.0000000000 
_pdbx_struct_oper_list.vector[2]            0.0000000000 
_pdbx_struct_oper_list.matrix[3][1]         0.0000000000 
_pdbx_struct_oper_list.matrix[3][2]         0.0000000000 
_pdbx_struct_oper_list.matrix[3][3]         1.0000000000 
_pdbx_struct_oper_list.vector[3]            0.0000000000 
# 
loop_
_pdbx_struct_conn_angle.id 
_pdbx_struct_conn_angle.ptnr1_label_atom_id 
_pdbx_struct_conn_angle.ptnr1_label_alt_id 
_pdbx_struct_conn_angle.ptnr1_label_asym_id 
_pdbx_struct_conn_angle.ptnr1_label_comp_id 
_pdbx_struct_conn_angle.ptnr1_label_seq_id 
_pdbx_struct_conn_angle.ptnr1_auth_atom_id 
_pdbx_struct_conn_angle.ptnr1_auth_asym_id 
_pdbx_struct_conn_angle.ptnr1_auth_comp_id 
_pdbx_struct_conn_angle.ptnr1_auth_seq_id 
_pdbx_struct_conn_angle.ptnr1_PDB_ins_code 
_pdbx_struct_conn_angle.ptnr1_symmetry 
_pdbx_struct_conn_angle.ptnr2_label_atom_id 
_pdbx_struct_conn_angle.ptnr2_label_alt_id 
_pdbx_struct_conn_angle.ptnr2_label_asym_id 
_pdbx_struct_conn_angle.ptnr2_label_comp_id 
_pdbx_struct_conn_angle.ptnr2_label_seq_id 
_pdbx_struct_conn_angle.ptnr2_auth_atom_id 
_pdbx_struct_conn_angle.ptnr2_auth_asym_id 
_pdbx_struct_conn_angle.ptnr2_auth_comp_id 
_pdbx_struct_conn_angle.ptnr2_auth_seq_id 
_pdbx_struct_conn_angle.ptnr2_PDB_ins_code 
_pdbx_struct_conn_angle.ptnr2_symmetry 
_pdbx_struct_conn_angle.ptnr3_label_atom_id 
_pdbx_struct_conn_angle.ptnr3_label_alt_id 
_pdbx_struct_conn_angle.ptnr3_label_asym_id 
_pdbx_struct_conn_angle.ptnr3_label_comp_id 
_pdbx_struct_conn_angle.ptnr3_label_seq_id 
_pdbx_struct_conn_angle.ptnr3_auth_atom_id 
_pdbx_struct_conn_angle.ptnr3_auth_asym_id 
_pdbx_struct_conn_angle.ptnr3_auth_comp_id 
_pdbx_struct_conn_angle.ptnr3_auth_seq_id 
_pdbx_struct_conn_angle.ptnr3_PDB_ins_code 
_pdbx_struct_conn_angle.ptnr3_symmetry 
_pdbx_struct_conn_angle.value 
_pdbx_struct_conn_angle.value_esd 
1 ND1 ? A HIS 37 ? X HIS 37 ? 1_555 CU ? B CU1 . ? X CU1 100 ? 1_555 SG  ? A CYS 84 ? X CYS 84 ? 1_555 136.2 ? 
2 ND1 ? A HIS 37 ? X HIS 37 ? 1_555 CU ? B CU1 . ? X CU1 100 ? 1_555 ND1 ? A HIS 87 ? X HIS 87 ? 1_555 98.7  ? 
3 SG  ? A CYS 84 ? X CYS 84 ? 1_555 CU ? B CU1 . ? X CU1 100 ? 1_555 ND1 ? A HIS 87 ? X HIS 87 ? 1_555 107.1 ? 
4 ND1 ? A HIS 37 ? X HIS 37 ? 1_555 CU ? B CU1 . ? X CU1 100 ? 1_555 SD  ? A MET 92 ? X MET 92 ? 1_555 90.9  ? 
5 SG  ? A CYS 84 ? X CYS 84 ? 1_555 CU ? B CU1 . ? X CU1 100 ? 1_555 SD  ? A MET 92 ? X MET 92 ? 1_555 115.1 ? 
6 ND1 ? A HIS 87 ? X HIS 87 ? 1_555 CU ? B CU1 . ? X CU1 100 ? 1_555 SD  ? A MET 92 ? X MET 92 ? 1_555 104.6 ? 
# 
loop_
_pdbx_audit_revision_history.ordinal 
_pdbx_audit_revision_history.data_content_type 
_pdbx_audit_revision_history.major_revision 
_pdbx_audit_revision_history.minor_revision 
_pdbx_audit_revision_history.revision_date 
1 'Structure model' 1 0 2013-02-13 
2 'Structure model' 1 1 2017-11-15 
3 'Structure model' 1 2 2023-09-13 
# 
_pdbx_audit_revision_details.ordinal             1 
_pdbx_audit_revision_details.revision_ordinal    1 
_pdbx_audit_revision_details.data_content_type   'Structure model' 
_pdbx_audit_revision_details.provider            repository 
_pdbx_audit_revision_details.type                'Initial release' 
_pdbx_audit_revision_details.description         ? 
_pdbx_audit_revision_details.details             ? 
# 
loop_
_pdbx_audit_revision_group.ordinal 
_pdbx_audit_revision_group.revision_ordinal 
_pdbx_audit_revision_group.data_content_type 
_pdbx_audit_revision_group.group 
1 2 'Structure model' 'Refinement description' 
2 3 'Structure model' 'Data collection'        
3 3 'Structure model' 'Database references'    
4 3 'Structure model' 'Derived calculations'   
5 3 'Structure model' 'Refinement description' 
# 
loop_
_pdbx_audit_revision_category.ordinal 
_pdbx_audit_revision_category.revision_ordinal 
_pdbx_audit_revision_category.data_content_type 
_pdbx_audit_revision_category.category 
1 2 'Structure model' software                      
2 3 'Structure model' chem_comp_atom                
3 3 'Structure model' chem_comp_bond                
4 3 'Structure model' database_2                    
5 3 'Structure model' pdbx_initial_refinement_model 
6 3 'Structure model' struct_site                   
# 
loop_
_pdbx_audit_revision_item.ordinal 
_pdbx_audit_revision_item.revision_ordinal 
_pdbx_audit_revision_item.data_content_type 
_pdbx_audit_revision_item.item 
1 2 'Structure model' '_software.name'                      
2 3 'Structure model' '_database_2.pdbx_DOI'                
3 3 'Structure model' '_database_2.pdbx_database_accession' 
4 3 'Structure model' '_struct_site.pdbx_auth_asym_id'      
5 3 'Structure model' '_struct_site.pdbx_auth_comp_id'      
6 3 'Structure model' '_struct_site.pdbx_auth_seq_id'       
# 
loop_
_software.name 
_software.classification 
_software.version 
_software.citation_id 
_software.pdbx_ordinal 
MAR345    'data collection' .        ? 1 
MOLREP    phasing           .        ? 2 
REFMAC    refinement        5.6.0117 ? 3 
DENZO     'data reduction'  .        ? 4 
SCALEPACK 'data scaling'    .        ? 5 
# 
loop_
_pdbx_validate_symm_contact.id 
_pdbx_validate_symm_contact.PDB_model_num 
_pdbx_validate_symm_contact.auth_atom_id_1 
_pdbx_validate_symm_contact.auth_asym_id_1 
_pdbx_validate_symm_contact.auth_comp_id_1 
_pdbx_validate_symm_contact.auth_seq_id_1 
_pdbx_validate_symm_contact.PDB_ins_code_1 
_pdbx_validate_symm_contact.label_alt_id_1 
_pdbx_validate_symm_contact.site_symmetry_1 
_pdbx_validate_symm_contact.auth_atom_id_2 
_pdbx_validate_symm_contact.auth_asym_id_2 
_pdbx_validate_symm_contact.auth_comp_id_2 
_pdbx_validate_symm_contact.auth_seq_id_2 
_pdbx_validate_symm_contact.PDB_ins_code_2 
_pdbx_validate_symm_contact.label_alt_id_2 
_pdbx_validate_symm_contact.site_symmetry_2 
_pdbx_validate_symm_contact.dist 
1 1 OE1 X GLU 18  ? B 1_555 O X HOH 236 ? ? 4_447 2.10 
2 1 O   X HOH 294 ? ? 1_555 O X HOH 302 ? ? 4_547 2.13 
# 
_pdbx_validate_torsion.id              1 
_pdbx_validate_torsion.PDB_model_num   1 
_pdbx_validate_torsion.auth_comp_id    ALA 
_pdbx_validate_torsion.auth_asym_id    X 
_pdbx_validate_torsion.auth_seq_id     45 
_pdbx_validate_torsion.PDB_ins_code    ? 
_pdbx_validate_torsion.label_alt_id    ? 
_pdbx_validate_torsion.phi             -145.87 
_pdbx_validate_torsion.psi             55.37 
# 
loop_
_chem_comp_atom.comp_id 
_chem_comp_atom.atom_id 
_chem_comp_atom.type_symbol 
_chem_comp_atom.pdbx_aromatic_flag 
_chem_comp_atom.pdbx_stereo_config 
_chem_comp_atom.pdbx_ordinal 
ACT C    C  N N 1   
ACT O    O  N N 2   
ACT OXT  O  N N 3   
ACT CH3  C  N N 4   
ACT H1   H  N N 5   
ACT H2   H  N N 6   
ACT H3   H  N N 7   
ALA N    N  N N 8   
ALA CA   C  N S 9   
ALA C    C  N N 10  
ALA O    O  N N 11  
ALA CB   C  N N 12  
ALA OXT  O  N N 13  
ALA H    H  N N 14  
ALA H2   H  N N 15  
ALA HA   H  N N 16  
ALA HB1  H  N N 17  
ALA HB2  H  N N 18  
ALA HB3  H  N N 19  
ALA HXT  H  N N 20  
ASN N    N  N N 21  
ASN CA   C  N S 22  
ASN C    C  N N 23  
ASN O    O  N N 24  
ASN CB   C  N N 25  
ASN CG   C  N N 26  
ASN OD1  O  N N 27  
ASN ND2  N  N N 28  
ASN OXT  O  N N 29  
ASN H    H  N N 30  
ASN H2   H  N N 31  
ASN HA   H  N N 32  
ASN HB2  H  N N 33  
ASN HB3  H  N N 34  
ASN HD21 H  N N 35  
ASN HD22 H  N N 36  
ASN HXT  H  N N 37  
ASP N    N  N N 38  
ASP CA   C  N S 39  
ASP C    C  N N 40  
ASP O    O  N N 41  
ASP CB   C  N N 42  
ASP CG   C  N N 43  
ASP OD1  O  N N 44  
ASP OD2  O  N N 45  
ASP OXT  O  N N 46  
ASP H    H  N N 47  
ASP H2   H  N N 48  
ASP HA   H  N N 49  
ASP HB2  H  N N 50  
ASP HB3  H  N N 51  
ASP HD2  H  N N 52  
ASP HXT  H  N N 53  
CU1 CU   CU N N 54  
CYS N    N  N N 55  
CYS CA   C  N R 56  
CYS C    C  N N 57  
CYS O    O  N N 58  
CYS CB   C  N N 59  
CYS SG   S  N N 60  
CYS OXT  O  N N 61  
CYS H    H  N N 62  
CYS H2   H  N N 63  
CYS HA   H  N N 64  
CYS HB2  H  N N 65  
CYS HB3  H  N N 66  
CYS HG   H  N N 67  
CYS HXT  H  N N 68  
GLN N    N  N N 69  
GLN CA   C  N S 70  
GLN C    C  N N 71  
GLN O    O  N N 72  
GLN CB   C  N N 73  
GLN CG   C  N N 74  
GLN CD   C  N N 75  
GLN OE1  O  N N 76  
GLN NE2  N  N N 77  
GLN OXT  O  N N 78  
GLN H    H  N N 79  
GLN H2   H  N N 80  
GLN HA   H  N N 81  
GLN HB2  H  N N 82  
GLN HB3  H  N N 83  
GLN HG2  H  N N 84  
GLN HG3  H  N N 85  
GLN HE21 H  N N 86  
GLN HE22 H  N N 87  
GLN HXT  H  N N 88  
GLU N    N  N N 89  
GLU CA   C  N S 90  
GLU C    C  N N 91  
GLU O    O  N N 92  
GLU CB   C  N N 93  
GLU CG   C  N N 94  
GLU CD   C  N N 95  
GLU OE1  O  N N 96  
GLU OE2  O  N N 97  
GLU OXT  O  N N 98  
GLU H    H  N N 99  
GLU H2   H  N N 100 
GLU HA   H  N N 101 
GLU HB2  H  N N 102 
GLU HB3  H  N N 103 
GLU HG2  H  N N 104 
GLU HG3  H  N N 105 
GLU HE2  H  N N 106 
GLU HXT  H  N N 107 
GLY N    N  N N 108 
GLY CA   C  N N 109 
GLY C    C  N N 110 
GLY O    O  N N 111 
GLY OXT  O  N N 112 
GLY H    H  N N 113 
GLY H2   H  N N 114 
GLY HA2  H  N N 115 
GLY HA3  H  N N 116 
GLY HXT  H  N N 117 
GOL C1   C  N N 118 
GOL O1   O  N N 119 
GOL C2   C  N N 120 
GOL O2   O  N N 121 
GOL C3   C  N N 122 
GOL O3   O  N N 123 
GOL H11  H  N N 124 
GOL H12  H  N N 125 
GOL HO1  H  N N 126 
GOL H2   H  N N 127 
GOL HO2  H  N N 128 
GOL H31  H  N N 129 
GOL H32  H  N N 130 
GOL HO3  H  N N 131 
HIS N    N  N N 132 
HIS CA   C  N S 133 
HIS C    C  N N 134 
HIS O    O  N N 135 
HIS CB   C  N N 136 
HIS CG   C  Y N 137 
HIS ND1  N  Y N 138 
HIS CD2  C  Y N 139 
HIS CE1  C  Y N 140 
HIS NE2  N  Y N 141 
HIS OXT  O  N N 142 
HIS H    H  N N 143 
HIS H2   H  N N 144 
HIS HA   H  N N 145 
HIS HB2  H  N N 146 
HIS HB3  H  N N 147 
HIS HD1  H  N N 148 
HIS HD2  H  N N 149 
HIS HE1  H  N N 150 
HIS HE2  H  N N 151 
HIS HXT  H  N N 152 
HOH O    O  N N 153 
HOH H1   H  N N 154 
HOH H2   H  N N 155 
ILE N    N  N N 156 
ILE CA   C  N S 157 
ILE C    C  N N 158 
ILE O    O  N N 159 
ILE CB   C  N S 160 
ILE CG1  C  N N 161 
ILE CG2  C  N N 162 
ILE CD1  C  N N 163 
ILE OXT  O  N N 164 
ILE H    H  N N 165 
ILE H2   H  N N 166 
ILE HA   H  N N 167 
ILE HB   H  N N 168 
ILE HG12 H  N N 169 
ILE HG13 H  N N 170 
ILE HG21 H  N N 171 
ILE HG22 H  N N 172 
ILE HG23 H  N N 173 
ILE HD11 H  N N 174 
ILE HD12 H  N N 175 
ILE HD13 H  N N 176 
ILE HXT  H  N N 177 
LEU N    N  N N 178 
LEU CA   C  N S 179 
LEU C    C  N N 180 
LEU O    O  N N 181 
LEU CB   C  N N 182 
LEU CG   C  N N 183 
LEU CD1  C  N N 184 
LEU CD2  C  N N 185 
LEU OXT  O  N N 186 
LEU H    H  N N 187 
LEU H2   H  N N 188 
LEU HA   H  N N 189 
LEU HB2  H  N N 190 
LEU HB3  H  N N 191 
LEU HG   H  N N 192 
LEU HD11 H  N N 193 
LEU HD12 H  N N 194 
LEU HD13 H  N N 195 
LEU HD21 H  N N 196 
LEU HD22 H  N N 197 
LEU HD23 H  N N 198 
LEU HXT  H  N N 199 
LYS N    N  N N 200 
LYS CA   C  N S 201 
LYS C    C  N N 202 
LYS O    O  N N 203 
LYS CB   C  N N 204 
LYS CG   C  N N 205 
LYS CD   C  N N 206 
LYS CE   C  N N 207 
LYS NZ   N  N N 208 
LYS OXT  O  N N 209 
LYS H    H  N N 210 
LYS H2   H  N N 211 
LYS HA   H  N N 212 
LYS HB2  H  N N 213 
LYS HB3  H  N N 214 
LYS HG2  H  N N 215 
LYS HG3  H  N N 216 
LYS HD2  H  N N 217 
LYS HD3  H  N N 218 
LYS HE2  H  N N 219 
LYS HE3  H  N N 220 
LYS HZ1  H  N N 221 
LYS HZ2  H  N N 222 
LYS HZ3  H  N N 223 
LYS HXT  H  N N 224 
MET N    N  N N 225 
MET CA   C  N S 226 
MET C    C  N N 227 
MET O    O  N N 228 
MET CB   C  N N 229 
MET CG   C  N N 230 
MET SD   S  N N 231 
MET CE   C  N N 232 
MET OXT  O  N N 233 
MET H    H  N N 234 
MET H2   H  N N 235 
MET HA   H  N N 236 
MET HB2  H  N N 237 
MET HB3  H  N N 238 
MET HG2  H  N N 239 
MET HG3  H  N N 240 
MET HE1  H  N N 241 
MET HE2  H  N N 242 
MET HE3  H  N N 243 
MET HXT  H  N N 244 
PHE N    N  N N 245 
PHE CA   C  N S 246 
PHE C    C  N N 247 
PHE O    O  N N 248 
PHE CB   C  N N 249 
PHE CG   C  Y N 250 
PHE CD1  C  Y N 251 
PHE CD2  C  Y N 252 
PHE CE1  C  Y N 253 
PHE CE2  C  Y N 254 
PHE CZ   C  Y N 255 
PHE OXT  O  N N 256 
PHE H    H  N N 257 
PHE H2   H  N N 258 
PHE HA   H  N N 259 
PHE HB2  H  N N 260 
PHE HB3  H  N N 261 
PHE HD1  H  N N 262 
PHE HD2  H  N N 263 
PHE HE1  H  N N 264 
PHE HE2  H  N N 265 
PHE HZ   H  N N 266 
PHE HXT  H  N N 267 
PRO N    N  N N 268 
PRO CA   C  N S 269 
PRO C    C  N N 270 
PRO O    O  N N 271 
PRO CB   C  N N 272 
PRO CG   C  N N 273 
PRO CD   C  N N 274 
PRO OXT  O  N N 275 
PRO H    H  N N 276 
PRO HA   H  N N 277 
PRO HB2  H  N N 278 
PRO HB3  H  N N 279 
PRO HG2  H  N N 280 
PRO HG3  H  N N 281 
PRO HD2  H  N N 282 
PRO HD3  H  N N 283 
PRO HXT  H  N N 284 
SER N    N  N N 285 
SER CA   C  N S 286 
SER C    C  N N 287 
SER O    O  N N 288 
SER CB   C  N N 289 
SER OG   O  N N 290 
SER OXT  O  N N 291 
SER H    H  N N 292 
SER H2   H  N N 293 
SER HA   H  N N 294 
SER HB2  H  N N 295 
SER HB3  H  N N 296 
SER HG   H  N N 297 
SER HXT  H  N N 298 
SO4 S    S  N N 299 
SO4 O1   O  N N 300 
SO4 O2   O  N N 301 
SO4 O3   O  N N 302 
SO4 O4   O  N N 303 
THR N    N  N N 304 
THR CA   C  N S 305 
THR C    C  N N 306 
THR O    O  N N 307 
THR CB   C  N R 308 
THR OG1  O  N N 309 
THR CG2  C  N N 310 
THR OXT  O  N N 311 
THR H    H  N N 312 
THR H2   H  N N 313 
THR HA   H  N N 314 
THR HB   H  N N 315 
THR HG1  H  N N 316 
THR HG21 H  N N 317 
THR HG22 H  N N 318 
THR HG23 H  N N 319 
THR HXT  H  N N 320 
TYR N    N  N N 321 
TYR CA   C  N S 322 
TYR C    C  N N 323 
TYR O    O  N N 324 
TYR CB   C  N N 325 
TYR CG   C  Y N 326 
TYR CD1  C  Y N 327 
TYR CD2  C  Y N 328 
TYR CE1  C  Y N 329 
TYR CE2  C  Y N 330 
TYR CZ   C  Y N 331 
TYR OH   O  N N 332 
TYR OXT  O  N N 333 
TYR H    H  N N 334 
TYR H2   H  N N 335 
TYR HA   H  N N 336 
TYR HB2  H  N N 337 
TYR HB3  H  N N 338 
TYR HD1  H  N N 339 
TYR HD2  H  N N 340 
TYR HE1  H  N N 341 
TYR HE2  H  N N 342 
TYR HH   H  N N 343 
TYR HXT  H  N N 344 
VAL N    N  N N 345 
VAL CA   C  N S 346 
VAL C    C  N N 347 
VAL O    O  N N 348 
VAL CB   C  N N 349 
VAL CG1  C  N N 350 
VAL CG2  C  N N 351 
VAL OXT  O  N N 352 
VAL H    H  N N 353 
VAL H2   H  N N 354 
VAL HA   H  N N 355 
VAL HB   H  N N 356 
VAL HG11 H  N N 357 
VAL HG12 H  N N 358 
VAL HG13 H  N N 359 
VAL HG21 H  N N 360 
VAL HG22 H  N N 361 
VAL HG23 H  N N 362 
VAL HXT  H  N N 363 
# 
loop_
_chem_comp_bond.comp_id 
_chem_comp_bond.atom_id_1 
_chem_comp_bond.atom_id_2 
_chem_comp_bond.value_order 
_chem_comp_bond.pdbx_aromatic_flag 
_chem_comp_bond.pdbx_stereo_config 
_chem_comp_bond.pdbx_ordinal 
ACT C   O    doub N N 1   
ACT C   OXT  sing N N 2   
ACT C   CH3  sing N N 3   
ACT CH3 H1   sing N N 4   
ACT CH3 H2   sing N N 5   
ACT CH3 H3   sing N N 6   
ALA N   CA   sing N N 7   
ALA N   H    sing N N 8   
ALA N   H2   sing N N 9   
ALA CA  C    sing N N 10  
ALA CA  CB   sing N N 11  
ALA CA  HA   sing N N 12  
ALA C   O    doub N N 13  
ALA C   OXT  sing N N 14  
ALA CB  HB1  sing N N 15  
ALA CB  HB2  sing N N 16  
ALA CB  HB3  sing N N 17  
ALA OXT HXT  sing N N 18  
ASN N   CA   sing N N 19  
ASN N   H    sing N N 20  
ASN N   H2   sing N N 21  
ASN CA  C    sing N N 22  
ASN CA  CB   sing N N 23  
ASN CA  HA   sing N N 24  
ASN C   O    doub N N 25  
ASN C   OXT  sing N N 26  
ASN CB  CG   sing N N 27  
ASN CB  HB2  sing N N 28  
ASN CB  HB3  sing N N 29  
ASN CG  OD1  doub N N 30  
ASN CG  ND2  sing N N 31  
ASN ND2 HD21 sing N N 32  
ASN ND2 HD22 sing N N 33  
ASN OXT HXT  sing N N 34  
ASP N   CA   sing N N 35  
ASP N   H    sing N N 36  
ASP N   H2   sing N N 37  
ASP CA  C    sing N N 38  
ASP CA  CB   sing N N 39  
ASP CA  HA   sing N N 40  
ASP C   O    doub N N 41  
ASP C   OXT  sing N N 42  
ASP CB  CG   sing N N 43  
ASP CB  HB2  sing N N 44  
ASP CB  HB3  sing N N 45  
ASP CG  OD1  doub N N 46  
ASP CG  OD2  sing N N 47  
ASP OD2 HD2  sing N N 48  
ASP OXT HXT  sing N N 49  
CYS N   CA   sing N N 50  
CYS N   H    sing N N 51  
CYS N   H2   sing N N 52  
CYS CA  C    sing N N 53  
CYS CA  CB   sing N N 54  
CYS CA  HA   sing N N 55  
CYS C   O    doub N N 56  
CYS C   OXT  sing N N 57  
CYS CB  SG   sing N N 58  
CYS CB  HB2  sing N N 59  
CYS CB  HB3  sing N N 60  
CYS SG  HG   sing N N 61  
CYS OXT HXT  sing N N 62  
GLN N   CA   sing N N 63  
GLN N   H    sing N N 64  
GLN N   H2   sing N N 65  
GLN CA  C    sing N N 66  
GLN CA  CB   sing N N 67  
GLN CA  HA   sing N N 68  
GLN C   O    doub N N 69  
GLN C   OXT  sing N N 70  
GLN CB  CG   sing N N 71  
GLN CB  HB2  sing N N 72  
GLN CB  HB3  sing N N 73  
GLN CG  CD   sing N N 74  
GLN CG  HG2  sing N N 75  
GLN CG  HG3  sing N N 76  
GLN CD  OE1  doub N N 77  
GLN CD  NE2  sing N N 78  
GLN NE2 HE21 sing N N 79  
GLN NE2 HE22 sing N N 80  
GLN OXT HXT  sing N N 81  
GLU N   CA   sing N N 82  
GLU N   H    sing N N 83  
GLU N   H2   sing N N 84  
GLU CA  C    sing N N 85  
GLU CA  CB   sing N N 86  
GLU CA  HA   sing N N 87  
GLU C   O    doub N N 88  
GLU C   OXT  sing N N 89  
GLU CB  CG   sing N N 90  
GLU CB  HB2  sing N N 91  
GLU CB  HB3  sing N N 92  
GLU CG  CD   sing N N 93  
GLU CG  HG2  sing N N 94  
GLU CG  HG3  sing N N 95  
GLU CD  OE1  doub N N 96  
GLU CD  OE2  sing N N 97  
GLU OE2 HE2  sing N N 98  
GLU OXT HXT  sing N N 99  
GLY N   CA   sing N N 100 
GLY N   H    sing N N 101 
GLY N   H2   sing N N 102 
GLY CA  C    sing N N 103 
GLY CA  HA2  sing N N 104 
GLY CA  HA3  sing N N 105 
GLY C   O    doub N N 106 
GLY C   OXT  sing N N 107 
GLY OXT HXT  sing N N 108 
GOL C1  O1   sing N N 109 
GOL C1  C2   sing N N 110 
GOL C1  H11  sing N N 111 
GOL C1  H12  sing N N 112 
GOL O1  HO1  sing N N 113 
GOL C2  O2   sing N N 114 
GOL C2  C3   sing N N 115 
GOL C2  H2   sing N N 116 
GOL O2  HO2  sing N N 117 
GOL C3  O3   sing N N 118 
GOL C3  H31  sing N N 119 
GOL C3  H32  sing N N 120 
GOL O3  HO3  sing N N 121 
HIS N   CA   sing N N 122 
HIS N   H    sing N N 123 
HIS N   H2   sing N N 124 
HIS CA  C    sing N N 125 
HIS CA  CB   sing N N 126 
HIS CA  HA   sing N N 127 
HIS C   O    doub N N 128 
HIS C   OXT  sing N N 129 
HIS CB  CG   sing N N 130 
HIS CB  HB2  sing N N 131 
HIS CB  HB3  sing N N 132 
HIS CG  ND1  sing Y N 133 
HIS CG  CD2  doub Y N 134 
HIS ND1 CE1  doub Y N 135 
HIS ND1 HD1  sing N N 136 
HIS CD2 NE2  sing Y N 137 
HIS CD2 HD2  sing N N 138 
HIS CE1 NE2  sing Y N 139 
HIS CE1 HE1  sing N N 140 
HIS NE2 HE2  sing N N 141 
HIS OXT HXT  sing N N 142 
HOH O   H1   sing N N 143 
HOH O   H2   sing N N 144 
ILE N   CA   sing N N 145 
ILE N   H    sing N N 146 
ILE N   H2   sing N N 147 
ILE CA  C    sing N N 148 
ILE CA  CB   sing N N 149 
ILE CA  HA   sing N N 150 
ILE C   O    doub N N 151 
ILE C   OXT  sing N N 152 
ILE CB  CG1  sing N N 153 
ILE CB  CG2  sing N N 154 
ILE CB  HB   sing N N 155 
ILE CG1 CD1  sing N N 156 
ILE CG1 HG12 sing N N 157 
ILE CG1 HG13 sing N N 158 
ILE CG2 HG21 sing N N 159 
ILE CG2 HG22 sing N N 160 
ILE CG2 HG23 sing N N 161 
ILE CD1 HD11 sing N N 162 
ILE CD1 HD12 sing N N 163 
ILE CD1 HD13 sing N N 164 
ILE OXT HXT  sing N N 165 
LEU N   CA   sing N N 166 
LEU N   H    sing N N 167 
LEU N   H2   sing N N 168 
LEU CA  C    sing N N 169 
LEU CA  CB   sing N N 170 
LEU CA  HA   sing N N 171 
LEU C   O    doub N N 172 
LEU C   OXT  sing N N 173 
LEU CB  CG   sing N N 174 
LEU CB  HB2  sing N N 175 
LEU CB  HB3  sing N N 176 
LEU CG  CD1  sing N N 177 
LEU CG  CD2  sing N N 178 
LEU CG  HG   sing N N 179 
LEU CD1 HD11 sing N N 180 
LEU CD1 HD12 sing N N 181 
LEU CD1 HD13 sing N N 182 
LEU CD2 HD21 sing N N 183 
LEU CD2 HD22 sing N N 184 
LEU CD2 HD23 sing N N 185 
LEU OXT HXT  sing N N 186 
LYS N   CA   sing N N 187 
LYS N   H    sing N N 188 
LYS N   H2   sing N N 189 
LYS CA  C    sing N N 190 
LYS CA  CB   sing N N 191 
LYS CA  HA   sing N N 192 
LYS C   O    doub N N 193 
LYS C   OXT  sing N N 194 
LYS CB  CG   sing N N 195 
LYS CB  HB2  sing N N 196 
LYS CB  HB3  sing N N 197 
LYS CG  CD   sing N N 198 
LYS CG  HG2  sing N N 199 
LYS CG  HG3  sing N N 200 
LYS CD  CE   sing N N 201 
LYS CD  HD2  sing N N 202 
LYS CD  HD3  sing N N 203 
LYS CE  NZ   sing N N 204 
LYS CE  HE2  sing N N 205 
LYS CE  HE3  sing N N 206 
LYS NZ  HZ1  sing N N 207 
LYS NZ  HZ2  sing N N 208 
LYS NZ  HZ3  sing N N 209 
LYS OXT HXT  sing N N 210 
MET N   CA   sing N N 211 
MET N   H    sing N N 212 
MET N   H2   sing N N 213 
MET CA  C    sing N N 214 
MET CA  CB   sing N N 215 
MET CA  HA   sing N N 216 
MET C   O    doub N N 217 
MET C   OXT  sing N N 218 
MET CB  CG   sing N N 219 
MET CB  HB2  sing N N 220 
MET CB  HB3  sing N N 221 
MET CG  SD   sing N N 222 
MET CG  HG2  sing N N 223 
MET CG  HG3  sing N N 224 
MET SD  CE   sing N N 225 
MET CE  HE1  sing N N 226 
MET CE  HE2  sing N N 227 
MET CE  HE3  sing N N 228 
MET OXT HXT  sing N N 229 
PHE N   CA   sing N N 230 
PHE N   H    sing N N 231 
PHE N   H2   sing N N 232 
PHE CA  C    sing N N 233 
PHE CA  CB   sing N N 234 
PHE CA  HA   sing N N 235 
PHE C   O    doub N N 236 
PHE C   OXT  sing N N 237 
PHE CB  CG   sing N N 238 
PHE CB  HB2  sing N N 239 
PHE CB  HB3  sing N N 240 
PHE CG  CD1  doub Y N 241 
PHE CG  CD2  sing Y N 242 
PHE CD1 CE1  sing Y N 243 
PHE CD1 HD1  sing N N 244 
PHE CD2 CE2  doub Y N 245 
PHE CD2 HD2  sing N N 246 
PHE CE1 CZ   doub Y N 247 
PHE CE1 HE1  sing N N 248 
PHE CE2 CZ   sing Y N 249 
PHE CE2 HE2  sing N N 250 
PHE CZ  HZ   sing N N 251 
PHE OXT HXT  sing N N 252 
PRO N   CA   sing N N 253 
PRO N   CD   sing N N 254 
PRO N   H    sing N N 255 
PRO CA  C    sing N N 256 
PRO CA  CB   sing N N 257 
PRO CA  HA   sing N N 258 
PRO C   O    doub N N 259 
PRO C   OXT  sing N N 260 
PRO CB  CG   sing N N 261 
PRO CB  HB2  sing N N 262 
PRO CB  HB3  sing N N 263 
PRO CG  CD   sing N N 264 
PRO CG  HG2  sing N N 265 
PRO CG  HG3  sing N N 266 
PRO CD  HD2  sing N N 267 
PRO CD  HD3  sing N N 268 
PRO OXT HXT  sing N N 269 
SER N   CA   sing N N 270 
SER N   H    sing N N 271 
SER N   H2   sing N N 272 
SER CA  C    sing N N 273 
SER CA  CB   sing N N 274 
SER CA  HA   sing N N 275 
SER C   O    doub N N 276 
SER C   OXT  sing N N 277 
SER CB  OG   sing N N 278 
SER CB  HB2  sing N N 279 
SER CB  HB3  sing N N 280 
SER OG  HG   sing N N 281 
SER OXT HXT  sing N N 282 
SO4 S   O1   doub N N 283 
SO4 S   O2   doub N N 284 
SO4 S   O3   sing N N 285 
SO4 S   O4   sing N N 286 
THR N   CA   sing N N 287 
THR N   H    sing N N 288 
THR N   H2   sing N N 289 
THR CA  C    sing N N 290 
THR CA  CB   sing N N 291 
THR CA  HA   sing N N 292 
THR C   O    doub N N 293 
THR C   OXT  sing N N 294 
THR CB  OG1  sing N N 295 
THR CB  CG2  sing N N 296 
THR CB  HB   sing N N 297 
THR OG1 HG1  sing N N 298 
THR CG2 HG21 sing N N 299 
THR CG2 HG22 sing N N 300 
THR CG2 HG23 sing N N 301 
THR OXT HXT  sing N N 302 
TYR N   CA   sing N N 303 
TYR N   H    sing N N 304 
TYR N   H2   sing N N 305 
TYR CA  C    sing N N 306 
TYR CA  CB   sing N N 307 
TYR CA  HA   sing N N 308 
TYR C   O    doub N N 309 
TYR C   OXT  sing N N 310 
TYR CB  CG   sing N N 311 
TYR CB  HB2  sing N N 312 
TYR CB  HB3  sing N N 313 
TYR CG  CD1  doub Y N 314 
TYR CG  CD2  sing Y N 315 
TYR CD1 CE1  sing Y N 316 
TYR CD1 HD1  sing N N 317 
TYR CD2 CE2  doub Y N 318 
TYR CD2 HD2  sing N N 319 
TYR CE1 CZ   doub Y N 320 
TYR CE1 HE1  sing N N 321 
TYR CE2 CZ   sing Y N 322 
TYR CE2 HE2  sing N N 323 
TYR CZ  OH   sing N N 324 
TYR OH  HH   sing N N 325 
TYR OXT HXT  sing N N 326 
VAL N   CA   sing N N 327 
VAL N   H    sing N N 328 
VAL N   H2   sing N N 329 
VAL CA  C    sing N N 330 
VAL CA  CB   sing N N 331 
VAL CA  HA   sing N N 332 
VAL C   O    doub N N 333 
VAL C   OXT  sing N N 334 
VAL CB  CG1  sing N N 335 
VAL CB  CG2  sing N N 336 
VAL CB  HB   sing N N 337 
VAL CG1 HG11 sing N N 338 
VAL CG1 HG12 sing N N 339 
VAL CG1 HG13 sing N N 340 
VAL CG2 HG21 sing N N 341 
VAL CG2 HG22 sing N N 342 
VAL CG2 HG23 sing N N 343 
VAL OXT HXT  sing N N 344 
# 
loop_
_pdbx_entity_nonpoly.entity_id 
_pdbx_entity_nonpoly.name 
_pdbx_entity_nonpoly.comp_id 
2 'COPPER (I) ION' CU1 
3 'SULFATE ION'    SO4 
4 GLYCEROL         GOL 
5 'ACETATE ION'    ACT 
6 water            HOH 
# 
_pdbx_initial_refinement_model.id               1 
_pdbx_initial_refinement_model.entity_id_list   ? 
_pdbx_initial_refinement_model.type             'experimental model' 
_pdbx_initial_refinement_model.source_name      PDB 
_pdbx_initial_refinement_model.accession_code   1PLC 
_pdbx_initial_refinement_model.details          'PDB ENTRY 1PLC' 
# 
